data_8FHD
#
_entry.id   8FHD
#
loop_
_entity.id
_entity.type
_entity.pdbx_description
1 polymer 'Sodium channel protein type 8 subunit alpha'
2 polymer 'Sodium channel subunit beta-1'
3 branched alpha-D-mannopyranose-(1-2)-alpha-D-mannopyranose-(1-6)-[alpha-D-mannopyranose-(1-3)]alpha-D-mannopyranose-(1-6)-[alpha-D-mannopyranose-(1-2)-alpha-D-mannopyranose-(1-3)]beta-D-mannopyranose-(1-4)-2-acetamido-2-deoxy-beta-D-glucopyranose-(1-4)-2-acetamido-2-deoxy-beta-D-glucopyranose
4 branched 2-acetamido-2-deoxy-beta-D-glucopyranose-(1-4)-2-acetamido-2-deoxy-beta-D-glucopyranose
5 non-polymer 2-acetamido-2-deoxy-beta-D-glucopyranose
6 non-polymer 'CHOLESTEROL HEMISUCCINATE'
7 non-polymer CHOLESTEROL
8 non-polymer 1-O-OCTADECYL-SN-GLYCERO-3-PHOSPHOCHOLINE
9 non-polymer 1,2-DIOLEOYL-SN-GLYCERO-3-PHOSPHOCHOLINE
10 non-polymer O-[(R)-{[(2R)-2,3-bis(octadecanoyloxy)propyl]oxy}(hydroxy)phosphoryl]-L-serine
11 non-polymer (3beta,14beta,17beta,25R)-3-[4-methoxy-3-(methoxymethyl)butoxy]spirost-5-en
12 non-polymer '(5E,17R,20S)-23-amino-20-hydroxy-14,20-dioxo-15,19,21-trioxa-20lambda~5~-phosphatricos-5-en-17-yl hexadecanoate'
#
loop_
_entity_poly.entity_id
_entity_poly.type
_entity_poly.pdbx_seq_one_letter_code
_entity_poly.pdbx_strand_id
1 'polypeptide(L)'
;MAARLLAPPGPDSFKPFTPESLANIERRIAESKLKKPPKADGSHREDDEDSKPKPNSDLEAGKSLPFIYGDIPQGLVAVP
LEDFDPYYLTQKTFVVLNRGKTLFRFSATPALYILSPFNLIRRIAIKILIHSVFSMIIMCTILTNCVFMTFSNPPDWSKN
VEYTFTGIYTFESLVKIIARGFCIDGFTFLRDPWNWLDFSVIMMAYITEFVNLGNVSALRTFRVLRALKTISVIPGLKTI
VGALIQSVKKLSDVMILTVFCLSVFALIGLQLFMGNLRNKCVVWPINFNESYLENGTKGFDWEEYINNKTNFYTVPGMLE
PLLCGNSSDAGQCPEGYQCMKAGRNPNYGYTSFDTFSWAFLALFRLMTQDYWENLYQLTLRAAGKTYMIFFVLVIFVGSF
YLVNLILAVVAMAYEEQNQATLEEAEQKEAEFKAMLEQLKKQQEEAQAAAMATSAGTVSEDAIEEEGEEGGGSPRSSSEI
SKLSSKSAKERRNRRKKRKQKELSEGEEKGDPEKVFKSESEDGMRRKAFRLPDNRIGRKFSIMNQSLLSIPGSPFLSRHN
SKSSIFSFRGPGRFRDPGSENEFADDEHSTVEESEGRRDSLFIPIRARERRSSYSGYSGYSQGSRSSRIFPSLRRSVKRN
STVDCNGVVSLIGGPGSHIGGRLLPEATTEVEIKKKGPGSLLVSMDQLASYGRKDRINSIMSVVTNTLVEELEESQRKCP
PCWYKFANTFLIWECHPYWIKLKEIVNLIVMDPFVDLAITICIVLNTLFMAMEHHPMTPQFEHVLAVGNLVFTGIFTAEM
FLKLIAMDPYYYFQEGWNIFDGFIVSLSLMELSLADVEGLSVLRSFRLLRVFKLAKSWPTLNMLIKIIGNSVGALGNLTL
VLAIIVFIFAVVGMQLFGKSYKECVCKINQDCELPRWHMHDFFHSFLIVFRVLCGEWIETMWDCMEVAGQAMCLIVFMMV
MVIGNLVVLNLFLALLLSSFSADNLAATDDDGEMNNLQISVIRIKKGVAWTKLKVHAFMQAHFKQREADEVKPLDELYEK
KANCIANHTGADIHRNGDFQKNGNGTTSGIGSSVEKYIIDEDHMSFINNPNLTVRVPIAVGESDFENLNTEDVSSESDPE
GSKDKLDDTSSSEGSTIDIKPEVEEVPVEQPEEYLDPDACFTEGCVQRFKCCQVNIEEGLGKSWWILRKTCFLIVEHNWF
ETFIIFMILLSSGALAFEDIYIEQRKTIRTILEYADKVFTYIFILEMLLKWTAYGFVKFFTNAWCWLDFLIVAVSLVSLI
ANALGYSELGAIKSLRTLRALRPLRALSRFEGMRVVVNALVGAIPSIMNVLLVCLIFWLIFSIMGVNLFAGKYHYCFNET
SEIRFEIEDVNNKTECEKLMEGNNTEIRWKNVKINFDNVGAGYLALLQVATFKGWMDIMYAAVDSRKPDEQPKYEDNIYM
YIYFVIFIIFGSFFTLNLFIGVIIDNFNQQKKKFGGQDIFMTEEQKKYYNAMKKLGSKKPQKPIPRPLNKIQGIVFDFVT
QQAFDIVIMMLICLNMVTMMVETDTQSKQMENILYWINLVFVIFFTCECVLKMFALRHYYFTIGWNIFDFVVVILSIVGM
FLADIIEKYFVSPTLFRVIRLARIGRILRLIKGAKGIRTLLFALMMSLPALFNIGLLLFLVMFIFSIFGMSNFAYVKHEA
GIDDMFNFETFGNSMICLFQITTSAGWDGLLLPILNRPPDCSLDKEHPGSGFKGDCGNPSVGIFFFVSYIIISFLIVVNM
YIAIILENFSVATEESADPLSEDDFETFYEIWEKFDPDATQFIEYCKLADFADALEHPLRVPKPNTIELIAMDLPMVSGD
RIHCLDILFAFTKRVLGDSGELDILRQQMEERFVASNPSKVSYEPITTTLRRKQEEVSAVVLQRAYRGHLARRGFICKKT
TSNKLENGGTHREKKESTPSTASLPSYDSVTKPEKEKQQRAEEGRRERAKRQKEVRESKC
;
A
2 'polypeptide(L)'
;MGRLLALVVGAALVSSACGGCVEVDSETEAVYGMTFKILCISCKRRSETNAETFTEWTFRQKGTEEFVKILRYENEVLQL
EEDERFEGRVVWNGSRGTKDLQDLSIFITNVTYNHSGDYECHVYRLLFFENYEHNTSVVKKIHIEVVDKANRDMASIVSE
IMMYVLIVVLTIWLVAEMIYCYKKIAAATETAAQENASEYLAITSESKENCTGVQVAE
;
C
#
loop_
_chem_comp.id
_chem_comp.type
_chem_comp.name
_chem_comp.formula
9Z9 non-polymer (3beta,14beta,17beta,25R)-3-[4-methoxy-3-(methoxymethyl)butoxy]spirost-5-en 'C34 H56 O5'
BMA D-saccharide, beta linking beta-D-mannopyranose 'C6 H12 O6'
CLR non-polymer CHOLESTEROL 'C27 H46 O'
LPE non-polymer 1-O-OCTADECYL-SN-GLYCERO-3-PHOSPHOCHOLINE 'C26 H57 N O6 P 1'
MAN D-saccharide, alpha linking alpha-D-mannopyranose 'C6 H12 O6'
NAG D-saccharide, beta linking 2-acetamido-2-deoxy-beta-D-glucopyranose 'C8 H15 N O6'
P3X non-polymer '(5E,17R,20S)-23-amino-20-hydroxy-14,20-dioxo-15,19,21-trioxa-20lambda~5~-phosphatricos-5-en-17-yl hexadecanoate' 'C35 H68 N O8 P'
P5S non-polymer O-[(R)-{[(2R)-2,3-bis(octadecanoyloxy)propyl]oxy}(hydroxy)phosphoryl]-L-serine 'C42 H82 N O10 P'
PCW non-polymer 1,2-DIOLEOYL-SN-GLYCERO-3-PHOSPHOCHOLINE 'C44 H85 N O8 P 1'
Y01 non-polymer 'CHOLESTEROL HEMISUCCINATE' 'C31 H50 O4'
#
# COMPACT_ATOMS: atom_id res chain seq x y z
N PRO A 11 33.82 46.01 -22.56
CA PRO A 11 33.36 44.91 -23.43
C PRO A 11 34.13 44.83 -24.75
N ASP A 12 33.82 43.82 -25.56
CA ASP A 12 34.43 43.64 -26.87
C ASP A 12 35.95 43.54 -26.76
N SER A 13 36.41 42.64 -25.90
CA SER A 13 37.83 42.42 -25.68
C SER A 13 38.22 41.09 -26.32
N PHE A 14 38.99 41.16 -27.41
CA PHE A 14 39.48 39.97 -28.09
C PHE A 14 40.95 40.15 -28.40
N LYS A 15 41.74 39.11 -28.14
CA LYS A 15 43.19 39.16 -28.34
C LYS A 15 43.78 37.75 -28.32
N PRO A 16 44.63 37.39 -29.31
CA PRO A 16 45.31 36.11 -29.28
C PRO A 16 46.23 36.04 -28.05
N PHE A 17 46.42 34.85 -27.49
CA PHE A 17 47.25 34.67 -26.30
C PHE A 17 48.72 34.69 -26.65
N THR A 18 49.19 35.79 -27.23
CA THR A 18 50.57 35.90 -27.67
C THR A 18 51.52 35.85 -26.47
N PRO A 19 52.78 35.48 -26.69
CA PRO A 19 53.69 35.30 -25.55
C PRO A 19 53.87 36.53 -24.69
N GLU A 20 53.70 37.73 -25.24
CA GLU A 20 53.74 38.93 -24.40
C GLU A 20 52.56 38.97 -23.43
N SER A 21 51.42 38.37 -23.80
CA SER A 21 50.32 38.29 -22.85
C SER A 21 50.72 37.47 -21.63
N LEU A 22 51.37 36.32 -21.85
CA LEU A 22 51.87 35.52 -20.74
C LEU A 22 52.95 36.27 -19.98
N ALA A 23 53.77 37.04 -20.68
CA ALA A 23 54.82 37.83 -20.02
C ALA A 23 54.23 38.84 -19.05
N ASN A 24 53.22 39.59 -19.50
CA ASN A 24 52.56 40.54 -18.61
C ASN A 24 51.79 39.85 -17.49
N ILE A 25 51.19 38.69 -17.77
CA ILE A 25 50.49 37.97 -16.71
C ILE A 25 51.46 37.55 -15.61
N GLU A 26 52.61 36.98 -16.01
CA GLU A 26 53.60 36.56 -15.03
C GLU A 26 54.22 37.76 -14.33
N ARG A 27 54.40 38.88 -15.03
CA ARG A 27 54.90 40.08 -14.38
C ARG A 27 53.92 40.59 -13.33
N ARG A 28 52.62 40.57 -13.65
CA ARG A 28 51.62 41.02 -12.70
C ARG A 28 51.58 40.11 -11.48
N ILE A 29 51.64 38.80 -11.67
CA ILE A 29 51.62 37.90 -10.52
C ILE A 29 52.89 38.05 -9.69
N ALA A 30 54.03 38.29 -10.35
CA ALA A 30 55.28 38.51 -9.63
C ALA A 30 55.22 39.80 -8.81
N GLU A 31 54.66 40.87 -9.39
CA GLU A 31 54.50 42.11 -8.65
C GLU A 31 53.57 41.93 -7.45
N SER A 32 52.48 41.18 -7.65
CA SER A 32 51.54 40.94 -6.55
C SER A 32 52.20 40.14 -5.43
N LYS A 33 52.99 39.12 -5.78
CA LYS A 33 53.60 38.27 -4.77
C LYS A 33 54.77 38.96 -4.06
N LEU A 34 55.54 39.79 -4.78
CA LEU A 34 56.70 40.44 -4.18
C LEU A 34 56.28 41.41 -3.09
N LYS A 35 55.22 42.18 -3.32
CA LYS A 35 54.75 43.16 -2.34
C LYS A 35 53.98 42.48 -1.21
N PRO A 53 37.32 39.21 -4.79
CA PRO A 53 38.18 38.15 -5.33
C PRO A 53 37.37 36.93 -5.78
N LYS A 54 36.09 37.13 -6.07
CA LYS A 54 35.21 36.06 -6.51
C LYS A 54 34.92 36.22 -8.00
N PRO A 55 35.19 35.22 -8.82
CA PRO A 55 34.88 35.35 -10.26
C PRO A 55 33.38 35.51 -10.47
N ASN A 56 33.04 36.26 -11.52
CA ASN A 56 31.64 36.53 -11.82
C ASN A 56 30.91 35.23 -12.16
N SER A 57 29.84 34.94 -11.42
CA SER A 57 29.09 33.71 -11.65
C SER A 57 28.44 33.70 -13.02
N ASP A 58 28.06 34.88 -13.54
CA ASP A 58 27.47 34.95 -14.87
C ASP A 58 28.47 34.49 -15.93
N LEU A 59 29.74 34.89 -15.80
CA LEU A 59 30.75 34.49 -16.76
C LEU A 59 31.25 33.07 -16.46
N GLU A 60 31.89 32.90 -15.30
CA GLU A 60 32.44 31.63 -14.83
C GLU A 60 33.06 30.82 -15.97
N ALA A 61 32.53 29.63 -16.23
CA ALA A 61 33.01 28.79 -17.31
C ALA A 61 31.91 27.83 -17.74
N GLY A 62 31.98 27.40 -18.99
CA GLY A 62 31.06 26.39 -19.50
C GLY A 62 29.63 26.85 -19.68
N LYS A 63 29.40 28.17 -19.77
CA LYS A 63 28.06 28.69 -19.99
C LYS A 63 28.12 29.74 -21.09
N SER A 64 26.94 30.21 -21.49
CA SER A 64 26.83 31.19 -22.55
C SER A 64 27.32 32.56 -22.08
N LEU A 65 27.87 33.33 -23.01
CA LEU A 65 28.42 34.64 -22.75
C LEU A 65 27.30 35.68 -22.66
N PRO A 66 27.42 36.65 -21.76
CA PRO A 66 26.41 37.71 -21.70
C PRO A 66 26.38 38.55 -22.96
N PHE A 67 25.20 39.07 -23.28
CA PHE A 67 24.98 39.78 -24.53
C PHE A 67 25.81 41.06 -24.65
N ILE A 68 26.21 41.66 -23.53
CA ILE A 68 26.88 42.96 -23.61
C ILE A 68 28.24 42.89 -24.28
N TYR A 69 28.86 41.70 -24.36
CA TYR A 69 30.17 41.58 -24.97
C TYR A 69 30.11 41.46 -26.49
N GLY A 70 28.93 41.34 -27.07
CA GLY A 70 28.79 41.30 -28.51
C GLY A 70 28.94 39.91 -29.11
N ASP A 71 29.54 39.84 -30.30
CA ASP A 71 29.73 38.58 -31.00
C ASP A 71 31.19 38.46 -31.39
N ILE A 72 31.59 37.24 -31.75
CA ILE A 72 32.99 36.98 -32.10
C ILE A 72 33.32 37.66 -33.43
N PRO A 73 34.46 38.35 -33.53
CA PRO A 73 34.79 39.02 -34.79
C PRO A 73 35.32 38.04 -35.82
N GLN A 74 34.77 38.10 -37.03
CA GLN A 74 35.19 37.27 -38.15
C GLN A 74 35.26 35.80 -37.76
N GLY A 75 36.45 35.22 -37.86
CA GLY A 75 36.65 33.83 -37.49
C GLY A 75 37.55 33.69 -36.27
N LEU A 76 37.40 34.59 -35.31
CA LEU A 76 38.19 34.55 -34.08
C LEU A 76 37.71 33.48 -33.11
N VAL A 77 36.82 32.58 -33.53
CA VAL A 77 36.42 31.48 -32.68
C VAL A 77 37.57 30.48 -32.56
N ALA A 78 37.62 29.80 -31.41
CA ALA A 78 38.66 28.84 -31.07
C ALA A 78 40.06 29.46 -31.03
N VAL A 79 40.15 30.79 -31.09
CA VAL A 79 41.39 31.53 -30.98
C VAL A 79 41.77 31.57 -29.50
N PRO A 80 43.06 31.60 -29.15
CA PRO A 80 43.43 31.71 -27.74
C PRO A 80 43.14 33.08 -27.15
N LEU A 81 41.89 33.31 -26.73
CA LEU A 81 41.55 34.51 -26.00
C LEU A 81 42.08 34.44 -24.57
N GLU A 82 42.07 35.59 -23.91
CA GLU A 82 42.46 35.69 -22.50
C GLU A 82 41.21 35.72 -21.63
N ASP A 83 41.42 35.73 -20.31
CA ASP A 83 40.31 35.73 -19.37
C ASP A 83 39.57 37.05 -19.43
N PHE A 84 38.24 36.97 -19.28
CA PHE A 84 37.36 38.13 -19.45
C PHE A 84 36.78 38.62 -18.13
N ASP A 85 37.33 38.17 -17.00
CA ASP A 85 36.83 38.53 -15.69
C ASP A 85 38.00 38.93 -14.79
N PRO A 86 37.72 39.71 -13.73
CA PRO A 86 38.78 40.00 -12.75
C PRO A 86 39.14 38.76 -11.93
N TYR A 87 40.07 38.90 -11.00
CA TYR A 87 40.57 37.84 -10.12
C TYR A 87 41.40 36.81 -10.90
N TYR A 88 41.47 36.93 -12.23
CA TYR A 88 42.26 36.00 -13.04
C TYR A 88 43.29 36.72 -13.90
N LEU A 89 43.52 38.02 -13.68
CA LEU A 89 44.45 38.76 -14.53
C LEU A 89 45.89 38.36 -14.25
N THR A 90 46.21 37.95 -13.03
CA THR A 90 47.56 37.54 -12.67
C THR A 90 47.75 36.03 -12.70
N GLN A 91 46.71 35.26 -12.39
CA GLN A 91 46.82 33.81 -12.38
C GLN A 91 46.92 33.27 -13.80
N LYS A 92 47.38 32.02 -13.91
CA LYS A 92 47.53 31.37 -15.20
C LYS A 92 46.17 30.91 -15.71
N THR A 93 45.75 31.45 -16.84
CA THR A 93 44.46 31.11 -17.44
C THR A 93 44.55 31.38 -18.93
N PHE A 94 43.60 30.79 -19.67
CA PHE A 94 43.61 30.88 -21.13
C PHE A 94 42.24 30.47 -21.64
N VAL A 95 41.61 31.33 -22.44
CA VAL A 95 40.17 31.25 -22.71
C VAL A 95 39.94 30.85 -24.16
N VAL A 96 39.01 29.91 -24.35
CA VAL A 96 38.57 29.48 -25.68
C VAL A 96 37.05 29.55 -25.74
N LEU A 97 36.54 29.89 -26.93
CA LEU A 97 35.12 29.92 -27.23
C LEU A 97 34.83 29.03 -28.41
N ASN A 98 33.57 28.63 -28.55
CA ASN A 98 33.12 27.76 -29.63
C ASN A 98 31.99 28.43 -30.40
N ARG A 99 31.63 27.81 -31.53
CA ARG A 99 30.51 28.30 -32.31
C ARG A 99 29.18 28.18 -31.58
N GLY A 100 29.10 27.30 -30.58
CA GLY A 100 27.95 27.23 -29.70
C GLY A 100 27.95 28.23 -28.57
N LYS A 101 28.98 29.08 -28.51
CA LYS A 101 29.11 30.15 -27.52
C LYS A 101 29.10 29.57 -26.10
N THR A 102 30.14 28.80 -25.81
CA THR A 102 30.43 28.33 -24.46
C THR A 102 31.86 28.68 -24.11
N LEU A 103 32.11 28.84 -22.81
CA LEU A 103 33.39 29.34 -22.31
C LEU A 103 34.23 28.20 -21.76
N PHE A 104 35.46 28.09 -22.23
CA PHE A 104 36.41 27.11 -21.72
C PHE A 104 37.65 27.83 -21.21
N ARG A 105 38.14 27.38 -20.05
CA ARG A 105 39.30 27.99 -19.39
C ARG A 105 40.35 26.90 -19.16
N PHE A 106 41.31 26.81 -20.08
CA PHE A 106 42.44 25.91 -19.92
C PHE A 106 43.64 26.69 -19.39
N SER A 107 44.73 25.96 -19.11
CA SER A 107 45.94 26.55 -18.57
C SER A 107 46.78 27.18 -19.68
N ALA A 108 47.55 28.20 -19.29
CA ALA A 108 48.43 28.89 -20.22
C ALA A 108 49.75 28.17 -20.44
N THR A 109 50.23 27.40 -19.45
CA THR A 109 51.48 26.69 -19.58
C THR A 109 51.32 25.52 -20.55
N PRO A 110 52.34 25.22 -21.33
CA PRO A 110 52.31 24.02 -22.18
C PRO A 110 52.00 22.76 -21.38
N ALA A 111 51.09 21.96 -21.90
CA ALA A 111 50.69 20.73 -21.22
C ALA A 111 51.85 19.74 -21.20
N LEU A 112 52.14 19.18 -20.03
CA LEU A 112 53.24 18.25 -19.82
C LEU A 112 54.59 18.85 -20.20
N TYR A 113 54.67 20.17 -20.29
CA TYR A 113 55.89 20.93 -20.55
C TYR A 113 56.54 20.58 -21.88
N ILE A 114 55.83 19.92 -22.79
CA ILE A 114 56.41 19.50 -24.06
C ILE A 114 55.66 20.11 -25.24
N LEU A 115 54.36 20.36 -25.06
CA LEU A 115 53.49 20.77 -26.14
C LEU A 115 53.20 22.27 -26.02
N SER A 116 53.96 23.08 -26.75
CA SER A 116 53.74 24.51 -26.76
C SER A 116 52.42 24.83 -27.46
N PRO A 117 51.71 25.85 -27.00
CA PRO A 117 50.42 26.20 -27.63
C PRO A 117 50.53 26.58 -29.09
N PHE A 118 51.64 27.23 -29.49
CA PHE A 118 51.80 27.71 -30.85
C PHE A 118 52.51 26.73 -31.77
N ASN A 119 52.87 25.55 -31.26
CA ASN A 119 53.52 24.54 -32.07
C ASN A 119 52.53 23.75 -32.92
N LEU A 120 51.25 24.10 -32.86
CA LEU A 120 50.19 23.62 -33.76
C LEU A 120 49.82 22.16 -33.54
N ILE A 121 50.03 21.63 -32.34
CA ILE A 121 49.44 20.36 -31.94
C ILE A 121 48.24 20.56 -31.03
N ARG A 122 48.36 21.46 -30.06
CA ARG A 122 47.25 21.71 -29.15
C ARG A 122 46.14 22.52 -29.81
N ARG A 123 46.49 23.40 -30.76
CA ARG A 123 45.48 24.24 -31.40
C ARG A 123 44.43 23.38 -32.11
N ILE A 124 44.88 22.40 -32.89
CA ILE A 124 43.96 21.55 -33.63
C ILE A 124 43.09 20.74 -32.68
N ALA A 125 43.70 20.18 -31.62
CA ALA A 125 42.95 19.39 -30.66
C ALA A 125 41.90 20.23 -29.95
N ILE A 126 42.25 21.45 -29.56
CA ILE A 126 41.28 22.35 -28.93
C ILE A 126 40.16 22.66 -29.91
N LYS A 127 40.50 22.93 -31.17
CA LYS A 127 39.48 23.16 -32.19
C LYS A 127 38.54 21.96 -32.31
N ILE A 128 39.08 20.74 -32.18
CA ILE A 128 38.24 19.55 -32.18
C ILE A 128 37.34 19.53 -30.94
N LEU A 129 37.91 19.86 -29.77
CA LEU A 129 37.18 19.74 -28.52
C LEU A 129 36.04 20.75 -28.40
N ILE A 130 36.09 21.85 -29.14
CA ILE A 130 35.06 22.88 -29.06
C ILE A 130 34.00 22.71 -30.13
N HIS A 131 33.96 21.55 -30.78
CA HIS A 131 33.04 21.30 -31.89
C HIS A 131 31.91 20.40 -31.42
N SER A 132 30.67 20.81 -31.72
CA SER A 132 29.51 20.02 -31.33
C SER A 132 29.47 18.67 -32.02
N VAL A 133 30.14 18.52 -33.17
CA VAL A 133 30.17 17.22 -33.84
C VAL A 133 30.93 16.21 -33.01
N PHE A 134 31.97 16.64 -32.28
CA PHE A 134 32.69 15.73 -31.39
C PHE A 134 31.77 15.20 -30.30
N SER A 135 30.99 16.09 -29.68
CA SER A 135 30.04 15.67 -28.66
C SER A 135 28.96 14.75 -29.24
N MET A 136 28.49 15.06 -30.45
CA MET A 136 27.50 14.20 -31.09
C MET A 136 28.05 12.81 -31.36
N ILE A 137 29.29 12.73 -31.84
CA ILE A 137 29.92 11.44 -32.10
C ILE A 137 30.09 10.66 -30.80
N ILE A 138 30.52 11.33 -29.74
CA ILE A 138 30.70 10.67 -28.45
C ILE A 138 29.36 10.16 -27.93
N MET A 139 28.31 10.96 -28.07
CA MET A 139 26.98 10.52 -27.65
C MET A 139 26.51 9.30 -28.44
N CYS A 140 26.72 9.32 -29.76
CA CYS A 140 26.30 8.20 -30.58
C CYS A 140 27.05 6.92 -30.20
N THR A 141 28.37 7.02 -30.00
CA THR A 141 29.15 5.85 -29.63
C THR A 141 28.77 5.36 -28.23
N ILE A 142 28.37 6.28 -27.34
CA ILE A 142 27.95 5.87 -26.00
C ILE A 142 26.64 5.11 -26.07
N LEU A 143 25.68 5.62 -26.84
CA LEU A 143 24.40 4.93 -26.99
C LEU A 143 24.57 3.56 -27.63
N THR A 144 25.37 3.46 -28.68
CA THR A 144 25.56 2.14 -29.29
C THR A 144 26.33 1.21 -28.36
N ASN A 145 27.24 1.75 -27.55
CA ASN A 145 27.95 0.92 -26.57
C ASN A 145 26.99 0.35 -25.54
N CYS A 146 26.09 1.17 -25.00
CA CYS A 146 25.16 0.64 -24.02
C CYS A 146 24.16 -0.32 -24.65
N VAL A 147 23.75 -0.05 -25.90
CA VAL A 147 22.91 -1.00 -26.62
C VAL A 147 23.61 -2.34 -26.75
N PHE A 148 24.92 -2.32 -27.00
CA PHE A 148 25.67 -3.57 -27.08
C PHE A 148 25.79 -4.24 -25.71
N MET A 149 25.91 -3.46 -24.64
CA MET A 149 25.87 -4.04 -23.30
C MET A 149 24.52 -4.66 -22.97
N THR A 150 23.45 -4.22 -23.66
CA THR A 150 22.15 -4.83 -23.43
C THR A 150 22.15 -6.32 -23.77
N PHE A 151 22.85 -6.70 -24.84
CA PHE A 151 22.85 -8.09 -25.28
C PHE A 151 23.45 -9.01 -24.21
N SER A 152 22.83 -10.18 -24.04
CA SER A 152 23.26 -11.10 -22.99
C SER A 152 24.44 -11.96 -23.46
N ASN A 153 24.23 -12.77 -24.49
CA ASN A 153 25.29 -13.63 -25.00
C ASN A 153 26.22 -12.83 -25.91
N PRO A 154 27.51 -12.78 -25.63
CA PRO A 154 28.43 -12.05 -26.51
C PRO A 154 28.65 -12.83 -27.80
N PRO A 155 28.19 -12.28 -28.93
CA PRO A 155 28.34 -13.01 -30.21
C PRO A 155 29.80 -13.01 -30.67
N ASP A 156 30.04 -13.80 -31.71
CA ASP A 156 31.37 -13.87 -32.30
C ASP A 156 31.78 -12.52 -32.88
N TRP A 157 30.85 -11.83 -33.54
CA TRP A 157 31.12 -10.53 -34.14
C TRP A 157 30.86 -9.39 -33.15
N SER A 158 31.44 -9.49 -31.97
CA SER A 158 31.23 -8.48 -30.94
C SER A 158 32.54 -7.93 -30.41
N LYS A 159 33.57 -8.78 -30.33
CA LYS A 159 34.85 -8.37 -29.76
C LYS A 159 35.39 -7.15 -30.49
N ASN A 160 35.46 -7.21 -31.82
CA ASN A 160 35.90 -6.06 -32.61
C ASN A 160 35.05 -4.83 -32.28
N VAL A 161 33.73 -5.01 -32.16
CA VAL A 161 32.87 -3.89 -31.81
C VAL A 161 33.30 -3.28 -30.48
N GLU A 162 33.64 -4.12 -29.51
CA GLU A 162 34.19 -3.60 -28.26
C GLU A 162 35.53 -2.91 -28.50
N TYR A 163 36.39 -3.54 -29.31
CA TYR A 163 37.75 -3.03 -29.51
C TYR A 163 37.73 -1.58 -29.96
N THR A 164 37.08 -1.31 -31.09
CA THR A 164 37.01 0.06 -31.59
C THR A 164 36.44 1.00 -30.54
N PHE A 165 35.46 0.52 -29.76
CA PHE A 165 34.90 1.34 -28.69
C PHE A 165 36.01 1.83 -27.77
N THR A 166 36.85 0.90 -27.29
CA THR A 166 37.99 1.30 -26.49
C THR A 166 38.88 2.25 -27.28
N GLY A 167 39.16 1.91 -28.53
CA GLY A 167 39.97 2.78 -29.37
C GLY A 167 39.35 4.16 -29.53
N ILE A 168 38.02 4.24 -29.53
CA ILE A 168 37.38 5.54 -29.55
C ILE A 168 37.59 6.26 -28.22
N TYR A 169 37.37 5.54 -27.11
CA TYR A 169 37.33 6.21 -25.80
C TYR A 169 38.67 6.84 -25.45
N THR A 170 39.75 6.05 -25.53
CA THR A 170 41.06 6.61 -25.28
C THR A 170 41.31 7.81 -26.18
N PHE A 171 40.78 7.78 -27.41
CA PHE A 171 40.87 8.91 -28.32
C PHE A 171 40.53 10.20 -27.59
N GLU A 172 39.31 10.29 -27.04
CA GLU A 172 38.91 11.53 -26.38
C GLU A 172 39.85 11.85 -25.24
N SER A 173 40.24 10.83 -24.47
CA SER A 173 41.18 11.07 -23.37
C SER A 173 42.46 11.69 -23.88
N LEU A 174 42.99 11.14 -24.98
CA LEU A 174 44.20 11.71 -25.57
C LEU A 174 43.99 13.19 -25.88
N VAL A 175 42.85 13.52 -26.50
CA VAL A 175 42.56 14.92 -26.79
C VAL A 175 42.55 15.72 -25.50
N LYS A 176 41.87 15.22 -24.48
CA LYS A 176 41.88 15.89 -23.18
C LYS A 176 43.29 15.97 -22.63
N ILE A 177 44.06 14.89 -22.77
CA ILE A 177 45.46 14.91 -22.34
C ILE A 177 46.23 15.96 -23.14
N ILE A 178 45.93 16.08 -24.43
CA ILE A 178 46.50 17.15 -25.22
C ILE A 178 45.93 18.49 -24.78
N ALA A 179 44.64 18.52 -24.45
CA ALA A 179 43.99 19.76 -24.04
C ALA A 179 44.59 20.30 -22.76
N ARG A 180 44.79 19.43 -21.77
CA ARG A 180 45.24 19.85 -20.44
C ARG A 180 46.04 18.73 -19.81
N GLY A 181 46.84 19.09 -18.81
CA GLY A 181 47.64 18.12 -18.10
C GLY A 181 46.83 17.34 -17.07
N PHE A 182 47.51 16.41 -16.42
CA PHE A 182 46.86 15.55 -15.42
C PHE A 182 46.98 16.24 -14.05
N CYS A 183 45.96 17.06 -13.76
CA CYS A 183 45.79 17.73 -12.46
C CYS A 183 47.08 18.40 -11.97
N ILE A 184 47.98 18.74 -12.90
CA ILE A 184 49.30 19.23 -12.50
C ILE A 184 49.19 20.57 -11.80
N ASP A 185 48.51 21.53 -12.44
CA ASP A 185 48.39 22.89 -11.92
C ASP A 185 47.27 23.60 -12.63
N GLY A 186 46.32 24.12 -11.87
CA GLY A 186 45.22 24.87 -12.44
C GLY A 186 44.11 23.99 -12.99
N PHE A 187 43.24 24.63 -13.76
CA PHE A 187 42.07 23.97 -14.34
C PHE A 187 42.53 23.08 -15.49
N THR A 188 42.80 21.80 -15.18
CA THR A 188 43.29 20.86 -16.16
C THR A 188 42.46 19.57 -16.07
N PHE A 189 42.91 18.54 -16.77
CA PHE A 189 42.25 17.24 -16.75
C PHE A 189 42.42 16.60 -15.37
N LEU A 190 41.59 15.58 -15.12
CA LEU A 190 41.59 14.85 -13.85
C LEU A 190 41.24 15.75 -12.67
N ARG A 191 40.47 16.81 -12.94
CA ARG A 191 39.95 17.68 -11.90
C ARG A 191 38.45 17.49 -11.69
N ASP A 192 37.68 17.47 -12.77
CA ASP A 192 36.26 17.16 -12.67
C ASP A 192 36.10 15.68 -12.31
N PRO A 193 35.13 15.33 -11.46
CA PRO A 193 34.93 13.91 -11.13
C PRO A 193 34.64 13.04 -12.34
N TRP A 194 33.98 13.58 -13.37
CA TRP A 194 33.74 12.81 -14.58
C TRP A 194 35.04 12.49 -15.31
N ASN A 195 36.04 13.36 -15.18
CA ASN A 195 37.37 13.02 -15.67
C ASN A 195 37.94 11.81 -14.96
N TRP A 196 37.76 11.74 -13.64
CA TRP A 196 38.13 10.53 -12.91
C TRP A 196 37.36 9.33 -13.43
N LEU A 197 36.07 9.51 -13.72
CA LEU A 197 35.23 8.39 -14.15
C LEU A 197 35.73 7.81 -15.48
N ASP A 198 35.90 8.66 -16.50
CA ASP A 198 36.30 8.09 -17.78
C ASP A 198 37.77 7.68 -17.78
N PHE A 199 38.62 8.34 -16.99
CA PHE A 199 39.98 7.86 -16.83
C PHE A 199 39.99 6.44 -16.28
N SER A 200 39.16 6.20 -15.25
CA SER A 200 39.07 4.86 -14.68
C SER A 200 38.51 3.85 -15.68
N VAL A 201 37.52 4.26 -16.48
CA VAL A 201 36.92 3.30 -17.40
C VAL A 201 37.91 2.90 -18.49
N ILE A 202 38.68 3.87 -19.02
CA ILE A 202 39.70 3.50 -20.02
C ILE A 202 40.82 2.71 -19.37
N MET A 203 41.19 3.03 -18.12
CA MET A 203 42.23 2.25 -17.45
C MET A 203 41.81 0.80 -17.31
N MET A 204 40.57 0.57 -16.88
CA MET A 204 40.05 -0.80 -16.80
C MET A 204 40.00 -1.47 -18.16
N ALA A 205 39.54 -0.73 -19.18
CA ALA A 205 39.40 -1.31 -20.52
C ALA A 205 40.74 -1.77 -21.06
N TYR A 206 41.77 -0.94 -20.92
CA TYR A 206 43.10 -1.34 -21.40
C TYR A 206 43.81 -2.30 -20.46
N ILE A 207 43.38 -2.39 -19.20
CA ILE A 207 43.91 -3.42 -18.31
C ILE A 207 43.40 -4.79 -18.73
N THR A 208 42.12 -4.88 -19.08
CA THR A 208 41.50 -6.16 -19.43
C THR A 208 41.25 -6.30 -20.93
N GLU A 209 42.00 -5.58 -21.77
CA GLU A 209 41.81 -5.68 -23.21
C GLU A 209 42.54 -6.88 -23.79
N PHE A 210 43.87 -6.89 -23.68
CA PHE A 210 44.69 -7.97 -24.21
C PHE A 210 45.21 -8.90 -23.13
N VAL A 211 45.04 -8.56 -21.86
CA VAL A 211 45.54 -9.38 -20.77
C VAL A 211 44.51 -10.47 -20.47
N ASN A 212 44.98 -11.72 -20.42
CA ASN A 212 44.09 -12.84 -20.12
C ASN A 212 43.53 -12.78 -18.71
N LEU A 213 44.17 -12.04 -17.81
CA LEU A 213 43.68 -11.94 -16.45
C LEU A 213 42.36 -11.19 -16.41
N GLY A 214 41.48 -11.62 -15.51
CA GLY A 214 40.18 -10.99 -15.36
C GLY A 214 39.01 -11.91 -15.65
N ASN A 215 38.17 -12.14 -14.66
CA ASN A 215 36.99 -12.98 -14.82
C ASN A 215 35.85 -12.14 -15.37
N VAL A 216 35.19 -12.65 -16.42
CA VAL A 216 34.20 -11.88 -17.16
C VAL A 216 33.05 -11.43 -16.27
N SER A 217 32.64 -12.27 -15.32
CA SER A 217 31.56 -11.88 -14.42
C SER A 217 31.96 -10.73 -13.51
N ALA A 218 33.25 -10.41 -13.42
CA ALA A 218 33.72 -9.29 -12.62
C ALA A 218 34.09 -8.06 -13.45
N LEU A 219 34.39 -8.23 -14.73
CA LEU A 219 34.72 -7.10 -15.59
C LEU A 219 33.50 -6.57 -16.34
N ARG A 220 32.55 -7.43 -16.69
CA ARG A 220 31.36 -6.95 -17.38
C ARG A 220 30.52 -6.04 -16.49
N THR A 221 30.42 -6.38 -15.19
CA THR A 221 29.67 -5.53 -14.27
C THR A 221 30.33 -4.18 -14.07
N PHE A 222 31.65 -4.07 -14.28
CA PHE A 222 32.32 -2.79 -14.24
C PHE A 222 32.29 -2.07 -15.58
N ARG A 223 32.08 -2.80 -16.67
CA ARG A 223 31.96 -2.19 -17.99
C ARG A 223 30.76 -1.26 -18.08
N VAL A 224 29.80 -1.38 -17.16
CA VAL A 224 28.63 -0.51 -17.17
C VAL A 224 28.96 0.93 -16.81
N LEU A 225 30.17 1.19 -16.33
CA LEU A 225 30.54 2.55 -15.95
C LEU A 225 30.56 3.51 -17.13
N ARG A 226 30.62 2.99 -18.36
CA ARG A 226 30.52 3.85 -19.53
C ARG A 226 29.15 4.51 -19.67
N ALA A 227 28.13 3.97 -19.01
CA ALA A 227 26.79 4.55 -19.10
C ALA A 227 26.68 5.82 -18.28
N LEU A 228 27.44 5.94 -17.18
CA LEU A 228 27.45 7.19 -16.42
C LEU A 228 28.02 8.35 -17.21
N LYS A 229 28.73 8.07 -18.31
CA LYS A 229 29.25 9.15 -19.15
C LYS A 229 28.13 9.91 -19.85
N THR A 230 26.92 9.37 -19.87
CA THR A 230 25.80 10.08 -20.48
C THR A 230 25.55 11.40 -19.77
N ILE A 231 25.63 11.42 -18.44
CA ILE A 231 25.45 12.65 -17.69
C ILE A 231 26.51 13.68 -18.09
N SER A 232 27.75 13.25 -18.23
CA SER A 232 28.82 14.16 -18.64
C SER A 232 28.68 14.60 -20.10
N VAL A 233 27.98 13.84 -20.92
CA VAL A 233 27.82 14.15 -22.33
C VAL A 233 26.51 14.89 -22.60
N ILE A 234 25.41 14.37 -22.11
CA ILE A 234 24.10 15.00 -22.36
C ILE A 234 24.05 16.33 -21.63
N PRO A 235 23.73 17.43 -22.31
CA PRO A 235 23.67 18.74 -21.63
C PRO A 235 22.57 18.76 -20.58
N GLY A 236 22.87 19.43 -19.46
CA GLY A 236 21.88 19.67 -18.42
C GLY A 236 21.68 18.54 -17.43
N LEU A 237 22.33 17.39 -17.63
CA LEU A 237 22.16 16.28 -16.69
C LEU A 237 22.94 16.50 -15.41
N LYS A 238 24.12 17.13 -15.50
CA LYS A 238 24.93 17.36 -14.31
C LYS A 238 24.19 18.23 -13.30
N THR A 239 23.51 19.27 -13.78
CA THR A 239 22.74 20.13 -12.89
C THR A 239 21.61 19.36 -12.21
N ILE A 240 20.95 18.47 -12.96
CA ILE A 240 19.88 17.67 -12.38
C ILE A 240 20.43 16.74 -11.29
N VAL A 241 21.57 16.10 -11.55
CA VAL A 241 22.18 15.24 -10.55
C VAL A 241 22.56 16.03 -9.31
N GLY A 242 23.14 17.22 -9.51
CA GLY A 242 23.48 18.07 -8.38
C GLY A 242 22.25 18.48 -7.59
N ALA A 243 21.15 18.77 -8.29
CA ALA A 243 19.90 19.11 -7.61
C ALA A 243 19.38 17.94 -6.80
N LEU A 244 19.47 16.72 -7.34
CA LEU A 244 19.06 15.55 -6.58
C LEU A 244 19.89 15.38 -5.31
N ILE A 245 21.21 15.54 -5.43
CA ILE A 245 22.08 15.40 -4.26
C ILE A 245 21.78 16.50 -3.25
N GLN A 246 21.54 17.73 -3.72
CA GLN A 246 21.21 18.81 -2.80
C GLN A 246 19.88 18.56 -2.09
N SER A 247 18.90 17.98 -2.80
CA SER A 247 17.63 17.64 -2.17
C SER A 247 17.81 16.58 -1.10
N VAL A 248 18.62 15.56 -1.38
CA VAL A 248 18.84 14.51 -0.38
C VAL A 248 19.78 14.95 0.72
N LYS A 249 20.47 16.08 0.54
CA LYS A 249 21.41 16.56 1.55
C LYS A 249 20.73 16.85 2.89
N LYS A 250 19.52 17.39 2.87
CA LYS A 250 18.82 17.78 4.09
C LYS A 250 18.29 16.59 4.88
N LEU A 251 18.37 15.38 4.34
CA LEU A 251 17.88 14.18 5.02
C LEU A 251 18.92 13.66 6.01
N SER A 252 19.20 14.50 7.03
CA SER A 252 20.21 14.17 8.03
C SER A 252 19.58 13.68 9.33
N ASP A 253 18.73 14.49 9.96
CA ASP A 253 18.13 14.09 11.24
C ASP A 253 17.01 13.09 11.05
N VAL A 254 16.28 13.17 9.93
CA VAL A 254 15.19 12.23 9.70
C VAL A 254 15.73 10.81 9.54
N MET A 255 16.89 10.66 8.90
CA MET A 255 17.50 9.34 8.80
C MET A 255 17.87 8.79 10.17
N ILE A 256 18.40 9.65 11.04
CA ILE A 256 18.76 9.23 12.39
C ILE A 256 17.53 8.80 13.15
N LEU A 257 16.45 9.58 13.05
CA LEU A 257 15.21 9.21 13.73
C LEU A 257 14.64 7.90 13.19
N THR A 258 14.71 7.71 11.86
CA THR A 258 14.22 6.47 11.28
C THR A 258 15.01 5.27 11.78
N VAL A 259 16.34 5.38 11.80
CA VAL A 259 17.14 4.25 12.28
C VAL A 259 16.91 4.01 13.77
N PHE A 260 16.70 5.07 14.55
CA PHE A 260 16.44 4.89 15.97
C PHE A 260 15.10 4.19 16.20
N CYS A 261 14.05 4.62 15.50
CA CYS A 261 12.75 3.98 15.65
C CYS A 261 12.79 2.54 15.18
N LEU A 262 13.48 2.28 14.06
CA LEU A 262 13.61 0.90 13.58
C LEU A 262 14.35 0.04 14.59
N SER A 263 15.41 0.59 15.21
CA SER A 263 16.16 -0.19 16.18
C SER A 263 15.33 -0.51 17.41
N VAL A 264 14.60 0.47 17.95
CA VAL A 264 13.82 0.21 19.15
C VAL A 264 12.67 -0.76 18.85
N PHE A 265 12.00 -0.59 17.72
CA PHE A 265 10.92 -1.51 17.38
C PHE A 265 11.45 -2.91 17.08
N ALA A 266 12.64 -3.01 16.48
CA ALA A 266 13.25 -4.32 16.25
C ALA A 266 13.63 -4.99 17.56
N LEU A 267 14.10 -4.21 18.53
CA LEU A 267 14.36 -4.77 19.86
C LEU A 267 13.08 -5.29 20.49
N ILE A 268 11.98 -4.53 20.36
CA ILE A 268 10.69 -4.98 20.89
C ILE A 268 10.27 -6.29 20.23
N GLY A 269 10.36 -6.34 18.90
CA GLY A 269 9.97 -7.55 18.19
C GLY A 269 10.84 -8.74 18.52
N LEU A 270 12.15 -8.52 18.64
CA LEU A 270 13.05 -9.61 19.01
C LEU A 270 12.75 -10.13 20.40
N GLN A 271 12.46 -9.24 21.35
CA GLN A 271 12.16 -9.69 22.69
C GLN A 271 10.80 -10.38 22.77
N LEU A 272 9.86 -10.01 21.91
CA LEU A 272 8.54 -10.62 21.93
C LEU A 272 8.51 -11.92 21.14
N PHE A 273 8.88 -11.87 19.87
CA PHE A 273 8.73 -12.98 18.93
C PHE A 273 10.02 -13.76 18.76
N MET A 274 10.80 -13.92 19.82
CA MET A 274 12.07 -14.63 19.78
C MET A 274 11.80 -16.12 19.54
N GLY A 275 12.01 -16.58 18.31
CA GLY A 275 11.85 -17.98 17.99
C GLY A 275 10.45 -18.41 17.65
N ASN A 276 9.45 -17.53 17.77
CA ASN A 276 8.09 -17.88 17.43
C ASN A 276 7.84 -17.75 15.93
N LEU A 277 8.74 -18.32 15.13
CA LEU A 277 8.51 -18.45 13.69
C LEU A 277 8.91 -19.80 13.12
N ARG A 278 9.69 -20.60 13.85
CA ARG A 278 10.00 -21.96 13.44
C ARG A 278 9.11 -22.98 14.12
N ASN A 279 8.10 -22.52 14.87
CA ASN A 279 7.16 -23.42 15.53
C ASN A 279 6.44 -24.28 14.49
N LYS A 280 6.72 -25.57 14.49
CA LYS A 280 6.12 -26.49 13.55
C LYS A 280 5.49 -27.65 14.32
N CYS A 281 4.50 -28.28 13.70
CA CYS A 281 3.79 -29.40 14.30
C CYS A 281 4.41 -30.70 13.79
N VAL A 282 5.08 -31.42 14.68
CA VAL A 282 5.68 -32.69 14.33
C VAL A 282 4.81 -33.80 14.90
N VAL A 283 4.94 -35.01 14.33
CA VAL A 283 4.20 -36.15 14.86
C VAL A 283 4.71 -36.45 16.26
N TRP A 284 3.84 -36.29 17.25
CA TRP A 284 4.29 -36.39 18.63
C TRP A 284 4.49 -37.83 19.08
N PRO A 285 3.51 -38.75 18.92
CA PRO A 285 3.74 -40.13 19.34
C PRO A 285 4.94 -40.74 18.62
N ILE A 286 6.01 -41.00 19.36
CA ILE A 286 7.27 -41.44 18.80
C ILE A 286 7.25 -42.95 18.67
N ASN A 287 7.46 -43.45 17.44
CA ASN A 287 7.56 -44.88 17.18
C ASN A 287 9.00 -45.31 17.50
N PHE A 288 9.24 -45.55 18.79
CA PHE A 288 10.58 -45.95 19.22
C PHE A 288 11.01 -47.26 18.58
N ASN A 289 10.07 -48.20 18.40
CA ASN A 289 10.37 -49.47 17.76
C ASN A 289 10.68 -49.31 16.28
N GLU A 290 10.31 -48.18 15.68
CA GLU A 290 10.52 -47.94 14.25
C GLU A 290 11.18 -46.59 14.03
N SER A 291 12.15 -46.24 14.89
CA SER A 291 12.89 -44.99 14.76
C SER A 291 14.22 -45.28 14.08
N TYR A 292 14.17 -45.35 12.76
CA TYR A 292 15.36 -45.69 11.97
C TYR A 292 16.35 -44.53 11.96
N LEU A 293 17.61 -44.87 11.67
CA LEU A 293 18.69 -43.90 11.60
C LEU A 293 19.47 -44.08 10.31
N GLU A 294 20.17 -43.02 9.91
CA GLU A 294 20.96 -43.08 8.68
C GLU A 294 22.09 -44.08 8.80
N ASN A 295 22.71 -44.19 9.98
CA ASN A 295 23.75 -45.17 10.22
C ASN A 295 23.20 -46.52 10.65
N GLY A 296 21.91 -46.61 10.94
CA GLY A 296 21.32 -47.82 11.47
C GLY A 296 21.26 -47.82 12.98
N THR A 297 21.10 -49.03 13.53
CA THR A 297 21.08 -49.27 14.97
C THR A 297 19.93 -48.53 15.66
N LYS A 298 18.91 -48.13 14.90
CA LYS A 298 17.75 -47.43 15.43
C LYS A 298 18.14 -46.19 16.23
N GLY A 299 17.48 -45.98 17.34
CA GLY A 299 17.76 -44.83 18.19
C GLY A 299 16.78 -43.70 17.98
N PHE A 300 16.61 -42.88 19.01
CA PHE A 300 15.67 -41.76 18.95
C PHE A 300 16.29 -40.51 18.35
N ASP A 301 17.55 -40.23 18.68
CA ASP A 301 18.39 -39.18 18.08
C ASP A 301 17.64 -37.85 17.96
N TRP A 302 17.32 -37.28 19.12
CA TRP A 302 16.78 -35.93 19.17
C TRP A 302 17.78 -34.95 18.55
N GLU A 303 17.26 -33.79 18.13
CA GLU A 303 17.93 -32.77 17.33
C GLU A 303 18.18 -33.22 15.90
N GLU A 304 17.84 -34.46 15.56
CA GLU A 304 17.70 -34.90 14.18
C GLU A 304 16.28 -35.31 13.85
N TYR A 305 15.56 -35.88 14.81
CA TYR A 305 14.15 -36.17 14.64
C TYR A 305 13.34 -34.90 14.38
N ILE A 306 13.79 -33.76 14.91
CA ILE A 306 13.10 -32.50 14.67
C ILE A 306 13.60 -31.77 13.42
N ASN A 307 14.78 -32.12 12.92
CA ASN A 307 15.30 -31.55 11.69
C ASN A 307 14.97 -32.38 10.47
N ASN A 308 14.23 -33.49 10.64
CA ASN A 308 13.81 -34.31 9.52
C ASN A 308 12.53 -33.74 8.93
N LYS A 309 12.54 -33.52 7.60
CA LYS A 309 11.42 -32.84 6.95
C LYS A 309 10.15 -33.68 7.03
N THR A 310 10.25 -35.00 6.82
CA THR A 310 9.05 -35.82 6.71
C THR A 310 8.26 -35.88 8.01
N ASN A 311 8.88 -35.55 9.14
CA ASN A 311 8.15 -35.52 10.42
C ASN A 311 7.59 -34.14 10.72
N PHE A 312 6.88 -33.58 9.74
CA PHE A 312 6.21 -32.29 9.86
C PHE A 312 4.81 -32.41 9.30
N TYR A 313 4.10 -31.29 9.24
CA TYR A 313 2.78 -31.22 8.63
C TYR A 313 2.75 -30.05 7.67
N THR A 314 2.58 -30.33 6.39
CA THR A 314 2.41 -29.32 5.36
C THR A 314 1.01 -29.43 4.79
N VAL A 315 0.28 -28.32 4.77
CA VAL A 315 -1.07 -28.34 4.20
C VAL A 315 -0.99 -28.73 2.73
N PRO A 316 -1.79 -29.69 2.26
CA PRO A 316 -1.68 -30.11 0.86
C PRO A 316 -1.88 -28.93 -0.09
N GLY A 317 -1.07 -28.90 -1.14
CA GLY A 317 -1.06 -27.79 -2.07
C GLY A 317 -0.21 -26.62 -1.65
N MET A 318 0.49 -26.71 -0.53
CA MET A 318 1.35 -25.65 -0.05
C MET A 318 2.80 -26.13 -0.02
N LEU A 319 3.73 -25.19 0.17
CA LEU A 319 5.16 -25.48 0.12
C LEU A 319 5.79 -25.51 1.51
N GLU A 320 5.63 -24.43 2.28
CA GLU A 320 6.28 -24.42 3.58
C GLU A 320 5.40 -25.12 4.62
N PRO A 321 6.02 -25.83 5.56
CA PRO A 321 5.23 -26.50 6.61
C PRO A 321 4.48 -25.49 7.47
N LEU A 322 3.33 -25.93 7.97
CA LEU A 322 2.44 -25.05 8.72
C LEU A 322 3.07 -24.61 10.04
N LEU A 323 2.86 -23.34 10.38
CA LEU A 323 3.21 -22.82 11.70
C LEU A 323 2.07 -23.07 12.69
N CYS A 324 2.32 -22.76 13.94
CA CYS A 324 1.37 -23.02 15.02
C CYS A 324 1.86 -22.29 16.27
N GLY A 325 1.05 -22.37 17.32
CA GLY A 325 1.41 -21.78 18.60
C GLY A 325 0.78 -22.54 19.74
N ASN A 326 1.41 -22.42 20.90
CA ASN A 326 0.91 -23.08 22.11
C ASN A 326 -0.14 -22.25 22.83
N SER A 327 -0.48 -21.06 22.35
CA SER A 327 -1.49 -20.24 22.99
C SER A 327 -2.89 -20.70 22.60
N SER A 328 -3.88 -20.10 23.26
CA SER A 328 -5.28 -20.47 23.00
C SER A 328 -5.76 -19.90 21.67
N ASP A 329 -5.38 -18.67 21.36
CA ASP A 329 -5.83 -18.00 20.15
C ASP A 329 -4.88 -18.19 18.97
N ALA A 330 -3.81 -18.95 19.14
CA ALA A 330 -2.86 -19.18 18.07
C ALA A 330 -3.37 -20.29 17.15
N GLY A 331 -2.51 -20.75 16.25
CA GLY A 331 -2.89 -21.79 15.31
C GLY A 331 -2.95 -23.17 15.95
N GLN A 332 -3.51 -24.11 15.19
CA GLN A 332 -3.68 -25.49 15.65
C GLN A 332 -3.36 -26.44 14.51
N CYS A 333 -3.02 -27.67 14.87
CA CYS A 333 -2.69 -28.72 13.93
C CYS A 333 -3.43 -30.00 14.31
N PRO A 334 -3.63 -30.92 13.35
CA PRO A 334 -4.52 -32.06 13.60
C PRO A 334 -4.04 -33.01 14.68
N GLU A 335 -4.85 -34.03 14.96
CA GLU A 335 -4.49 -35.01 15.97
C GLU A 335 -3.27 -35.81 15.53
N GLY A 336 -2.45 -36.19 16.51
CA GLY A 336 -1.19 -36.86 16.25
C GLY A 336 -0.03 -35.92 16.02
N TYR A 337 -0.27 -34.61 15.93
CA TYR A 337 0.76 -33.62 15.76
C TYR A 337 0.81 -32.71 16.98
N GLN A 338 1.97 -32.10 17.21
CA GLN A 338 2.14 -31.24 18.37
C GLN A 338 3.21 -30.20 18.05
N CYS A 339 3.05 -29.00 18.61
CA CYS A 339 3.93 -27.89 18.31
C CYS A 339 5.27 -28.02 19.01
N MET A 340 6.34 -27.66 18.31
CA MET A 340 7.64 -27.45 18.92
C MET A 340 8.49 -26.61 17.98
N LYS A 341 9.54 -26.02 18.54
CA LYS A 341 10.51 -25.26 17.76
C LYS A 341 11.40 -26.24 17.02
N ALA A 342 11.11 -26.46 15.73
CA ALA A 342 11.82 -27.44 14.94
C ALA A 342 12.03 -26.91 13.53
N GLY A 343 13.01 -27.48 12.85
CA GLY A 343 13.28 -27.08 11.49
C GLY A 343 13.92 -25.70 11.40
N ARG A 344 13.73 -25.07 10.25
CA ARG A 344 14.29 -23.77 9.96
C ARG A 344 13.16 -22.77 9.67
N ASN A 345 13.52 -21.49 9.74
CA ASN A 345 12.53 -20.43 9.64
C ASN A 345 11.93 -20.37 8.23
N PRO A 346 10.73 -19.81 8.10
CA PRO A 346 10.08 -19.77 6.78
C PRO A 346 10.80 -18.84 5.83
N ASN A 347 10.46 -18.99 4.54
CA ASN A 347 11.05 -18.22 3.45
C ASN A 347 12.58 -18.39 3.42
N TYR A 348 12.99 -19.64 3.27
CA TYR A 348 14.40 -20.04 3.20
C TYR A 348 15.17 -19.68 4.46
N GLY A 349 14.47 -19.42 5.56
CA GLY A 349 15.13 -19.00 6.79
C GLY A 349 15.40 -17.51 6.88
N TYR A 350 14.89 -16.71 5.94
CA TYR A 350 15.15 -15.28 5.95
C TYR A 350 14.13 -14.51 6.78
N THR A 351 12.85 -14.83 6.65
CA THR A 351 11.82 -14.22 7.49
C THR A 351 11.97 -14.77 8.90
N SER A 352 12.54 -13.98 9.80
CA SER A 352 12.88 -14.46 11.12
C SER A 352 12.91 -13.31 12.12
N PHE A 353 12.79 -13.68 13.39
CA PHE A 353 12.96 -12.74 14.49
C PHE A 353 14.00 -13.23 15.49
N ASP A 354 14.76 -14.28 15.16
CA ASP A 354 15.68 -14.89 16.10
C ASP A 354 16.93 -14.07 16.34
N THR A 355 17.25 -13.13 15.45
CA THR A 355 18.45 -12.32 15.57
C THR A 355 18.09 -10.86 15.30
N PHE A 356 18.87 -9.96 15.90
CA PHE A 356 18.60 -8.53 15.74
C PHE A 356 18.68 -8.11 14.27
N SER A 357 19.62 -8.68 13.52
CA SER A 357 19.73 -8.35 12.10
C SER A 357 18.49 -8.78 11.34
N TRP A 358 18.00 -10.00 11.61
CA TRP A 358 16.81 -10.49 10.91
C TRP A 358 15.57 -9.71 11.34
N ALA A 359 15.48 -9.34 12.62
CA ALA A 359 14.37 -8.50 13.07
C ALA A 359 14.41 -7.14 12.40
N PHE A 360 15.59 -6.55 12.27
CA PHE A 360 15.72 -5.28 11.58
C PHE A 360 15.31 -5.40 10.12
N LEU A 361 15.69 -6.49 9.46
CA LEU A 361 15.26 -6.70 8.08
C LEU A 361 13.74 -6.83 8.00
N ALA A 362 13.15 -7.62 8.90
CA ALA A 362 11.72 -7.85 8.87
C ALA A 362 10.92 -6.60 9.20
N LEU A 363 11.51 -5.66 9.94
CA LEU A 363 10.80 -4.42 10.24
C LEU A 363 11.06 -3.32 9.22
N PHE A 364 12.23 -3.35 8.57
CA PHE A 364 12.40 -2.55 7.35
C PHE A 364 11.42 -3.01 6.28
N ARG A 365 11.11 -4.31 6.25
CA ARG A 365 10.06 -4.84 5.40
C ARG A 365 8.69 -4.27 5.77
N LEU A 366 8.53 -3.79 7.01
CA LEU A 366 7.25 -3.22 7.44
C LEU A 366 7.18 -1.72 7.25
N MET A 367 8.30 -1.01 7.36
CA MET A 367 8.27 0.43 7.14
C MET A 367 7.89 0.76 5.69
N THR A 368 8.48 0.04 4.74
CA THR A 368 8.00 0.04 3.36
C THR A 368 7.12 -1.20 3.21
N GLN A 369 5.80 -0.98 3.19
CA GLN A 369 4.85 -2.09 3.34
C GLN A 369 4.86 -2.93 2.07
N ASP A 370 5.83 -3.85 2.02
CA ASP A 370 5.98 -4.78 0.91
C ASP A 370 5.83 -6.20 1.45
N TYR A 371 4.74 -6.86 1.06
CA TYR A 371 4.47 -8.24 1.49
C TYR A 371 4.45 -8.35 3.02
N TRP A 372 4.02 -7.30 3.70
CA TRP A 372 3.93 -7.34 5.15
C TRP A 372 2.77 -8.18 5.64
N GLU A 373 1.81 -8.48 4.76
CA GLU A 373 0.70 -9.35 5.15
C GLU A 373 1.18 -10.76 5.47
N ASN A 374 2.21 -11.24 4.77
CA ASN A 374 2.73 -12.57 5.04
C ASN A 374 3.35 -12.64 6.43
N LEU A 375 4.17 -11.65 6.78
CA LEU A 375 4.73 -11.60 8.13
C LEU A 375 3.64 -11.44 9.18
N TYR A 376 2.66 -10.59 8.88
CA TYR A 376 1.50 -10.41 9.75
C TYR A 376 0.84 -11.74 10.07
N GLN A 377 0.50 -12.50 9.02
CA GLN A 377 -0.18 -13.77 9.21
C GLN A 377 0.72 -14.79 9.92
N LEU A 378 2.00 -14.81 9.55
CA LEU A 378 2.91 -15.79 10.15
C LEU A 378 3.06 -15.57 11.65
N THR A 379 3.32 -14.33 12.06
CA THR A 379 3.47 -14.04 13.47
C THR A 379 2.15 -14.22 14.23
N LEU A 380 1.03 -13.84 13.61
CA LEU A 380 -0.25 -14.02 14.29
C LEU A 380 -0.58 -15.49 14.47
N ARG A 381 -0.20 -16.33 13.50
CA ARG A 381 -0.46 -17.75 13.61
C ARG A 381 0.48 -18.43 14.60
N ALA A 382 1.73 -17.99 14.64
CA ALA A 382 2.73 -18.65 15.48
C ALA A 382 2.83 -18.06 16.88
N ALA A 383 2.13 -16.97 17.17
CA ALA A 383 2.20 -16.34 18.48
C ALA A 383 0.83 -15.96 19.06
N GLY A 384 -0.24 -16.03 18.28
CA GLY A 384 -1.55 -15.69 18.78
C GLY A 384 -2.15 -14.48 18.09
N LYS A 385 -3.47 -14.32 18.22
CA LYS A 385 -4.18 -13.22 17.60
C LYS A 385 -4.22 -11.97 18.47
N THR A 386 -3.72 -12.04 19.70
CA THR A 386 -3.72 -10.90 20.60
C THR A 386 -2.52 -9.98 20.40
N TYR A 387 -1.58 -10.35 19.54
CA TYR A 387 -0.40 -9.54 19.26
C TYR A 387 -0.63 -8.54 18.14
N MET A 388 -1.83 -8.54 17.54
CA MET A 388 -2.13 -7.63 16.44
C MET A 388 -1.89 -6.17 16.82
N ILE A 389 -2.07 -5.85 18.11
CA ILE A 389 -1.86 -4.48 18.58
C ILE A 389 -0.46 -4.01 18.21
N PHE A 390 0.53 -4.88 18.39
CA PHE A 390 1.90 -4.54 18.00
C PHE A 390 1.95 -4.11 16.54
N PHE A 391 1.36 -4.90 15.65
CA PHE A 391 1.40 -4.57 14.23
C PHE A 391 0.63 -3.30 13.91
N VAL A 392 -0.27 -2.87 14.80
CA VAL A 392 -0.88 -1.55 14.62
C VAL A 392 0.17 -0.47 14.85
N LEU A 393 0.90 -0.56 15.96
CA LEU A 393 1.84 0.50 16.33
C LEU A 393 2.88 0.71 15.25
N VAL A 394 3.53 -0.38 14.83
CA VAL A 394 4.55 -0.28 13.78
C VAL A 394 3.96 0.33 12.52
N ILE A 395 2.68 0.05 12.25
CA ILE A 395 2.04 0.65 11.08
C ILE A 395 1.82 2.14 11.31
N PHE A 396 1.32 2.51 12.50
CA PHE A 396 1.00 3.92 12.74
C PHE A 396 2.25 4.77 12.86
N VAL A 397 3.21 4.32 13.67
CA VAL A 397 4.49 4.98 13.82
C VAL A 397 5.58 4.01 13.40
N GLY A 398 6.44 4.45 12.48
CA GLY A 398 7.48 3.62 11.91
C GLY A 398 7.22 3.25 10.46
N SER A 399 5.98 3.31 10.02
CA SER A 399 5.64 3.07 8.62
C SER A 399 4.70 4.12 8.02
N PHE A 400 3.91 4.83 8.84
CA PHE A 400 3.05 5.89 8.37
C PHE A 400 3.59 7.28 8.69
N TYR A 401 4.40 7.40 9.74
CA TYR A 401 4.92 8.70 10.16
C TYR A 401 6.32 8.97 9.59
N LEU A 402 7.19 7.97 9.59
CA LEU A 402 8.55 8.15 9.07
C LEU A 402 8.54 8.44 7.58
N VAL A 403 7.71 7.70 6.82
CA VAL A 403 7.64 7.90 5.38
C VAL A 403 7.15 9.30 5.06
N ASN A 404 6.11 9.76 5.77
CA ASN A 404 5.61 11.11 5.54
C ASN A 404 6.61 12.17 5.99
N LEU A 405 7.39 11.89 7.03
CA LEU A 405 8.47 12.78 7.42
C LEU A 405 9.47 12.94 6.29
N ILE A 406 9.89 11.83 5.69
CA ILE A 406 10.85 11.87 4.59
C ILE A 406 10.25 12.63 3.40
N LEU A 407 8.99 12.37 3.08
CA LEU A 407 8.35 13.04 1.97
C LEU A 407 8.27 14.54 2.20
N ALA A 408 7.93 14.96 3.42
CA ALA A 408 7.86 16.39 3.73
C ALA A 408 9.23 17.04 3.62
N VAL A 409 10.28 16.36 4.10
CA VAL A 409 11.62 16.93 4.02
C VAL A 409 12.02 17.13 2.57
N VAL A 410 11.80 16.11 1.73
CA VAL A 410 12.11 16.24 0.31
C VAL A 410 11.26 17.34 -0.31
N ALA A 411 10.01 17.49 0.15
CA ALA A 411 9.12 18.50 -0.40
C ALA A 411 9.64 19.90 -0.14
N MET A 412 10.04 20.18 1.10
CA MET A 412 10.54 21.54 1.37
C MET A 412 11.90 21.77 0.72
N ALA A 413 12.71 20.72 0.57
CA ALA A 413 13.96 20.88 -0.17
C ALA A 413 13.68 21.28 -1.61
N TYR A 414 12.72 20.61 -2.26
CA TYR A 414 12.38 20.97 -3.63
C TYR A 414 11.74 22.35 -3.71
N GLU A 415 10.98 22.72 -2.68
CA GLU A 415 10.41 24.07 -2.63
C GLU A 415 11.50 25.13 -2.60
N GLU A 416 12.51 24.92 -1.76
CA GLU A 416 13.63 25.87 -1.69
C GLU A 416 14.38 25.94 -3.02
N GLN A 417 14.62 24.78 -3.65
CA GLN A 417 15.30 24.79 -4.94
C GLN A 417 14.49 25.55 -5.99
N ASN A 418 13.18 25.29 -6.05
CA ASN A 418 12.33 25.96 -7.03
C ASN A 418 12.31 27.46 -6.79
N GLN A 419 12.20 27.87 -5.52
CA GLN A 419 12.22 29.29 -5.19
C GLN A 419 13.52 29.94 -5.62
N ALA A 420 14.66 29.30 -5.35
CA ALA A 420 15.95 29.87 -5.73
C ALA A 420 16.06 30.00 -7.24
N THR A 421 15.59 28.99 -7.98
CA THR A 421 15.60 29.08 -9.44
C THR A 421 14.77 30.25 -9.93
N LEU A 422 13.59 30.45 -9.33
CA LEU A 422 12.76 31.60 -9.70
C LEU A 422 13.47 32.92 -9.41
N GLU A 423 14.16 33.01 -8.28
CA GLU A 423 14.89 34.25 -7.97
C GLU A 423 15.98 34.52 -9.00
N GLU A 424 16.75 33.50 -9.38
CA GLU A 424 17.76 33.72 -10.43
C GLU A 424 17.11 34.16 -11.73
N ALA A 425 15.98 33.53 -12.10
CA ALA A 425 15.32 33.89 -13.34
C ALA A 425 14.87 35.35 -13.33
N GLU A 426 14.25 35.78 -12.23
CA GLU A 426 13.75 37.16 -12.21
C GLU A 426 14.90 38.16 -12.10
N GLN A 427 16.01 37.78 -11.46
CA GLN A 427 17.18 38.65 -11.44
C GLN A 427 17.73 38.85 -12.85
N LYS A 428 17.83 37.77 -13.64
CA LYS A 428 18.29 37.90 -15.01
C LYS A 428 17.35 38.77 -15.83
N GLU A 429 16.04 38.54 -15.67
CA GLU A 429 15.06 39.36 -16.41
C GLU A 429 15.12 40.81 -15.98
N ALA A 430 15.48 41.09 -14.73
CA ALA A 430 15.60 42.47 -14.27
C ALA A 430 16.84 43.14 -14.83
N GLU A 431 17.97 42.40 -14.89
CA GLU A 431 19.17 42.95 -15.53
C GLU A 431 18.93 43.20 -17.01
N PHE A 432 18.05 42.40 -17.63
CA PHE A 432 17.65 42.69 -19.00
C PHE A 432 17.05 44.08 -19.14
N LYS A 433 16.32 44.55 -18.11
CA LYS A 433 15.77 45.90 -18.15
C LYS A 433 16.86 46.95 -18.17
N ALA A 434 17.91 46.77 -17.36
CA ALA A 434 19.03 47.70 -17.38
C ALA A 434 19.73 47.70 -18.73
N MET A 435 19.91 46.51 -19.32
CA MET A 435 20.51 46.44 -20.65
C MET A 435 19.65 47.16 -21.69
N LEU A 436 18.33 47.00 -21.61
CA LEU A 436 17.44 47.70 -22.52
C LEU A 436 17.53 49.21 -22.34
N GLU A 437 17.60 49.66 -21.09
CA GLU A 437 17.75 51.09 -20.84
C GLU A 437 19.04 51.62 -21.43
N GLN A 438 20.14 50.87 -21.28
CA GLN A 438 21.42 51.30 -21.83
C GLN A 438 21.35 51.39 -23.35
N LEU A 439 20.78 50.37 -24.00
CA LEU A 439 20.74 50.38 -25.46
C LEU A 439 19.82 51.49 -25.98
N LYS A 440 18.69 51.72 -25.31
CA LYS A 440 17.80 52.79 -25.77
C LYS A 440 18.39 54.17 -25.51
N LYS A 441 19.20 54.32 -24.46
CA LYS A 441 19.89 55.59 -24.25
C LYS A 441 20.96 55.81 -25.30
N GLN A 442 21.69 54.75 -25.68
CA GLN A 442 22.73 54.88 -26.69
C GLN A 442 22.19 54.95 -28.10
N GLN A 443 20.92 54.59 -28.31
CA GLN A 443 20.35 54.62 -29.66
C GLN A 443 20.30 56.04 -30.21
N GLU A 444 19.87 57.00 -29.39
CA GLU A 444 19.75 58.38 -29.84
C GLU A 444 20.99 59.19 -29.47
N PRO A 737 -8.86 27.67 -61.97
CA PRO A 737 -9.85 26.76 -62.53
C PRO A 737 -11.02 26.50 -61.58
N TYR A 738 -11.63 27.58 -61.10
CA TYR A 738 -12.76 27.52 -60.17
C TYR A 738 -12.41 26.79 -58.87
N TRP A 739 -11.11 26.71 -58.55
CA TRP A 739 -10.70 26.03 -57.32
C TRP A 739 -11.11 26.81 -56.08
N ILE A 740 -11.05 28.14 -56.15
CA ILE A 740 -11.38 28.96 -54.98
C ILE A 740 -12.86 28.83 -54.64
N LYS A 741 -13.71 28.69 -55.65
CA LYS A 741 -15.15 28.55 -55.41
C LYS A 741 -15.44 27.30 -54.59
N LEU A 742 -14.93 26.15 -55.03
CA LEU A 742 -15.16 24.93 -54.28
C LEU A 742 -14.42 24.94 -52.95
N LYS A 743 -13.29 25.64 -52.87
CA LYS A 743 -12.58 25.80 -51.60
C LYS A 743 -13.48 26.49 -50.57
N GLU A 744 -14.06 27.64 -50.94
CA GLU A 744 -14.94 28.34 -50.02
C GLU A 744 -16.21 27.53 -49.75
N ILE A 745 -16.69 26.80 -50.76
CA ILE A 745 -17.91 26.01 -50.58
C ILE A 745 -17.69 24.92 -49.53
N VAL A 746 -16.59 24.17 -49.66
CA VAL A 746 -16.28 23.16 -48.67
C VAL A 746 -15.90 23.79 -47.34
N ASN A 747 -15.48 25.05 -47.35
CA ASN A 747 -15.27 25.76 -46.09
C ASN A 747 -16.58 26.05 -45.39
N LEU A 748 -17.65 26.33 -46.13
CA LEU A 748 -18.89 26.81 -45.53
C LEU A 748 -19.41 25.88 -44.44
N ILE A 749 -19.06 24.59 -44.51
CA ILE A 749 -19.55 23.62 -43.54
C ILE A 749 -18.50 23.34 -42.48
N VAL A 750 -17.58 24.29 -42.29
CA VAL A 750 -16.52 24.17 -41.28
C VAL A 750 -16.76 25.11 -40.10
N MET A 751 -16.95 26.41 -40.38
CA MET A 751 -17.13 27.40 -39.31
C MET A 751 -18.57 27.40 -38.79
N ASP A 752 -19.03 26.23 -38.37
CA ASP A 752 -20.33 26.09 -37.73
C ASP A 752 -20.16 25.28 -36.46
N PRO A 753 -20.80 25.69 -35.36
CA PRO A 753 -20.74 24.89 -34.13
C PRO A 753 -21.32 23.50 -34.30
N PHE A 754 -22.25 23.33 -35.23
CA PHE A 754 -22.94 22.06 -35.40
C PHE A 754 -21.98 20.95 -35.81
N VAL A 755 -21.04 21.25 -36.70
CA VAL A 755 -20.12 20.21 -37.17
C VAL A 755 -19.17 19.79 -36.05
N ASP A 756 -18.69 20.75 -35.25
CA ASP A 756 -17.81 20.40 -34.14
C ASP A 756 -18.56 19.60 -33.08
N LEU A 757 -19.80 19.99 -32.77
CA LEU A 757 -20.59 19.23 -31.81
C LEU A 757 -20.86 17.81 -32.33
N ALA A 758 -21.14 17.68 -33.62
CA ALA A 758 -21.34 16.37 -34.21
C ALA A 758 -20.07 15.53 -34.14
N ILE A 759 -18.92 16.15 -34.36
CA ILE A 759 -17.65 15.41 -34.27
C ILE A 759 -17.43 14.91 -32.84
N THR A 760 -17.67 15.77 -31.85
CA THR A 760 -17.49 15.34 -30.46
C THR A 760 -18.47 14.22 -30.10
N ILE A 761 -19.72 14.34 -30.53
CA ILE A 761 -20.70 13.30 -30.29
C ILE A 761 -20.26 12.00 -30.96
N CYS A 762 -19.67 12.11 -32.16
CA CYS A 762 -19.17 10.93 -32.85
C CYS A 762 -18.05 10.25 -32.07
N ILE A 763 -17.14 11.05 -31.49
CA ILE A 763 -16.07 10.45 -30.68
C ILE A 763 -16.65 9.74 -29.47
N VAL A 764 -17.60 10.38 -28.78
CA VAL A 764 -18.20 9.76 -27.60
C VAL A 764 -18.92 8.47 -27.97
N LEU A 765 -19.68 8.49 -29.07
CA LEU A 765 -20.38 7.29 -29.51
C LEU A 765 -19.41 6.20 -29.94
N ASN A 766 -18.27 6.58 -30.56
CA ASN A 766 -17.26 5.58 -30.91
C ASN A 766 -16.68 4.93 -29.67
N THR A 767 -16.42 5.72 -28.63
CA THR A 767 -15.94 5.14 -27.38
C THR A 767 -16.97 4.18 -26.77
N LEU A 768 -18.24 4.60 -26.75
CA LEU A 768 -19.28 3.74 -26.21
C LEU A 768 -19.46 2.47 -27.04
N PHE A 769 -19.24 2.56 -28.35
CA PHE A 769 -19.34 1.39 -29.21
C PHE A 769 -18.17 0.44 -28.99
N MET A 770 -16.96 0.98 -28.85
CA MET A 770 -15.80 0.15 -28.57
C MET A 770 -15.90 -0.51 -27.21
N ALA A 771 -16.58 0.12 -26.26
CA ALA A 771 -16.73 -0.48 -24.95
C ALA A 771 -17.76 -1.60 -24.91
N MET A 772 -18.38 -1.94 -26.04
CA MET A 772 -19.47 -2.91 -26.08
C MET A 772 -19.03 -4.32 -26.45
N GLU A 773 -17.74 -4.58 -26.59
CA GLU A 773 -17.26 -5.88 -27.05
C GLU A 773 -16.83 -6.75 -25.86
N HIS A 774 -17.15 -8.04 -25.96
CA HIS A 774 -16.81 -9.01 -24.94
C HIS A 774 -16.36 -10.30 -25.61
N HIS A 775 -15.71 -11.16 -24.84
CA HIS A 775 -15.22 -12.42 -25.41
C HIS A 775 -16.34 -13.34 -25.86
N PRO A 776 -17.37 -13.65 -25.05
CA PRO A 776 -18.43 -14.54 -25.57
C PRO A 776 -19.45 -13.77 -26.42
N MET A 777 -19.06 -13.49 -27.66
CA MET A 777 -19.86 -12.67 -28.56
C MET A 777 -20.36 -13.51 -29.73
N THR A 778 -21.65 -13.33 -30.04
CA THR A 778 -22.43 -13.93 -31.12
C THR A 778 -22.12 -13.24 -32.44
N PRO A 779 -22.29 -13.93 -33.58
CA PRO A 779 -22.05 -13.27 -34.87
C PRO A 779 -22.92 -12.04 -35.09
N GLN A 780 -24.16 -12.08 -34.61
CA GLN A 780 -25.05 -10.94 -34.76
C GLN A 780 -24.48 -9.70 -34.09
N PHE A 781 -23.84 -9.87 -32.93
CA PHE A 781 -23.23 -8.73 -32.25
C PHE A 781 -22.00 -8.22 -32.98
N GLU A 782 -21.14 -9.12 -33.46
CA GLU A 782 -19.92 -8.67 -34.11
C GLU A 782 -20.20 -8.00 -35.44
N HIS A 783 -21.25 -8.43 -36.16
CA HIS A 783 -21.60 -7.73 -37.40
C HIS A 783 -22.00 -6.28 -37.11
N VAL A 784 -22.80 -6.07 -36.08
CA VAL A 784 -23.21 -4.71 -35.70
C VAL A 784 -21.99 -3.89 -35.29
N LEU A 785 -21.11 -4.48 -34.48
CA LEU A 785 -19.90 -3.78 -34.07
C LEU A 785 -19.02 -3.41 -35.26
N ALA A 786 -18.83 -4.33 -36.19
CA ALA A 786 -18.02 -4.07 -37.38
C ALA A 786 -18.62 -2.99 -38.27
N VAL A 787 -19.93 -3.03 -38.52
CA VAL A 787 -20.53 -2.00 -39.37
C VAL A 787 -20.48 -0.64 -38.68
N GLY A 788 -20.67 -0.61 -37.36
CA GLY A 788 -20.53 0.65 -36.64
C GLY A 788 -19.12 1.20 -36.71
N ASN A 789 -18.12 0.34 -36.54
CA ASN A 789 -16.73 0.76 -36.66
C ASN A 789 -16.44 1.29 -38.06
N LEU A 790 -16.93 0.60 -39.08
CA LEU A 790 -16.72 1.04 -40.45
C LEU A 790 -17.33 2.41 -40.69
N VAL A 791 -18.58 2.60 -40.26
CA VAL A 791 -19.25 3.88 -40.52
C VAL A 791 -18.58 5.00 -39.74
N PHE A 792 -18.08 4.72 -38.52
CA PHE A 792 -17.47 5.78 -37.74
C PHE A 792 -16.10 6.15 -38.28
N THR A 793 -15.33 5.16 -38.74
CA THR A 793 -14.08 5.45 -39.43
C THR A 793 -14.33 6.26 -40.69
N GLY A 794 -15.40 5.92 -41.43
CA GLY A 794 -15.74 6.71 -42.60
C GLY A 794 -16.09 8.14 -42.27
N ILE A 795 -16.86 8.35 -41.20
CA ILE A 795 -17.23 9.71 -40.80
C ILE A 795 -15.99 10.51 -40.41
N PHE A 796 -15.10 9.92 -39.61
CA PHE A 796 -13.91 10.63 -39.16
C PHE A 796 -12.98 10.95 -40.34
N THR A 797 -12.78 9.98 -41.24
CA THR A 797 -11.92 10.24 -42.38
C THR A 797 -12.54 11.25 -43.34
N ALA A 798 -13.88 11.27 -43.44
CA ALA A 798 -14.53 12.31 -44.24
C ALA A 798 -14.32 13.68 -43.62
N GLU A 799 -14.41 13.78 -42.30
CA GLU A 799 -14.17 15.06 -41.64
C GLU A 799 -12.75 15.55 -41.88
N MET A 800 -11.76 14.67 -41.71
CA MET A 800 -10.37 15.06 -41.96
C MET A 800 -10.15 15.43 -43.42
N PHE A 801 -10.71 14.64 -44.33
CA PHE A 801 -10.57 14.88 -45.77
C PHE A 801 -11.14 16.23 -46.14
N LEU A 802 -12.32 16.56 -45.59
CA LEU A 802 -12.92 17.86 -45.86
C LEU A 802 -12.11 18.99 -45.24
N LYS A 803 -11.53 18.76 -44.07
CA LYS A 803 -10.68 19.79 -43.45
C LYS A 803 -9.46 20.08 -44.31
N LEU A 804 -8.84 19.03 -44.88
CA LEU A 804 -7.58 19.22 -45.58
C LEU A 804 -7.72 19.95 -46.90
N ILE A 805 -8.92 20.02 -47.49
CA ILE A 805 -9.14 20.79 -48.71
C ILE A 805 -9.57 22.21 -48.43
N ALA A 806 -10.27 22.45 -47.34
CA ALA A 806 -10.84 23.77 -47.06
C ALA A 806 -9.75 24.83 -46.88
N MET A 807 -8.69 24.51 -46.14
CA MET A 807 -7.63 25.48 -45.90
C MET A 807 -6.56 25.44 -46.98
N ASP A 808 -5.89 24.28 -47.11
CA ASP A 808 -4.84 24.09 -48.09
C ASP A 808 -4.49 22.61 -48.17
N PRO A 809 -4.36 22.04 -49.37
CA PRO A 809 -4.07 20.59 -49.46
C PRO A 809 -2.76 20.19 -48.81
N TYR A 810 -1.77 21.10 -48.73
CA TYR A 810 -0.48 20.79 -48.14
C TYR A 810 -0.05 21.83 -47.12
N TYR A 811 -0.99 22.56 -46.54
CA TYR A 811 -0.66 23.67 -45.66
C TYR A 811 -1.87 23.92 -44.74
N TYR A 812 -1.65 24.72 -43.70
CA TYR A 812 -2.63 24.96 -42.65
C TYR A 812 -3.05 23.66 -41.97
N PHE A 813 -2.05 22.83 -41.65
CA PHE A 813 -2.30 21.59 -40.90
C PHE A 813 -1.30 21.41 -39.76
N GLN A 814 -0.66 22.49 -39.32
CA GLN A 814 0.33 22.44 -38.26
C GLN A 814 0.01 23.39 -37.11
N GLU A 815 -1.28 23.74 -36.95
CA GLU A 815 -1.70 24.67 -35.91
C GLU A 815 -2.14 23.96 -34.63
N GLY A 816 -1.64 22.77 -34.37
CA GLY A 816 -2.03 22.03 -33.19
C GLY A 816 -3.33 21.28 -33.38
N TRP A 817 -3.38 20.02 -32.95
CA TRP A 817 -4.52 19.12 -33.03
C TRP A 817 -4.88 18.75 -34.47
N ASN A 818 -4.19 19.30 -35.46
CA ASN A 818 -4.41 18.92 -36.86
C ASN A 818 -3.40 17.89 -37.35
N ILE A 819 -2.29 17.72 -36.64
CA ILE A 819 -1.39 16.61 -36.93
C ILE A 819 -1.80 15.38 -36.14
N PHE A 820 -2.36 15.57 -34.94
CA PHE A 820 -2.79 14.46 -34.11
C PHE A 820 -3.92 13.67 -34.79
N ASP A 821 -4.98 14.37 -35.21
CA ASP A 821 -6.09 13.69 -35.86
C ASP A 821 -5.67 13.13 -37.21
N GLY A 822 -4.76 13.80 -37.90
CA GLY A 822 -4.22 13.24 -39.14
C GLY A 822 -3.49 11.93 -38.91
N PHE A 823 -2.68 11.87 -37.85
CA PHE A 823 -1.97 10.63 -37.51
C PHE A 823 -2.99 9.53 -37.20
N ILE A 824 -4.02 9.88 -36.41
CA ILE A 824 -5.03 8.89 -36.03
C ILE A 824 -5.76 8.36 -37.26
N VAL A 825 -6.19 9.26 -38.15
CA VAL A 825 -6.97 8.84 -39.31
C VAL A 825 -6.10 8.06 -40.28
N SER A 826 -4.83 8.45 -40.44
CA SER A 826 -3.94 7.70 -41.31
C SER A 826 -3.72 6.30 -40.78
N LEU A 827 -3.55 6.16 -39.47
CA LEU A 827 -3.45 4.84 -38.87
C LEU A 827 -4.72 4.03 -39.10
N SER A 828 -5.89 4.68 -39.01
CA SER A 828 -7.14 3.97 -39.25
C SER A 828 -7.23 3.47 -40.68
N LEU A 829 -6.88 4.31 -41.66
CA LEU A 829 -6.92 3.86 -43.05
C LEU A 829 -5.91 2.76 -43.32
N MET A 830 -4.70 2.87 -42.75
CA MET A 830 -3.72 1.80 -42.91
C MET A 830 -4.22 0.49 -42.30
N GLU A 831 -4.93 0.59 -41.17
CA GLU A 831 -5.54 -0.58 -40.56
C GLU A 831 -6.64 -1.17 -41.44
N LEU A 832 -7.38 -0.31 -42.16
CA LEU A 832 -8.41 -0.81 -43.06
C LEU A 832 -7.81 -1.72 -44.13
N SER A 833 -6.68 -1.32 -44.70
CA SER A 833 -5.94 -2.19 -45.62
C SER A 833 -5.10 -3.17 -44.79
N LEU A 834 -4.25 -3.93 -45.47
CA LEU A 834 -3.33 -4.90 -44.89
C LEU A 834 -4.07 -6.11 -44.30
N ALA A 835 -5.40 -6.08 -44.28
CA ALA A 835 -6.24 -7.16 -43.73
C ALA A 835 -5.87 -7.34 -42.25
N ASP A 836 -5.79 -8.57 -41.76
CA ASP A 836 -5.54 -8.87 -40.35
C ASP A 836 -4.48 -9.95 -40.22
N VAL A 837 -3.36 -9.78 -40.94
CA VAL A 837 -2.31 -10.80 -40.95
C VAL A 837 -1.73 -10.99 -39.55
N GLU A 838 -1.18 -9.92 -38.97
CA GLU A 838 -0.59 -9.97 -37.64
C GLU A 838 -0.53 -8.56 -37.08
N GLY A 839 -0.60 -8.47 -35.75
CA GLY A 839 -0.45 -7.20 -35.06
C GLY A 839 -1.66 -6.29 -35.10
N LEU A 840 -2.79 -6.74 -35.65
CA LEU A 840 -3.96 -5.88 -35.73
C LEU A 840 -4.58 -5.64 -34.36
N SER A 841 -4.41 -6.60 -33.43
CA SER A 841 -5.04 -6.47 -32.12
C SER A 841 -4.55 -5.21 -31.41
N VAL A 842 -3.25 -4.92 -31.49
CA VAL A 842 -2.74 -3.66 -30.96
C VAL A 842 -2.99 -2.50 -31.91
N LEU A 843 -3.15 -2.77 -33.22
CA LEU A 843 -3.38 -1.70 -34.18
C LEU A 843 -4.71 -1.00 -33.93
N ARG A 844 -5.76 -1.77 -33.62
CA ARG A 844 -7.06 -1.19 -33.32
C ARG A 844 -7.12 -0.54 -31.94
N SER A 845 -5.98 -0.38 -31.28
CA SER A 845 -5.93 0.18 -29.94
C SER A 845 -5.36 1.59 -29.91
N PHE A 846 -5.11 2.21 -31.06
CA PHE A 846 -4.59 3.56 -31.11
C PHE A 846 -5.64 4.61 -31.51
N ARG A 847 -6.83 4.18 -31.90
CA ARG A 847 -7.88 5.12 -32.28
C ARG A 847 -8.52 5.79 -31.07
N LEU A 848 -8.52 5.13 -29.91
CA LEU A 848 -9.13 5.71 -28.72
C LEU A 848 -8.49 7.02 -28.31
N LEU A 849 -7.34 7.36 -28.88
CA LEU A 849 -6.73 8.67 -28.61
C LEU A 849 -7.63 9.82 -29.06
N ARG A 850 -8.60 9.56 -29.93
CA ARG A 850 -9.57 10.59 -30.28
C ARG A 850 -10.34 11.07 -29.06
N VAL A 851 -10.37 10.27 -27.99
CA VAL A 851 -10.98 10.70 -26.73
C VAL A 851 -10.33 11.99 -26.26
N PHE A 852 -9.01 12.09 -26.39
CA PHE A 852 -8.30 13.28 -25.97
C PHE A 852 -8.68 14.51 -26.77
N LYS A 853 -9.36 14.35 -27.91
CA LYS A 853 -9.89 15.48 -28.63
C LYS A 853 -10.92 16.26 -27.80
N LEU A 854 -11.48 15.63 -26.77
CA LEU A 854 -12.37 16.31 -25.84
C LEU A 854 -11.63 17.21 -24.86
N ALA A 855 -10.29 17.18 -24.86
CA ALA A 855 -9.53 17.97 -23.90
C ALA A 855 -9.70 19.47 -24.14
N LYS A 856 -9.97 19.88 -25.37
CA LYS A 856 -10.15 21.30 -25.65
C LYS A 856 -11.39 21.85 -24.95
N SER A 857 -12.37 21.00 -24.66
CA SER A 857 -13.56 21.41 -23.94
C SER A 857 -13.57 20.98 -22.49
N TRP A 858 -12.64 20.12 -22.07
CA TRP A 858 -12.61 19.61 -20.71
C TRP A 858 -11.41 20.18 -19.98
N PRO A 859 -11.60 21.12 -19.05
CA PRO A 859 -10.43 21.70 -18.35
C PRO A 859 -9.60 20.69 -17.59
N THR A 860 -10.23 19.68 -16.97
CA THR A 860 -9.47 18.71 -16.18
C THR A 860 -8.69 17.77 -17.09
N LEU A 861 -9.29 17.35 -18.19
CA LEU A 861 -8.54 16.54 -19.16
C LEU A 861 -7.40 17.34 -19.77
N ASN A 862 -7.61 18.63 -20.00
CA ASN A 862 -6.53 19.49 -20.48
C ASN A 862 -5.41 19.60 -19.46
N MET A 863 -5.77 19.68 -18.18
CA MET A 863 -4.75 19.71 -17.13
C MET A 863 -3.97 18.41 -17.08
N LEU A 864 -4.67 17.28 -17.26
CA LEU A 864 -3.98 15.99 -17.32
C LEU A 864 -3.03 15.93 -18.51
N ILE A 865 -3.46 16.45 -19.66
CA ILE A 865 -2.59 16.49 -20.83
C ILE A 865 -1.36 17.35 -20.55
N LYS A 866 -1.56 18.49 -19.88
CA LYS A 866 -0.42 19.34 -19.52
C LYS A 866 0.54 18.61 -18.59
N ILE A 867 0.00 17.88 -17.61
CA ILE A 867 0.85 17.13 -16.68
C ILE A 867 1.66 16.08 -17.44
N ILE A 868 1.00 15.36 -18.36
CA ILE A 868 1.70 14.33 -19.12
C ILE A 868 2.79 14.96 -20.00
N GLY A 869 2.47 16.07 -20.65
CA GLY A 869 3.43 16.73 -21.53
C GLY A 869 4.57 17.41 -20.81
N ASN A 870 4.38 17.72 -19.52
CA ASN A 870 5.48 18.33 -18.76
C ASN A 870 6.65 17.38 -18.58
N SER A 871 6.38 16.08 -18.48
CA SER A 871 7.46 15.10 -18.31
C SER A 871 8.33 15.04 -19.56
N VAL A 872 7.72 14.90 -20.73
CA VAL A 872 8.46 14.94 -22.00
C VAL A 872 8.37 16.39 -22.48
N GLY A 873 9.31 17.21 -22.02
CA GLY A 873 9.24 18.64 -22.25
C GLY A 873 10.20 19.41 -21.38
N ALA A 874 9.70 20.42 -20.67
CA ALA A 874 10.55 21.20 -19.78
C ALA A 874 11.20 20.33 -18.72
N LEU A 875 10.43 19.41 -18.14
CA LEU A 875 10.97 18.47 -17.15
C LEU A 875 11.42 17.18 -17.81
N GLY A 876 12.24 17.29 -18.85
CA GLY A 876 12.66 16.13 -19.61
C GLY A 876 13.95 15.52 -19.12
N ASN A 877 14.85 16.36 -18.59
CA ASN A 877 16.13 15.87 -18.10
C ASN A 877 15.95 14.94 -16.91
N LEU A 878 14.97 15.22 -16.04
CA LEU A 878 14.70 14.33 -14.91
C LEU A 878 14.24 12.96 -15.40
N THR A 879 13.34 12.93 -16.38
CA THR A 879 12.88 11.66 -16.94
C THR A 879 14.03 10.91 -17.60
N LEU A 880 14.89 11.63 -18.33
CA LEU A 880 16.05 10.98 -18.94
C LEU A 880 16.97 10.39 -17.88
N VAL A 881 17.21 11.13 -16.80
CA VAL A 881 18.06 10.63 -15.72
C VAL A 881 17.46 9.38 -15.10
N LEU A 882 16.14 9.39 -14.88
CA LEU A 882 15.48 8.21 -14.34
C LEU A 882 15.63 7.02 -15.27
N ALA A 883 15.47 7.23 -16.58
CA ALA A 883 15.61 6.15 -17.54
C ALA A 883 17.03 5.60 -17.54
N ILE A 884 18.03 6.47 -17.50
CA ILE A 884 19.42 6.01 -17.48
C ILE A 884 19.69 5.23 -16.20
N ILE A 885 19.17 5.70 -15.06
CA ILE A 885 19.38 5.00 -13.80
C ILE A 885 18.75 3.60 -13.85
N VAL A 886 17.53 3.51 -14.38
CA VAL A 886 16.86 2.21 -14.46
C VAL A 886 17.63 1.27 -15.36
N PHE A 887 18.08 1.77 -16.52
CA PHE A 887 18.85 0.92 -17.44
C PHE A 887 20.15 0.46 -16.81
N ILE A 888 20.84 1.35 -16.11
CA ILE A 888 22.11 0.99 -15.47
C ILE A 888 21.88 -0.07 -14.40
N PHE A 889 20.86 0.10 -13.56
CA PHE A 889 20.59 -0.91 -12.54
C PHE A 889 20.22 -2.24 -13.18
N ALA A 890 19.43 -2.22 -14.25
CA ALA A 890 19.05 -3.47 -14.92
C ALA A 890 20.28 -4.19 -15.44
N VAL A 891 21.16 -3.48 -16.16
CA VAL A 891 22.32 -4.15 -16.73
C VAL A 891 23.28 -4.60 -15.63
N VAL A 892 23.38 -3.84 -14.54
CA VAL A 892 24.25 -4.23 -13.44
C VAL A 892 23.77 -5.55 -12.83
N GLY A 893 22.48 -5.62 -12.51
CA GLY A 893 21.95 -6.85 -11.95
C GLY A 893 22.06 -8.02 -12.90
N MET A 894 21.79 -7.78 -14.18
CA MET A 894 21.85 -8.86 -15.17
C MET A 894 23.28 -9.38 -15.33
N GLN A 895 24.27 -8.49 -15.33
CA GLN A 895 25.65 -8.95 -15.45
C GLN A 895 26.16 -9.58 -14.17
N LEU A 896 25.61 -9.19 -13.02
CA LEU A 896 26.08 -9.74 -11.76
C LEU A 896 25.51 -11.13 -11.51
N PHE A 897 24.18 -11.25 -11.47
CA PHE A 897 23.53 -12.50 -11.11
C PHE A 897 22.92 -13.23 -12.30
N GLY A 898 23.36 -12.90 -13.52
CA GLY A 898 22.79 -13.55 -14.69
C GLY A 898 23.08 -15.04 -14.75
N LYS A 899 24.33 -15.42 -14.52
CA LYS A 899 24.70 -16.83 -14.61
C LYS A 899 24.31 -17.62 -13.37
N SER A 900 24.27 -16.97 -12.21
CA SER A 900 23.94 -17.67 -10.98
C SER A 900 22.53 -18.23 -10.98
N TYR A 901 21.61 -17.55 -11.68
CA TYR A 901 20.23 -18.03 -11.75
C TYR A 901 20.11 -19.34 -12.51
N LYS A 902 21.08 -19.67 -13.35
CA LYS A 902 21.07 -20.95 -14.08
C LYS A 902 21.88 -22.01 -13.36
N GLU A 903 23.00 -21.63 -12.74
CA GLU A 903 23.81 -22.60 -12.00
C GLU A 903 23.04 -23.16 -10.82
N CYS A 904 22.29 -22.31 -10.12
CA CYS A 904 21.50 -22.69 -8.96
C CYS A 904 20.01 -22.53 -9.21
N VAL A 905 19.56 -22.98 -10.39
CA VAL A 905 18.18 -22.74 -10.81
C VAL A 905 17.21 -23.43 -9.86
N CYS A 906 17.48 -24.68 -9.50
CA CYS A 906 16.64 -25.34 -8.50
C CYS A 906 17.25 -25.32 -7.11
N LYS A 907 17.98 -24.25 -6.77
CA LYS A 907 18.05 -23.83 -5.38
C LYS A 907 16.79 -23.08 -4.98
N ILE A 908 16.03 -22.61 -5.96
CA ILE A 908 14.84 -21.78 -5.72
C ILE A 908 13.58 -22.32 -6.39
N ASN A 909 13.70 -23.15 -7.42
CA ASN A 909 12.55 -23.65 -8.17
C ASN A 909 12.73 -25.15 -8.38
N GLN A 910 11.91 -25.96 -7.69
CA GLN A 910 12.19 -27.38 -7.57
C GLN A 910 12.24 -28.09 -8.93
N ASP A 911 11.63 -27.49 -9.96
CA ASP A 911 11.61 -28.12 -11.27
C ASP A 911 12.95 -28.01 -12.00
N CYS A 912 13.91 -27.25 -11.44
CA CYS A 912 15.16 -26.84 -12.06
C CYS A 912 14.93 -26.09 -13.37
N GLU A 913 13.75 -25.55 -13.60
CA GLU A 913 13.51 -24.59 -14.67
C GLU A 913 13.45 -23.18 -14.09
N LEU A 914 13.93 -22.22 -14.87
CA LEU A 914 14.04 -20.84 -14.39
C LEU A 914 12.68 -20.32 -13.95
N PRO A 915 12.60 -19.62 -12.81
CA PRO A 915 11.32 -19.12 -12.32
C PRO A 915 10.75 -18.01 -13.18
N ARG A 916 9.58 -17.48 -12.80
CA ARG A 916 8.94 -16.43 -13.59
C ARG A 916 9.71 -15.12 -13.49
N TRP A 917 10.33 -14.85 -12.35
CA TRP A 917 11.07 -13.61 -12.12
C TRP A 917 12.54 -13.97 -11.94
N HIS A 918 13.28 -14.04 -13.03
CA HIS A 918 14.70 -14.32 -13.03
C HIS A 918 15.46 -13.11 -13.54
N MET A 919 16.78 -13.27 -13.66
CA MET A 919 17.68 -12.21 -14.08
C MET A 919 18.65 -12.72 -15.14
N HIS A 920 18.18 -13.63 -16.00
CA HIS A 920 19.04 -14.23 -17.00
C HIS A 920 19.16 -13.41 -18.28
N ASP A 921 18.18 -12.55 -18.57
CA ASP A 921 18.21 -11.71 -19.75
C ASP A 921 17.86 -10.28 -19.37
N PHE A 922 18.09 -9.36 -20.31
CA PHE A 922 17.91 -7.94 -20.03
C PHE A 922 16.45 -7.61 -19.71
N PHE A 923 15.51 -8.21 -20.45
CA PHE A 923 14.11 -7.88 -20.25
C PHE A 923 13.64 -8.25 -18.85
N HIS A 924 14.00 -9.44 -18.37
CA HIS A 924 13.56 -9.86 -17.05
C HIS A 924 14.24 -9.06 -15.94
N SER A 925 15.51 -8.69 -16.15
CA SER A 925 16.19 -7.84 -15.18
C SER A 925 15.52 -6.47 -15.11
N PHE A 926 15.17 -5.90 -16.26
CA PHE A 926 14.46 -4.63 -16.27
C PHE A 926 13.09 -4.76 -15.61
N LEU A 927 12.40 -5.88 -15.83
CA LEU A 927 11.12 -6.10 -15.17
C LEU A 927 11.28 -6.16 -13.66
N ILE A 928 12.34 -6.82 -13.18
CA ILE A 928 12.60 -6.89 -11.75
C ILE A 928 12.89 -5.50 -11.18
N VAL A 929 13.68 -4.71 -11.91
CA VAL A 929 13.99 -3.35 -11.46
C VAL A 929 12.72 -2.51 -11.39
N PHE A 930 11.86 -2.61 -12.41
CA PHE A 930 10.60 -1.87 -12.40
C PHE A 930 9.70 -2.34 -11.25
N ARG A 931 9.72 -3.65 -10.96
CA ARG A 931 8.93 -4.18 -9.86
C ARG A 931 9.40 -3.64 -8.51
N VAL A 932 10.71 -3.61 -8.29
CA VAL A 932 11.21 -3.08 -7.01
C VAL A 932 10.99 -1.57 -6.96
N LEU A 933 10.92 -0.91 -8.11
CA LEU A 933 10.48 0.48 -8.12
C LEU A 933 9.03 0.61 -7.69
N CYS A 934 8.18 -0.32 -8.14
CA CYS A 934 6.77 -0.28 -7.77
C CYS A 934 6.57 -0.56 -6.28
N GLY A 935 7.44 -1.36 -5.68
CA GLY A 935 7.36 -1.58 -4.24
C GLY A 935 7.50 -3.04 -3.82
N GLU A 936 7.64 -3.95 -4.78
CA GLU A 936 7.76 -5.37 -4.50
C GLU A 936 9.22 -5.79 -4.73
N TRP A 937 9.95 -6.03 -3.64
CA TRP A 937 11.36 -6.35 -3.74
C TRP A 937 11.82 -7.53 -2.88
N ILE A 938 11.11 -7.86 -1.81
CA ILE A 938 11.58 -8.94 -0.92
C ILE A 938 11.46 -10.29 -1.60
N GLU A 939 10.40 -10.49 -2.42
CA GLU A 939 10.20 -11.78 -3.06
C GLU A 939 11.32 -12.09 -4.04
N THR A 940 11.77 -11.10 -4.80
CA THR A 940 12.90 -11.31 -5.68
C THR A 940 14.22 -11.33 -4.90
N MET A 941 14.27 -10.61 -3.78
CA MET A 941 15.49 -10.60 -2.97
C MET A 941 15.79 -11.98 -2.41
N TRP A 942 14.77 -12.71 -1.95
CA TRP A 942 15.01 -14.04 -1.42
C TRP A 942 15.57 -14.98 -2.49
N ASP A 943 14.98 -14.95 -3.69
CA ASP A 943 15.47 -15.79 -4.77
C ASP A 943 16.89 -15.43 -5.16
N CYS A 944 17.19 -14.13 -5.24
CA CYS A 944 18.55 -13.70 -5.57
C CYS A 944 19.54 -14.08 -4.48
N MET A 945 19.12 -14.00 -3.23
CA MET A 945 19.98 -14.40 -2.11
C MET A 945 20.31 -15.89 -2.18
N GLU A 946 19.31 -16.71 -2.51
CA GLU A 946 19.51 -18.15 -2.52
C GLU A 946 20.45 -18.62 -3.62
N VAL A 947 20.80 -17.75 -4.58
CA VAL A 947 21.65 -18.15 -5.70
C VAL A 947 22.94 -17.34 -5.79
N ALA A 948 23.01 -16.13 -5.20
CA ALA A 948 24.18 -15.29 -5.36
C ALA A 948 24.65 -14.68 -4.04
N GLY A 949 24.39 -15.34 -2.91
CA GLY A 949 24.82 -14.85 -1.63
C GLY A 949 23.94 -13.74 -1.10
N GLN A 950 24.23 -13.33 0.13
CA GLN A 950 23.42 -12.33 0.80
C GLN A 950 24.01 -10.92 0.70
N ALA A 951 25.35 -10.80 0.76
CA ALA A 951 25.97 -9.48 0.82
C ALA A 951 25.74 -8.69 -0.46
N MET A 952 26.13 -9.26 -1.59
CA MET A 952 26.02 -8.54 -2.86
C MET A 952 24.56 -8.24 -3.20
N CYS A 953 23.68 -9.22 -2.99
CA CYS A 953 22.27 -9.04 -3.30
C CYS A 953 21.65 -7.97 -2.42
N LEU A 954 21.95 -8.00 -1.12
CA LEU A 954 21.44 -6.96 -0.22
C LEU A 954 21.93 -5.59 -0.63
N ILE A 955 23.22 -5.48 -0.95
CA ILE A 955 23.79 -4.19 -1.33
C ILE A 955 23.10 -3.64 -2.57
N VAL A 956 22.99 -4.47 -3.62
CA VAL A 956 22.44 -3.98 -4.88
C VAL A 956 20.96 -3.64 -4.72
N PHE A 957 20.20 -4.48 -4.01
CA PHE A 957 18.77 -4.22 -3.87
C PHE A 957 18.53 -2.97 -3.02
N MET A 958 19.29 -2.80 -1.93
CA MET A 958 19.15 -1.60 -1.13
C MET A 958 19.48 -0.35 -1.95
N MET A 959 20.58 -0.40 -2.71
CA MET A 959 20.97 0.76 -3.50
C MET A 959 19.90 1.09 -4.55
N VAL A 960 19.37 0.06 -5.22
CA VAL A 960 18.36 0.30 -6.24
C VAL A 960 17.10 0.89 -5.61
N MET A 961 16.60 0.26 -4.55
CA MET A 961 15.34 0.70 -3.96
C MET A 961 15.48 2.07 -3.30
N VAL A 962 16.69 2.48 -2.95
CA VAL A 962 16.88 3.84 -2.44
C VAL A 962 16.95 4.85 -3.57
N ILE A 963 17.85 4.61 -4.54
CA ILE A 963 18.12 5.62 -5.56
C ILE A 963 16.92 5.80 -6.49
N GLY A 964 16.36 4.69 -6.97
CA GLY A 964 15.22 4.78 -7.86
C GLY A 964 14.01 5.42 -7.20
N ASN A 965 13.76 5.06 -5.93
CA ASN A 965 12.66 5.68 -5.22
C ASN A 965 12.88 7.17 -5.03
N LEU A 966 14.12 7.58 -4.73
CA LEU A 966 14.41 9.00 -4.59
C LEU A 966 14.18 9.74 -5.90
N VAL A 967 14.62 9.16 -7.01
CA VAL A 967 14.44 9.82 -8.31
C VAL A 967 12.96 9.90 -8.66
N VAL A 968 12.19 8.84 -8.41
CA VAL A 968 10.77 8.84 -8.71
C VAL A 968 10.04 9.88 -7.85
N LEU A 969 10.41 9.96 -6.57
CA LEU A 969 9.80 10.96 -5.68
C LEU A 969 10.12 12.37 -6.16
N ASN A 970 11.36 12.61 -6.58
CA ASN A 970 11.73 13.93 -7.10
C ASN A 970 10.94 14.26 -8.35
N LEU A 971 10.77 13.30 -9.25
CA LEU A 971 9.99 13.54 -10.46
C LEU A 971 8.53 13.81 -10.12
N PHE A 972 7.97 13.08 -9.16
CA PHE A 972 6.60 13.33 -8.72
C PHE A 972 6.45 14.74 -8.20
N LEU A 973 7.36 15.17 -7.33
CA LEU A 973 7.28 16.52 -6.77
C LEU A 973 7.46 17.57 -7.84
N ALA A 974 8.37 17.35 -8.78
CA ALA A 974 8.59 18.31 -9.85
C ALA A 974 7.36 18.46 -10.74
N LEU A 975 6.72 17.34 -11.08
CA LEU A 975 5.50 17.41 -11.88
C LEU A 975 4.38 18.09 -11.10
N LEU A 976 4.29 17.83 -9.79
CA LEU A 976 3.30 18.50 -8.96
C LEU A 976 3.51 20.01 -8.96
N LEU A 977 4.78 20.43 -8.83
CA LEU A 977 5.08 21.86 -8.81
C LEU A 977 4.79 22.50 -10.16
N SER A 978 5.12 21.81 -11.25
CA SER A 978 4.84 22.33 -12.58
C SER A 978 3.34 22.43 -12.84
N SER A 979 2.54 21.48 -12.32
CA SER A 979 1.10 21.54 -12.47
C SER A 979 0.47 22.69 -11.70
N PHE A 980 1.13 23.17 -10.65
CA PHE A 980 0.61 24.29 -9.88
C PHE A 980 0.76 25.58 -10.68
N SER A 981 0.01 26.61 -10.27
CA SER A 981 -0.23 27.79 -11.10
C SER A 981 1.05 28.48 -11.59
N ALA A 982 2.23 28.04 -11.14
CA ALA A 982 3.47 28.61 -11.64
C ALA A 982 3.64 28.39 -13.13
N ASP A 983 2.96 27.38 -13.69
CA ASP A 983 3.02 27.15 -15.14
C ASP A 983 2.41 28.31 -15.90
N ASN A 984 1.28 28.83 -15.42
CA ASN A 984 0.65 29.97 -16.06
C ASN A 984 1.45 31.24 -15.81
N LEU A 985 1.73 31.98 -16.89
CA LEU A 985 2.47 33.23 -16.80
C LEU A 985 1.73 34.35 -17.52
N ALA A 986 0.40 34.21 -17.64
CA ALA A 986 -0.46 35.19 -18.31
C ALA A 986 -0.05 35.37 -19.77
N ALA A 987 0.51 34.33 -20.38
CA ALA A 987 0.87 34.40 -21.80
C ALA A 987 -0.36 34.50 -22.68
N THR A 988 -1.44 33.83 -22.28
CA THR A 988 -2.71 33.87 -23.00
C THR A 988 -3.82 34.30 -22.06
N ASP A 989 -4.85 34.93 -22.62
CA ASP A 989 -5.96 35.41 -21.82
C ASP A 989 -6.72 34.24 -21.21
N ASP A 990 -7.18 34.42 -19.97
CA ASP A 990 -7.89 33.38 -19.24
C ASP A 990 -9.23 33.12 -19.90
N ASP A 991 -9.35 31.97 -20.57
CA ASP A 991 -10.54 31.57 -21.33
C ASP A 991 -11.15 32.74 -22.10
N GLY A 992 -10.28 33.47 -22.81
CA GLY A 992 -10.76 34.59 -23.60
C GLY A 992 -11.67 34.18 -24.74
N GLU A 993 -11.38 33.03 -25.34
CA GLU A 993 -12.21 32.55 -26.44
C GLU A 993 -13.58 32.10 -25.95
N MET A 994 -14.51 32.00 -26.88
CA MET A 994 -15.90 31.68 -26.58
C MET A 994 -16.26 30.30 -27.15
N ASN A 995 -17.00 29.53 -26.36
CA ASN A 995 -17.33 28.15 -26.72
C ASN A 995 -18.57 28.14 -27.61
N ASN A 996 -18.43 27.55 -28.81
CA ASN A 996 -19.48 27.63 -29.82
C ASN A 996 -20.76 26.93 -29.40
N LEU A 997 -20.72 26.10 -28.35
CA LEU A 997 -21.91 25.41 -27.88
C LEU A 997 -22.97 26.40 -27.43
N GLN A 998 -22.56 27.49 -26.78
CA GLN A 998 -23.52 28.48 -26.29
C GLN A 998 -24.27 29.13 -27.45
N ILE A 999 -23.55 29.56 -28.48
CA ILE A 999 -24.21 30.18 -29.62
C ILE A 999 -25.05 29.16 -30.39
N SER A 1000 -24.61 27.90 -30.44
CA SER A 1000 -25.42 26.86 -31.08
C SER A 1000 -26.73 26.67 -30.34
N VAL A 1001 -26.69 26.63 -29.01
CA VAL A 1001 -27.92 26.51 -28.23
C VAL A 1001 -28.80 27.72 -28.43
N ILE A 1002 -28.20 28.92 -28.50
CA ILE A 1002 -28.99 30.13 -28.68
C ILE A 1002 -29.71 30.11 -30.02
N ARG A 1003 -29.02 29.72 -31.09
CA ARG A 1003 -29.67 29.69 -32.40
C ARG A 1003 -30.66 28.54 -32.52
N ILE A 1004 -30.43 27.45 -31.79
CA ILE A 1004 -31.44 26.38 -31.74
C ILE A 1004 -32.71 26.88 -31.07
N LYS A 1005 -32.55 27.61 -29.96
CA LYS A 1005 -33.71 28.17 -29.27
C LYS A 1005 -34.43 29.21 -30.12
N LYS A 1006 -33.68 30.00 -30.90
CA LYS A 1006 -34.29 31.07 -31.67
C LYS A 1006 -35.30 30.53 -32.68
N GLY A 1007 -34.97 29.45 -33.36
CA GLY A 1007 -35.85 28.87 -34.36
C GLY A 1007 -35.81 27.35 -34.43
N CYS A 1172 -55.62 25.29 9.96
CA CYS A 1172 -54.28 25.58 9.45
C CYS A 1172 -53.86 27.00 9.78
N GLN A 1173 -52.55 27.20 9.96
CA GLN A 1173 -51.98 28.51 10.28
C GLN A 1173 -52.64 29.12 11.51
N VAL A 1174 -52.90 28.29 12.52
CA VAL A 1174 -53.57 28.76 13.72
C VAL A 1174 -52.59 29.57 14.58
N ASN A 1175 -53.15 30.43 15.42
CA ASN A 1175 -52.35 31.28 16.29
C ASN A 1175 -51.84 30.48 17.48
N ILE A 1176 -50.96 31.10 18.26
CA ILE A 1176 -50.36 30.46 19.44
C ILE A 1176 -50.64 31.21 20.73
N GLU A 1177 -51.24 32.40 20.67
CA GLU A 1177 -51.53 33.17 21.88
C GLU A 1177 -52.98 32.96 22.32
N GLU A 1178 -53.32 31.71 22.61
CA GLU A 1178 -54.64 31.34 23.09
C GLU A 1178 -54.50 30.32 24.20
N GLY A 1179 -55.64 29.87 24.73
CA GLY A 1179 -55.61 28.95 25.85
C GLY A 1179 -54.88 27.65 25.54
N LEU A 1180 -55.16 27.07 24.37
CA LEU A 1180 -54.48 25.85 23.96
C LEU A 1180 -53.23 26.11 23.13
N GLY A 1181 -53.21 27.21 22.37
CA GLY A 1181 -52.04 27.51 21.57
C GLY A 1181 -50.81 27.83 22.41
N LYS A 1182 -51.00 28.60 23.47
CA LYS A 1182 -49.88 28.88 24.37
C LYS A 1182 -49.34 27.60 24.99
N SER A 1183 -50.24 26.73 25.44
CA SER A 1183 -49.82 25.47 26.03
C SER A 1183 -49.05 24.60 25.03
N TRP A 1184 -49.53 24.56 23.79
CA TRP A 1184 -48.82 23.82 22.74
C TRP A 1184 -47.44 24.41 22.49
N TRP A 1185 -47.34 25.75 22.52
CA TRP A 1185 -46.04 26.39 22.31
C TRP A 1185 -45.07 26.05 23.44
N ILE A 1186 -45.55 26.05 24.70
CA ILE A 1186 -44.69 25.62 25.80
C ILE A 1186 -44.31 24.16 25.65
N LEU A 1187 -45.23 23.33 25.16
CA LEU A 1187 -44.90 21.92 24.95
C LEU A 1187 -43.76 21.78 23.95
N ARG A 1188 -43.84 22.50 22.84
CA ARG A 1188 -42.78 22.43 21.83
C ARG A 1188 -41.47 22.98 22.38
N LYS A 1189 -41.53 24.09 23.13
CA LYS A 1189 -40.32 24.67 23.70
C LYS A 1189 -39.66 23.72 24.70
N THR A 1190 -40.47 23.02 25.50
CA THR A 1190 -39.91 22.06 26.44
C THR A 1190 -39.35 20.83 25.74
N CYS A 1191 -39.97 20.41 24.64
CA CYS A 1191 -39.38 19.35 23.83
C CYS A 1191 -38.02 19.77 23.29
N PHE A 1192 -37.91 21.01 22.81
CA PHE A 1192 -36.63 21.50 22.34
C PHE A 1192 -35.61 21.56 23.46
N LEU A 1193 -36.04 22.00 24.66
CA LEU A 1193 -35.13 22.05 25.80
C LEU A 1193 -34.64 20.66 26.18
N ILE A 1194 -35.54 19.67 26.15
CA ILE A 1194 -35.14 18.29 26.43
C ILE A 1194 -34.14 17.80 25.38
N VAL A 1195 -34.37 18.17 24.11
CA VAL A 1195 -33.42 17.80 23.06
C VAL A 1195 -32.05 18.39 23.33
N GLU A 1196 -32.02 19.67 23.70
CA GLU A 1196 -30.75 20.38 23.85
C GLU A 1196 -30.02 20.04 25.14
N HIS A 1197 -30.68 19.46 26.12
CA HIS A 1197 -30.06 19.18 27.41
C HIS A 1197 -28.91 18.20 27.24
N ASN A 1198 -27.73 18.56 27.74
CA ASN A 1198 -26.56 17.71 27.60
C ASN A 1198 -26.52 16.64 28.68
N TRP A 1199 -27.65 15.96 28.88
CA TRP A 1199 -27.72 14.75 29.70
C TRP A 1199 -28.48 13.70 28.91
N PHE A 1200 -29.36 14.19 28.02
CA PHE A 1200 -30.06 13.32 27.09
C PHE A 1200 -29.15 12.90 25.94
N GLU A 1201 -28.28 13.81 25.48
CA GLU A 1201 -27.37 13.47 24.39
C GLU A 1201 -26.38 12.39 24.81
N THR A 1202 -25.83 12.49 26.02
CA THR A 1202 -24.89 11.48 26.50
C THR A 1202 -25.57 10.12 26.64
N PHE A 1203 -26.80 10.12 27.16
CA PHE A 1203 -27.55 8.86 27.26
C PHE A 1203 -27.83 8.27 25.89
N ILE A 1204 -28.14 9.12 24.91
CA ILE A 1204 -28.39 8.65 23.55
C ILE A 1204 -27.11 8.05 22.97
N ILE A 1205 -25.97 8.69 23.20
CA ILE A 1205 -24.71 8.15 22.70
C ILE A 1205 -24.39 6.82 23.36
N PHE A 1206 -24.66 6.69 24.67
CA PHE A 1206 -24.45 5.42 25.35
C PHE A 1206 -25.34 4.34 24.78
N MET A 1207 -26.61 4.66 24.51
CA MET A 1207 -27.52 3.69 23.90
C MET A 1207 -27.04 3.30 22.51
N ILE A 1208 -26.54 4.26 21.74
CA ILE A 1208 -26.02 3.96 20.41
C ILE A 1208 -24.83 3.02 20.50
N LEU A 1209 -23.93 3.27 21.46
CA LEU A 1209 -22.78 2.39 21.65
C LEU A 1209 -23.22 0.99 22.03
N LEU A 1210 -24.19 0.87 22.93
CA LEU A 1210 -24.68 -0.45 23.33
C LEU A 1210 -25.32 -1.18 22.15
N SER A 1211 -26.13 -0.47 21.36
CA SER A 1211 -26.78 -1.10 20.21
C SER A 1211 -25.75 -1.54 19.17
N SER A 1212 -24.74 -0.71 18.92
CA SER A 1212 -23.70 -1.08 17.97
C SER A 1212 -22.90 -2.27 18.46
N GLY A 1213 -22.57 -2.31 19.75
CA GLY A 1213 -21.84 -3.44 20.30
C GLY A 1213 -22.64 -4.72 20.37
N ALA A 1214 -23.97 -4.61 20.43
CA ALA A 1214 -24.81 -5.80 20.43
C ALA A 1214 -24.73 -6.56 19.12
N LEU A 1215 -24.29 -5.91 18.04
CA LEU A 1215 -24.17 -6.57 16.74
C LEU A 1215 -22.92 -7.43 16.62
N ALA A 1216 -22.00 -7.35 17.59
CA ALA A 1216 -20.80 -8.17 17.54
C ALA A 1216 -21.07 -9.62 17.87
N PHE A 1217 -22.10 -9.90 18.66
CA PHE A 1217 -22.41 -11.27 19.07
C PHE A 1217 -23.34 -11.95 18.06
N GLU A 1218 -22.97 -11.93 16.79
CA GLU A 1218 -23.73 -12.58 15.74
C GLU A 1218 -22.84 -13.48 14.88
N ASP A 1219 -21.76 -13.99 15.47
CA ASP A 1219 -20.85 -14.87 14.75
C ASP A 1219 -21.50 -16.24 14.57
N ILE A 1220 -20.77 -17.16 13.91
CA ILE A 1220 -21.28 -18.49 13.67
C ILE A 1220 -21.36 -19.33 14.95
N TYR A 1221 -20.75 -18.87 16.04
CA TYR A 1221 -20.82 -19.55 17.32
C TYR A 1221 -22.05 -19.15 18.12
N ILE A 1222 -23.05 -18.54 17.46
CA ILE A 1222 -24.23 -18.06 18.19
C ILE A 1222 -25.03 -19.21 18.76
N GLU A 1223 -24.97 -20.40 18.14
CA GLU A 1223 -25.71 -21.53 18.66
C GLU A 1223 -25.16 -22.02 19.99
N GLN A 1224 -23.87 -21.78 20.25
CA GLN A 1224 -23.29 -22.17 21.53
C GLN A 1224 -23.83 -21.31 22.66
N ARG A 1225 -24.05 -20.02 22.41
CA ARG A 1225 -24.51 -19.08 23.43
C ARG A 1225 -25.98 -18.77 23.17
N LYS A 1226 -26.86 -19.61 23.71
CA LYS A 1226 -28.29 -19.41 23.53
C LYS A 1226 -28.80 -18.26 24.41
N THR A 1227 -28.34 -18.20 25.66
CA THR A 1227 -28.84 -17.18 26.58
C THR A 1227 -28.48 -15.77 26.12
N ILE A 1228 -27.25 -15.58 25.62
CA ILE A 1228 -26.85 -14.29 25.10
C ILE A 1228 -27.71 -13.91 23.90
N ARG A 1229 -27.99 -14.87 23.03
CA ARG A 1229 -28.85 -14.61 21.88
C ARG A 1229 -30.24 -14.15 22.32
N THR A 1230 -30.82 -14.84 23.30
CA THR A 1230 -32.15 -14.46 23.79
C THR A 1230 -32.13 -13.07 24.40
N ILE A 1231 -31.10 -12.78 25.21
CA ILE A 1231 -31.02 -11.47 25.86
C ILE A 1231 -30.90 -10.36 24.83
N LEU A 1232 -30.05 -10.56 23.82
CA LEU A 1232 -29.90 -9.53 22.78
C LEU A 1232 -31.18 -9.38 21.97
N GLU A 1233 -31.86 -10.50 21.67
CA GLU A 1233 -33.11 -10.43 20.92
C GLU A 1233 -34.16 -9.63 21.67
N TYR A 1234 -34.23 -9.81 23.00
CA TYR A 1234 -35.21 -9.05 23.77
C TYR A 1234 -34.78 -7.60 24.00
N ALA A 1235 -33.48 -7.33 24.05
CA ALA A 1235 -33.00 -5.96 24.22
C ALA A 1235 -33.12 -5.14 22.93
N ASP A 1236 -33.19 -5.81 21.78
CA ASP A 1236 -33.39 -5.09 20.53
C ASP A 1236 -34.70 -4.29 20.56
N LYS A 1237 -35.74 -4.87 21.17
CA LYS A 1237 -37.01 -4.18 21.28
C LYS A 1237 -36.87 -2.91 22.11
N VAL A 1238 -36.15 -2.98 23.23
CA VAL A 1238 -35.93 -1.80 24.06
C VAL A 1238 -35.18 -0.74 23.28
N PHE A 1239 -34.14 -1.15 22.55
CA PHE A 1239 -33.35 -0.20 21.79
C PHE A 1239 -34.19 0.51 20.73
N THR A 1240 -34.98 -0.25 19.98
CA THR A 1240 -35.77 0.38 18.93
C THR A 1240 -36.89 1.25 19.50
N TYR A 1241 -37.46 0.87 20.65
CA TYR A 1241 -38.43 1.74 21.30
C TYR A 1241 -37.78 3.04 21.75
N ILE A 1242 -36.57 2.95 22.30
CA ILE A 1242 -35.86 4.16 22.74
C ILE A 1242 -35.63 5.09 21.56
N PHE A 1243 -35.16 4.52 20.44
CA PHE A 1243 -34.87 5.36 19.29
C PHE A 1243 -36.14 5.92 18.64
N ILE A 1244 -37.24 5.16 18.67
CA ILE A 1244 -38.50 5.68 18.16
C ILE A 1244 -38.98 6.86 19.01
N LEU A 1245 -38.89 6.72 20.34
CA LEU A 1245 -39.27 7.82 21.21
C LEU A 1245 -38.39 9.04 20.98
N GLU A 1246 -37.09 8.82 20.80
CA GLU A 1246 -36.18 9.93 20.53
C GLU A 1246 -36.56 10.63 19.23
N MET A 1247 -36.87 9.85 18.18
CA MET A 1247 -37.26 10.44 16.90
C MET A 1247 -38.54 11.24 17.04
N LEU A 1248 -39.53 10.71 17.76
CA LEU A 1248 -40.80 11.44 17.93
C LEU A 1248 -40.58 12.74 18.69
N LEU A 1249 -39.82 12.68 19.78
CA LEU A 1249 -39.58 13.89 20.56
C LEU A 1249 -38.79 14.91 19.76
N LYS A 1250 -37.83 14.45 18.94
CA LYS A 1250 -37.12 15.35 18.05
C LYS A 1250 -38.06 15.97 17.02
N TRP A 1251 -39.02 15.20 16.53
CA TRP A 1251 -40.01 15.73 15.59
C TRP A 1251 -40.81 16.86 16.23
N THR A 1252 -41.30 16.65 17.45
CA THR A 1252 -42.07 17.71 18.10
C THR A 1252 -41.20 18.88 18.51
N ALA A 1253 -39.89 18.65 18.70
CA ALA A 1253 -39.01 19.74 19.13
C ALA A 1253 -38.57 20.60 17.95
N TYR A 1254 -37.86 20.00 16.98
CA TYR A 1254 -37.28 20.76 15.89
C TYR A 1254 -38.33 21.30 14.93
N GLY A 1255 -39.35 20.51 14.66
CA GLY A 1255 -40.31 20.86 13.63
C GLY A 1255 -40.04 20.10 12.35
N PHE A 1256 -41.09 19.95 11.53
CA PHE A 1256 -40.98 19.12 10.34
C PHE A 1256 -39.97 19.69 9.35
N VAL A 1257 -40.00 21.00 9.13
CA VAL A 1257 -39.10 21.59 8.14
C VAL A 1257 -37.64 21.49 8.60
N LYS A 1258 -37.39 21.76 9.89
CA LYS A 1258 -36.03 21.67 10.40
C LYS A 1258 -35.54 20.24 10.47
N PHE A 1259 -36.45 19.30 10.76
CA PHE A 1259 -36.06 17.89 10.77
C PHE A 1259 -35.78 17.36 9.38
N PHE A 1260 -36.50 17.85 8.37
CA PHE A 1260 -36.38 17.34 7.02
C PHE A 1260 -35.48 18.19 6.13
N THR A 1261 -34.87 19.26 6.66
CA THR A 1261 -33.94 20.08 5.88
C THR A 1261 -32.49 19.84 6.27
N ASN A 1262 -32.16 18.67 6.83
CA ASN A 1262 -30.79 18.32 7.13
C ASN A 1262 -30.59 16.82 6.94
N ALA A 1263 -29.34 16.44 6.67
CA ALA A 1263 -29.03 15.06 6.31
C ALA A 1263 -29.00 14.13 7.52
N TRP A 1264 -28.58 14.61 8.68
CA TRP A 1264 -28.38 13.74 9.83
C TRP A 1264 -29.71 13.18 10.33
N CYS A 1265 -30.71 14.05 10.51
CA CYS A 1265 -32.02 13.57 10.94
C CYS A 1265 -32.68 12.69 9.89
N TRP A 1266 -32.45 12.97 8.61
CA TRP A 1266 -32.96 12.10 7.56
C TRP A 1266 -32.34 10.71 7.63
N LEU A 1267 -31.03 10.64 7.86
CA LEU A 1267 -30.36 9.35 7.98
C LEU A 1267 -30.87 8.59 9.19
N ASP A 1268 -31.04 9.28 10.33
CA ASP A 1268 -31.58 8.63 11.52
C ASP A 1268 -33.00 8.14 11.28
N PHE A 1269 -33.81 8.93 10.56
CA PHE A 1269 -35.16 8.52 10.23
C PHE A 1269 -35.17 7.29 9.34
N LEU A 1270 -34.27 7.24 8.36
CA LEU A 1270 -34.19 6.05 7.51
C LEU A 1270 -33.80 4.82 8.31
N ILE A 1271 -32.83 4.95 9.21
CA ILE A 1271 -32.41 3.81 10.02
C ILE A 1271 -33.55 3.33 10.90
N VAL A 1272 -34.22 4.26 11.59
CA VAL A 1272 -35.29 3.87 12.50
C VAL A 1272 -36.47 3.33 11.72
N ALA A 1273 -36.69 3.80 10.48
CA ALA A 1273 -37.78 3.29 9.67
C ALA A 1273 -37.51 1.86 9.20
N VAL A 1274 -36.28 1.58 8.80
CA VAL A 1274 -35.96 0.21 8.43
C VAL A 1274 -36.03 -0.71 9.65
N SER A 1275 -35.64 -0.21 10.82
CA SER A 1275 -35.80 -1.00 12.04
C SER A 1275 -37.27 -1.26 12.34
N LEU A 1276 -38.12 -0.24 12.16
CA LEU A 1276 -39.55 -0.41 12.37
C LEU A 1276 -40.13 -1.43 11.42
N VAL A 1277 -39.73 -1.39 10.15
CA VAL A 1277 -40.20 -2.39 9.19
C VAL A 1277 -39.78 -3.78 9.63
N SER A 1278 -38.49 -3.95 9.92
CA SER A 1278 -37.99 -5.26 10.31
C SER A 1278 -38.57 -5.75 11.63
N LEU A 1279 -39.10 -4.84 12.44
CA LEU A 1279 -39.73 -5.22 13.71
C LEU A 1279 -41.19 -5.62 13.52
N ILE A 1280 -42.00 -4.74 12.93
CA ILE A 1280 -43.42 -5.02 12.80
C ILE A 1280 -43.67 -6.16 11.82
N ALA A 1281 -42.88 -6.25 10.75
CA ALA A 1281 -43.04 -7.37 9.83
C ALA A 1281 -42.73 -8.68 10.53
N ASN A 1282 -41.60 -8.74 11.25
CA ASN A 1282 -41.21 -9.96 11.95
C ASN A 1282 -42.28 -10.35 12.98
N ALA A 1283 -42.79 -9.37 13.73
CA ALA A 1283 -43.85 -9.66 14.68
C ALA A 1283 -45.09 -10.20 14.00
N LEU A 1284 -45.45 -9.63 12.84
CA LEU A 1284 -46.59 -10.15 12.09
C LEU A 1284 -46.29 -11.52 11.50
N GLY A 1285 -45.08 -11.72 11.00
CA GLY A 1285 -44.68 -13.02 10.47
C GLY A 1285 -43.70 -12.85 9.32
N TYR A 1286 -43.67 -13.84 8.44
CA TYR A 1286 -42.80 -13.84 7.26
C TYR A 1286 -41.35 -13.60 7.64
N SER A 1287 -40.92 -14.18 8.77
CA SER A 1287 -39.53 -14.05 9.19
C SER A 1287 -38.58 -14.76 8.25
N GLU A 1288 -39.07 -15.71 7.46
CA GLU A 1288 -38.26 -16.44 6.49
C GLU A 1288 -38.32 -15.82 5.10
N LEU A 1289 -39.04 -14.71 4.93
CA LEU A 1289 -39.16 -14.09 3.62
C LEU A 1289 -37.81 -13.57 3.14
N GLY A 1290 -37.61 -13.61 1.82
CA GLY A 1290 -36.36 -13.13 1.25
C GLY A 1290 -36.13 -11.65 1.49
N ALA A 1291 -37.19 -10.85 1.36
CA ALA A 1291 -37.06 -9.41 1.59
C ALA A 1291 -36.73 -9.11 3.04
N ILE A 1292 -37.38 -9.80 3.98
CA ILE A 1292 -37.10 -9.58 5.40
C ILE A 1292 -35.68 -10.01 5.74
N LYS A 1293 -35.26 -11.16 5.21
CA LYS A 1293 -33.90 -11.62 5.48
C LYS A 1293 -32.85 -10.71 4.86
N SER A 1294 -33.13 -10.13 3.69
CA SER A 1294 -32.21 -9.20 3.07
C SER A 1294 -32.23 -7.82 3.73
N LEU A 1295 -33.31 -7.48 4.44
CA LEU A 1295 -33.33 -6.28 5.25
C LEU A 1295 -32.68 -6.50 6.61
N ARG A 1296 -32.61 -7.75 7.06
CA ARG A 1296 -31.95 -8.04 8.34
C ARG A 1296 -30.47 -7.68 8.28
N THR A 1297 -29.80 -7.97 7.16
CA THR A 1297 -28.38 -7.65 7.05
C THR A 1297 -28.15 -6.15 6.88
N LEU A 1298 -29.19 -5.39 6.57
CA LEU A 1298 -29.07 -3.93 6.53
C LEU A 1298 -29.03 -3.32 7.92
N ARG A 1299 -29.19 -4.12 8.97
CA ARG A 1299 -29.07 -3.64 10.34
C ARG A 1299 -27.65 -3.18 10.68
N ALA A 1300 -26.67 -3.50 9.83
CA ALA A 1300 -25.29 -3.08 10.05
C ALA A 1300 -25.10 -1.58 9.93
N LEU A 1301 -26.13 -0.83 9.55
CA LEU A 1301 -26.06 0.62 9.48
C LEU A 1301 -26.41 1.28 10.81
N ARG A 1302 -26.71 0.49 11.84
CA ARG A 1302 -26.91 1.07 13.17
C ARG A 1302 -25.70 1.85 13.67
N PRO A 1303 -24.45 1.39 13.50
CA PRO A 1303 -23.31 2.24 13.89
C PRO A 1303 -23.23 3.53 13.11
N LEU A 1304 -23.93 3.66 11.98
CA LEU A 1304 -23.93 4.90 11.23
C LEU A 1304 -24.89 5.90 11.86
N ARG A 1305 -24.76 6.10 13.17
CA ARG A 1305 -25.55 7.07 13.90
C ARG A 1305 -24.73 7.91 14.87
N ALA A 1306 -23.50 7.51 15.19
CA ALA A 1306 -22.62 8.31 16.01
C ALA A 1306 -21.88 9.39 15.22
N LEU A 1307 -22.03 9.41 13.90
CA LEU A 1307 -21.40 10.45 13.09
C LEU A 1307 -21.94 11.82 13.45
N SER A 1308 -23.26 11.93 13.65
CA SER A 1308 -23.88 13.21 13.96
C SER A 1308 -23.75 13.58 15.43
N ARG A 1309 -23.26 12.69 16.28
CA ARG A 1309 -23.09 12.95 17.70
C ARG A 1309 -21.67 13.37 18.06
N PHE A 1310 -20.68 12.59 17.63
CA PHE A 1310 -19.29 12.92 17.89
C PHE A 1310 -18.86 14.06 16.98
N GLU A 1311 -18.34 15.14 17.57
CA GLU A 1311 -17.90 16.28 16.77
C GLU A 1311 -16.67 15.93 15.95
N GLY A 1312 -15.79 15.08 16.49
CA GLY A 1312 -14.58 14.71 15.76
C GLY A 1312 -14.88 13.99 14.46
N MET A 1313 -15.82 13.05 14.48
CA MET A 1313 -16.24 12.42 13.23
C MET A 1313 -16.96 13.42 12.32
N ARG A 1314 -17.81 14.26 12.90
CA ARG A 1314 -18.67 15.12 12.09
C ARG A 1314 -17.85 16.14 11.32
N VAL A 1315 -16.82 16.72 11.94
CA VAL A 1315 -16.03 17.73 11.24
C VAL A 1315 -15.29 17.11 10.06
N VAL A 1316 -14.72 15.92 10.24
CA VAL A 1316 -14.05 15.25 9.14
C VAL A 1316 -15.04 14.91 8.03
N VAL A 1317 -16.23 14.41 8.43
CA VAL A 1317 -17.22 14.00 7.45
C VAL A 1317 -17.68 15.19 6.62
N ASN A 1318 -17.95 16.33 7.28
CA ASN A 1318 -18.44 17.48 6.55
C ASN A 1318 -17.34 18.14 5.73
N ALA A 1319 -16.08 18.07 6.18
CA ALA A 1319 -14.97 18.53 5.34
C ALA A 1319 -14.87 17.70 4.06
N LEU A 1320 -14.97 16.38 4.20
CA LEU A 1320 -14.96 15.52 3.02
C LEU A 1320 -16.14 15.81 2.10
N VAL A 1321 -17.33 16.03 2.68
CA VAL A 1321 -18.50 16.32 1.87
C VAL A 1321 -18.34 17.63 1.12
N GLY A 1322 -17.81 18.66 1.80
CA GLY A 1322 -17.57 19.92 1.14
C GLY A 1322 -16.53 19.84 0.04
N ALA A 1323 -15.53 18.98 0.22
CA ALA A 1323 -14.50 18.82 -0.80
C ALA A 1323 -14.90 17.88 -1.93
N ILE A 1324 -15.97 17.10 -1.75
CA ILE A 1324 -16.35 16.02 -2.66
C ILE A 1324 -16.52 16.42 -4.13
N PRO A 1325 -16.94 17.65 -4.49
CA PRO A 1325 -17.06 17.96 -5.93
C PRO A 1325 -15.77 17.80 -6.70
N SER A 1326 -14.64 18.15 -6.11
CA SER A 1326 -13.35 18.05 -6.81
C SER A 1326 -12.99 16.59 -7.07
N ILE A 1327 -13.16 15.72 -6.08
CA ILE A 1327 -12.86 14.31 -6.29
C ILE A 1327 -13.81 13.68 -7.30
N MET A 1328 -15.09 14.10 -7.33
CA MET A 1328 -15.96 13.60 -8.39
C MET A 1328 -15.52 14.08 -9.76
N ASN A 1329 -15.15 15.37 -9.88
CA ASN A 1329 -14.71 15.90 -11.17
C ASN A 1329 -13.46 15.18 -11.67
N VAL A 1330 -12.53 14.86 -10.76
CA VAL A 1330 -11.30 14.19 -11.18
C VAL A 1330 -11.54 12.68 -11.36
N LEU A 1331 -12.48 12.11 -10.62
CA LEU A 1331 -12.83 10.70 -10.82
C LEU A 1331 -13.46 10.51 -12.19
N LEU A 1332 -14.17 11.50 -12.70
CA LEU A 1332 -14.67 11.42 -14.06
C LEU A 1332 -13.53 11.23 -15.06
N VAL A 1333 -12.50 12.07 -14.95
CA VAL A 1333 -11.35 11.98 -15.85
C VAL A 1333 -10.61 10.67 -15.65
N CYS A 1334 -10.45 10.25 -14.39
CA CYS A 1334 -9.77 8.99 -14.12
C CYS A 1334 -10.52 7.81 -14.73
N LEU A 1335 -11.85 7.82 -14.64
CA LEU A 1335 -12.65 6.74 -15.21
C LEU A 1335 -12.56 6.73 -16.73
N ILE A 1336 -12.67 7.91 -17.37
CA ILE A 1336 -12.63 7.90 -18.84
C ILE A 1336 -11.24 7.53 -19.32
N PHE A 1337 -10.19 7.87 -18.55
CA PHE A 1337 -8.84 7.46 -18.91
C PHE A 1337 -8.65 5.96 -18.75
N TRP A 1338 -9.09 5.41 -17.62
CA TRP A 1338 -8.98 3.98 -17.40
C TRP A 1338 -9.82 3.17 -18.38
N LEU A 1339 -10.89 3.77 -18.92
CA LEU A 1339 -11.69 3.08 -19.92
C LEU A 1339 -10.88 2.77 -21.17
N ILE A 1340 -9.99 3.68 -21.56
CA ILE A 1340 -9.14 3.45 -22.73
C ILE A 1340 -8.24 2.25 -22.50
N PHE A 1341 -7.62 2.16 -21.33
CA PHE A 1341 -6.74 1.04 -21.04
C PHE A 1341 -7.54 -0.26 -20.89
N SER A 1342 -8.75 -0.18 -20.34
CA SER A 1342 -9.59 -1.37 -20.24
C SER A 1342 -9.98 -1.89 -21.61
N ILE A 1343 -10.32 -0.99 -22.54
CA ILE A 1343 -10.64 -1.41 -23.90
C ILE A 1343 -9.40 -1.97 -24.59
N MET A 1344 -8.24 -1.37 -24.32
CA MET A 1344 -6.98 -1.91 -24.85
C MET A 1344 -6.76 -3.34 -24.37
N GLY A 1345 -7.00 -3.59 -23.08
CA GLY A 1345 -6.85 -4.94 -22.57
C GLY A 1345 -7.87 -5.91 -23.14
N VAL A 1346 -9.12 -5.47 -23.28
CA VAL A 1346 -10.17 -6.33 -23.80
C VAL A 1346 -9.86 -6.74 -25.24
N ASN A 1347 -9.41 -5.80 -26.06
CA ASN A 1347 -9.02 -6.14 -27.43
C ASN A 1347 -7.71 -6.90 -27.50
N LEU A 1348 -7.14 -7.28 -26.36
CA LEU A 1348 -5.86 -7.97 -26.33
C LEU A 1348 -5.96 -9.29 -25.57
N PHE A 1349 -6.83 -9.36 -24.56
CA PHE A 1349 -6.93 -10.51 -23.68
C PHE A 1349 -8.39 -10.93 -23.52
N ALA A 1350 -9.12 -11.04 -24.62
CA ALA A 1350 -10.52 -11.46 -24.59
C ALA A 1350 -10.59 -12.97 -24.80
N GLY A 1351 -10.94 -13.70 -23.75
CA GLY A 1351 -11.12 -15.13 -23.85
C GLY A 1351 -9.86 -15.94 -23.94
N LYS A 1352 -8.69 -15.33 -23.73
CA LYS A 1352 -7.43 -16.03 -23.78
C LYS A 1352 -6.97 -16.50 -22.41
N TYR A 1353 -7.77 -16.29 -21.36
CA TYR A 1353 -7.40 -16.69 -20.01
C TYR A 1353 -7.90 -18.08 -19.65
N HIS A 1354 -8.68 -18.72 -20.51
CA HIS A 1354 -9.16 -20.07 -20.25
C HIS A 1354 -8.00 -21.06 -20.33
N TYR A 1355 -8.12 -22.14 -19.55
CA TYR A 1355 -7.09 -23.18 -19.58
C TYR A 1355 -7.67 -24.50 -19.10
N CYS A 1356 -7.26 -25.59 -19.73
CA CYS A 1356 -7.61 -26.92 -19.26
C CYS A 1356 -6.80 -27.28 -18.03
N PHE A 1357 -7.45 -27.97 -17.09
CA PHE A 1357 -6.86 -28.25 -15.80
C PHE A 1357 -7.21 -29.67 -15.37
N ASN A 1358 -6.26 -30.32 -14.71
CA ASN A 1358 -6.43 -31.66 -14.16
C ASN A 1358 -6.48 -31.53 -12.64
N GLU A 1359 -7.69 -31.63 -12.07
CA GLU A 1359 -7.85 -31.42 -10.64
C GLU A 1359 -7.18 -32.52 -9.82
N THR A 1360 -7.11 -33.74 -10.35
CA THR A 1360 -6.53 -34.85 -9.60
C THR A 1360 -5.06 -34.60 -9.29
N SER A 1361 -4.29 -34.12 -10.27
CA SER A 1361 -2.88 -33.82 -10.08
C SER A 1361 -2.61 -32.34 -9.90
N GLU A 1362 -3.66 -31.51 -9.84
CA GLU A 1362 -3.58 -30.05 -9.73
C GLU A 1362 -2.42 -29.48 -10.55
N ILE A 1363 -2.37 -29.88 -11.83
CA ILE A 1363 -1.39 -29.37 -12.78
C ILE A 1363 -2.10 -28.93 -14.04
N ARG A 1364 -1.48 -27.99 -14.75
CA ARG A 1364 -2.02 -27.47 -16.00
C ARG A 1364 -1.43 -28.26 -17.17
N PHE A 1365 -2.30 -28.69 -18.08
CA PHE A 1365 -1.86 -29.47 -19.22
C PHE A 1365 -0.95 -28.64 -20.12
N GLU A 1366 0.09 -29.28 -20.65
CA GLU A 1366 0.98 -28.61 -21.58
C GLU A 1366 0.37 -28.61 -22.98
N ILE A 1367 1.04 -27.89 -23.89
CA ILE A 1367 0.53 -27.76 -25.25
C ILE A 1367 0.55 -29.10 -25.99
N GLU A 1368 1.38 -30.05 -25.56
CA GLU A 1368 1.41 -31.35 -26.21
C GLU A 1368 0.25 -32.24 -25.80
N ASP A 1369 -0.21 -32.15 -24.56
CA ASP A 1369 -1.33 -32.96 -24.11
C ASP A 1369 -2.63 -32.48 -24.74
N VAL A 1370 -3.02 -31.24 -24.47
CA VAL A 1370 -4.17 -30.63 -25.09
C VAL A 1370 -3.71 -29.34 -25.77
N ASN A 1371 -4.44 -28.94 -26.80
CA ASN A 1371 -4.12 -27.72 -27.55
C ASN A 1371 -5.16 -26.63 -27.38
N ASN A 1372 -6.44 -26.97 -27.40
CA ASN A 1372 -7.49 -25.97 -27.32
C ASN A 1372 -8.67 -26.53 -26.54
N LYS A 1373 -9.80 -25.81 -26.58
CA LYS A 1373 -10.97 -26.22 -25.83
C LYS A 1373 -11.54 -27.53 -26.35
N THR A 1374 -11.48 -27.76 -27.67
CA THR A 1374 -12.00 -29.00 -28.23
C THR A 1374 -11.25 -30.22 -27.70
N GLU A 1375 -9.91 -30.13 -27.62
CA GLU A 1375 -9.13 -31.25 -27.11
C GLU A 1375 -9.40 -31.50 -25.64
N CYS A 1376 -9.56 -30.43 -24.86
CA CYS A 1376 -9.91 -30.60 -23.45
C CYS A 1376 -11.29 -31.23 -23.30
N GLU A 1377 -12.23 -30.84 -24.17
CA GLU A 1377 -13.56 -31.45 -24.13
C GLU A 1377 -13.49 -32.93 -24.48
N LYS A 1378 -12.68 -33.29 -25.47
CA LYS A 1378 -12.49 -34.71 -25.79
C LYS A 1378 -11.86 -35.44 -24.61
N LEU A 1379 -10.91 -34.81 -23.92
CA LEU A 1379 -10.36 -35.38 -22.70
C LEU A 1379 -11.42 -35.51 -21.61
N MET A 1380 -12.48 -34.71 -21.67
CA MET A 1380 -13.55 -34.73 -20.69
C MET A 1380 -14.64 -35.77 -21.02
N GLU A 1381 -14.30 -36.78 -21.81
CA GLU A 1381 -15.29 -37.79 -22.19
C GLU A 1381 -15.61 -38.69 -21.01
N GLY A 1382 -16.81 -39.27 -21.06
CA GLY A 1382 -17.21 -40.22 -20.03
C GLY A 1382 -17.40 -39.54 -18.69
N ASN A 1383 -16.81 -40.15 -17.65
CA ASN A 1383 -16.94 -39.69 -16.28
C ASN A 1383 -15.74 -38.85 -15.84
N ASN A 1384 -14.92 -38.38 -16.78
CA ASN A 1384 -13.74 -37.61 -16.43
C ASN A 1384 -14.10 -36.19 -15.99
N THR A 1385 -14.70 -36.07 -14.80
CA THR A 1385 -15.02 -34.77 -14.25
C THR A 1385 -13.80 -34.07 -13.64
N GLU A 1386 -12.68 -34.79 -13.50
CA GLU A 1386 -11.47 -34.15 -13.00
C GLU A 1386 -10.92 -33.13 -14.00
N ILE A 1387 -11.08 -33.41 -15.30
CA ILE A 1387 -10.67 -32.47 -16.31
C ILE A 1387 -11.67 -31.32 -16.37
N ARG A 1388 -11.16 -30.09 -16.27
CA ARG A 1388 -12.04 -28.92 -16.23
C ARG A 1388 -11.47 -27.83 -17.12
N TRP A 1389 -12.33 -27.19 -17.91
CA TRP A 1389 -11.94 -26.05 -18.73
C TRP A 1389 -12.11 -24.79 -17.90
N LYS A 1390 -11.15 -24.58 -17.00
CA LYS A 1390 -11.28 -23.50 -16.03
C LYS A 1390 -10.97 -22.15 -16.66
N ASN A 1391 -11.36 -21.10 -15.94
CA ASN A 1391 -11.14 -19.73 -16.37
C ASN A 1391 -10.58 -18.93 -15.21
N VAL A 1392 -9.66 -18.01 -15.51
CA VAL A 1392 -9.13 -17.13 -14.48
C VAL A 1392 -10.23 -16.20 -13.99
N LYS A 1393 -10.34 -16.05 -12.67
CA LYS A 1393 -11.45 -15.28 -12.10
C LYS A 1393 -11.38 -13.82 -12.53
N ILE A 1394 -10.18 -13.23 -12.53
CA ILE A 1394 -9.98 -11.85 -12.94
C ILE A 1394 -9.36 -11.86 -14.33
N ASN A 1395 -10.09 -11.35 -15.32
CA ASN A 1395 -9.66 -11.42 -16.71
C ASN A 1395 -10.31 -10.28 -17.49
N PHE A 1396 -9.77 -10.05 -18.68
CA PHE A 1396 -10.29 -9.00 -19.57
C PHE A 1396 -11.34 -9.56 -20.53
N ASP A 1397 -12.34 -10.25 -19.98
CA ASP A 1397 -13.42 -10.79 -20.82
C ASP A 1397 -14.41 -9.72 -21.26
N ASN A 1398 -14.47 -8.60 -20.53
CA ASN A 1398 -15.33 -7.48 -20.90
C ASN A 1398 -14.78 -6.24 -20.19
N VAL A 1399 -15.37 -5.09 -20.50
CA VAL A 1399 -14.91 -3.85 -19.90
C VAL A 1399 -15.15 -3.84 -18.40
N GLY A 1400 -16.25 -4.45 -17.96
CA GLY A 1400 -16.55 -4.47 -16.53
C GLY A 1400 -15.50 -5.21 -15.73
N ALA A 1401 -15.10 -6.40 -16.20
CA ALA A 1401 -14.04 -7.14 -15.52
C ALA A 1401 -12.67 -6.53 -15.80
N GLY A 1402 -12.52 -5.88 -16.95
CA GLY A 1402 -11.28 -5.17 -17.21
C GLY A 1402 -11.03 -4.05 -16.23
N TYR A 1403 -12.11 -3.39 -15.78
CA TYR A 1403 -11.98 -2.35 -14.77
C TYR A 1403 -11.45 -2.93 -13.46
N LEU A 1404 -11.96 -4.09 -13.04
CA LEU A 1404 -11.48 -4.72 -11.82
C LEU A 1404 -10.02 -5.16 -11.98
N ALA A 1405 -9.66 -5.70 -13.14
CA ALA A 1405 -8.27 -6.08 -13.37
C ALA A 1405 -7.35 -4.87 -13.32
N LEU A 1406 -7.78 -3.76 -13.92
CA LEU A 1406 -6.98 -2.54 -13.86
C LEU A 1406 -6.86 -2.02 -12.45
N LEU A 1407 -7.93 -2.12 -11.66
CA LEU A 1407 -7.86 -1.71 -10.25
C LEU A 1407 -6.87 -2.57 -9.48
N GLN A 1408 -6.87 -3.87 -9.72
CA GLN A 1408 -5.89 -4.74 -9.06
C GLN A 1408 -4.47 -4.41 -9.48
N VAL A 1409 -4.26 -4.13 -10.77
CA VAL A 1409 -2.91 -3.85 -11.26
C VAL A 1409 -2.42 -2.51 -10.72
N ALA A 1410 -3.29 -1.50 -10.65
CA ALA A 1410 -2.87 -0.17 -10.22
C ALA A 1410 -2.42 -0.19 -8.76
N THR A 1411 -3.12 -0.94 -7.91
CA THR A 1411 -2.76 -1.05 -6.50
C THR A 1411 -1.68 -2.11 -6.25
N PHE A 1412 -1.22 -2.79 -7.30
CA PHE A 1412 -0.15 -3.77 -7.22
C PHE A 1412 -0.51 -4.96 -6.33
N LYS A 1413 -1.79 -5.21 -6.13
CA LYS A 1413 -2.27 -6.33 -5.33
C LYS A 1413 -3.07 -7.26 -6.23
N GLY A 1414 -2.57 -8.47 -6.43
CA GLY A 1414 -3.21 -9.43 -7.30
C GLY A 1414 -2.85 -9.33 -8.75
N TRP A 1415 -2.01 -8.36 -9.14
CA TRP A 1415 -1.59 -8.23 -10.53
C TRP A 1415 -0.72 -9.38 -10.97
N MET A 1416 -0.10 -10.10 -10.03
CA MET A 1416 0.81 -11.19 -10.38
C MET A 1416 0.12 -12.21 -11.27
N ASP A 1417 -1.05 -12.68 -10.85
CA ASP A 1417 -1.77 -13.68 -11.65
C ASP A 1417 -2.21 -13.11 -12.99
N ILE A 1418 -2.59 -11.83 -13.02
CA ILE A 1418 -3.07 -11.23 -14.26
C ILE A 1418 -1.96 -11.19 -15.31
N MET A 1419 -0.77 -10.72 -14.92
CA MET A 1419 0.32 -10.70 -15.89
C MET A 1419 0.88 -12.09 -16.15
N TYR A 1420 0.76 -13.02 -15.20
CA TYR A 1420 1.17 -14.39 -15.48
C TYR A 1420 0.29 -15.03 -16.54
N ALA A 1421 -1.01 -14.80 -16.48
CA ALA A 1421 -1.93 -15.34 -17.47
C ALA A 1421 -1.84 -14.59 -18.80
N ALA A 1422 -1.55 -13.29 -18.76
CA ALA A 1422 -1.48 -12.52 -20.00
C ALA A 1422 -0.30 -12.95 -20.85
N VAL A 1423 0.87 -13.18 -20.24
CA VAL A 1423 2.05 -13.57 -21.00
C VAL A 1423 1.99 -15.02 -21.47
N ASP A 1424 1.08 -15.82 -20.93
CA ASP A 1424 0.88 -17.18 -21.39
C ASP A 1424 -0.15 -17.28 -22.50
N SER A 1425 -0.95 -16.23 -22.72
CA SER A 1425 -2.01 -16.29 -23.71
C SER A 1425 -1.43 -16.36 -25.11
N ARG A 1426 -2.07 -17.16 -25.96
CA ARG A 1426 -1.65 -17.32 -27.35
C ARG A 1426 -2.70 -16.78 -28.32
N LYS A 1427 -3.93 -17.30 -28.26
CA LYS A 1427 -5.04 -16.84 -29.08
C LYS A 1427 -6.33 -17.27 -28.41
N PRO A 1428 -7.47 -16.67 -28.78
CA PRO A 1428 -8.74 -17.11 -28.18
C PRO A 1428 -9.00 -18.58 -28.41
N ASP A 1429 -9.51 -19.26 -27.38
CA ASP A 1429 -9.90 -20.69 -27.51
C ASP A 1429 -8.67 -21.57 -27.75
N GLU A 1430 -7.71 -21.57 -26.82
CA GLU A 1430 -6.53 -22.49 -26.94
C GLU A 1430 -5.76 -22.47 -25.62
N GLN A 1431 -5.20 -23.61 -25.22
CA GLN A 1431 -4.51 -23.73 -23.94
C GLN A 1431 -3.29 -22.82 -23.92
N PRO A 1432 -3.09 -22.05 -22.86
CA PRO A 1432 -1.92 -21.16 -22.79
C PRO A 1432 -0.62 -21.94 -22.72
N LYS A 1433 0.44 -21.32 -23.22
CA LYS A 1433 1.79 -21.88 -23.17
C LYS A 1433 2.66 -20.99 -22.28
N TYR A 1434 3.51 -21.62 -21.48
CA TYR A 1434 4.34 -20.91 -20.52
C TYR A 1434 5.24 -19.89 -21.20
N GLU A 1435 4.98 -18.60 -20.93
CA GLU A 1435 5.76 -17.49 -21.46
C GLU A 1435 5.79 -17.51 -22.99
N ASP A 1436 4.60 -17.49 -23.58
CA ASP A 1436 4.45 -17.43 -25.02
C ASP A 1436 4.28 -16.01 -25.55
N ASN A 1437 3.87 -15.08 -24.70
CA ASN A 1437 3.64 -13.68 -25.06
C ASN A 1437 4.42 -12.78 -24.12
N ILE A 1438 5.71 -13.07 -23.96
CA ILE A 1438 6.54 -12.44 -22.94
C ILE A 1438 6.56 -10.93 -23.09
N TYR A 1439 6.35 -10.41 -24.30
CA TYR A 1439 6.39 -8.98 -24.54
C TYR A 1439 5.08 -8.27 -24.23
N MET A 1440 4.10 -8.97 -23.64
CA MET A 1440 2.88 -8.33 -23.20
C MET A 1440 3.07 -7.57 -21.89
N TYR A 1441 4.16 -7.84 -21.17
CA TYR A 1441 4.43 -7.15 -19.91
C TYR A 1441 4.45 -5.63 -20.11
N ILE A 1442 4.84 -5.17 -21.30
CA ILE A 1442 4.90 -3.74 -21.58
C ILE A 1442 3.53 -3.11 -21.39
N TYR A 1443 2.46 -3.81 -21.79
CA TYR A 1443 1.12 -3.26 -21.62
C TYR A 1443 0.83 -2.98 -20.16
N PHE A 1444 1.36 -3.81 -19.25
CA PHE A 1444 1.15 -3.56 -17.83
C PHE A 1444 2.11 -2.50 -17.29
N VAL A 1445 3.23 -2.28 -17.97
CA VAL A 1445 4.15 -1.23 -17.54
C VAL A 1445 3.59 0.14 -17.88
N ILE A 1446 3.21 0.33 -19.15
CA ILE A 1446 2.75 1.63 -19.61
C ILE A 1446 1.59 2.13 -18.77
N PHE A 1447 0.62 1.24 -18.51
CA PHE A 1447 -0.53 1.60 -17.67
C PHE A 1447 -0.06 2.14 -16.33
N ILE A 1448 0.88 1.45 -15.69
CA ILE A 1448 1.38 1.90 -14.40
C ILE A 1448 2.01 3.27 -14.53
N ILE A 1449 2.69 3.53 -15.64
CA ILE A 1449 3.27 4.85 -15.86
C ILE A 1449 2.18 5.90 -16.05
N PHE A 1450 1.08 5.52 -16.70
CA PHE A 1450 0.06 6.50 -17.08
C PHE A 1450 -1.19 6.46 -16.21
N GLY A 1451 -1.66 5.28 -15.84
CA GLY A 1451 -2.89 5.18 -15.08
C GLY A 1451 -2.70 5.19 -13.58
N SER A 1452 -1.50 4.82 -13.12
CA SER A 1452 -1.23 4.73 -11.69
C SER A 1452 -0.23 5.77 -11.20
N PHE A 1453 0.35 6.57 -12.08
CA PHE A 1453 1.35 7.57 -11.70
C PHE A 1453 0.90 8.99 -11.98
N PHE A 1454 0.47 9.28 -13.22
CA PHE A 1454 0.04 10.63 -13.56
C PHE A 1454 -1.34 10.95 -13.00
N THR A 1455 -2.24 9.96 -12.99
CA THR A 1455 -3.55 10.15 -12.38
C THR A 1455 -3.41 10.47 -10.90
N LEU A 1456 -2.45 9.85 -10.22
CA LEU A 1456 -2.15 10.21 -8.83
C LEU A 1456 -1.71 11.66 -8.73
N ASN A 1457 -0.91 12.13 -9.68
CA ASN A 1457 -0.50 13.53 -9.69
C ASN A 1457 -1.70 14.45 -9.80
N LEU A 1458 -2.61 14.13 -10.72
CA LEU A 1458 -3.81 14.94 -10.89
C LEU A 1458 -4.64 14.97 -9.62
N PHE A 1459 -4.85 13.79 -9.02
CA PHE A 1459 -5.66 13.71 -7.81
C PHE A 1459 -5.03 14.50 -6.67
N ILE A 1460 -3.72 14.36 -6.48
CA ILE A 1460 -3.05 15.06 -5.40
C ILE A 1460 -3.12 16.57 -5.63
N GLY A 1461 -2.88 17.01 -6.86
CA GLY A 1461 -2.92 18.44 -7.15
C GLY A 1461 -4.28 19.04 -6.89
N VAL A 1462 -5.34 18.37 -7.35
CA VAL A 1462 -6.67 18.92 -7.15
C VAL A 1462 -7.06 18.88 -5.68
N ILE A 1463 -6.66 17.84 -4.96
CA ILE A 1463 -6.95 17.78 -3.52
C ILE A 1463 -6.26 18.93 -2.80
N ILE A 1464 -4.99 19.19 -3.14
CA ILE A 1464 -4.26 20.27 -2.49
C ILE A 1464 -4.91 21.62 -2.81
N ASP A 1465 -5.27 21.84 -4.08
CA ASP A 1465 -5.90 23.10 -4.44
C ASP A 1465 -7.23 23.29 -3.73
N ASN A 1466 -8.05 22.22 -3.66
CA ASN A 1466 -9.34 22.33 -3.01
C ASN A 1466 -9.18 22.59 -1.52
N PHE A 1467 -8.22 21.93 -0.86
CA PHE A 1467 -8.00 22.16 0.56
C PHE A 1467 -7.48 23.57 0.81
N ASN A 1468 -6.61 24.08 -0.08
CA ASN A 1468 -6.13 25.44 0.07
C ASN A 1468 -7.28 26.44 -0.07
N GLN A 1469 -8.17 26.23 -1.04
CA GLN A 1469 -9.31 27.12 -1.19
C GLN A 1469 -10.25 27.02 0.00
N GLN A 1470 -10.45 25.81 0.54
CA GLN A 1470 -11.28 25.64 1.72
C GLN A 1470 -10.70 26.38 2.92
N LYS A 1471 -9.38 26.30 3.11
CA LYS A 1471 -8.74 27.03 4.19
C LYS A 1471 -8.86 28.54 3.96
N LYS A 1472 -8.75 28.98 2.71
CA LYS A 1472 -8.87 30.40 2.40
C LYS A 1472 -10.27 30.92 2.74
N LYS A 1473 -11.30 30.19 2.33
CA LYS A 1473 -12.66 30.67 2.55
C LYS A 1473 -13.09 30.52 4.01
N PHE A 1474 -12.67 29.44 4.67
CA PHE A 1474 -13.02 29.24 6.07
C PHE A 1474 -12.36 30.31 6.95
N GLY A 1475 -11.10 30.63 6.68
CA GLY A 1475 -10.35 31.56 7.48
C GLY A 1475 -9.71 30.97 8.72
N GLY A 1476 -9.92 29.68 8.98
CA GLY A 1476 -9.35 29.03 10.14
C GLY A 1476 -7.94 28.54 9.89
N GLN A 1477 -7.39 27.86 10.90
CA GLN A 1477 -6.04 27.33 10.84
C GLN A 1477 -5.99 25.84 10.53
N ASP A 1478 -6.96 25.06 11.01
CA ASP A 1478 -7.02 23.64 10.73
C ASP A 1478 -8.45 23.25 10.39
N ILE A 1479 -8.60 22.23 9.56
CA ILE A 1479 -9.91 21.79 9.11
C ILE A 1479 -10.44 20.65 9.96
N PHE A 1480 -9.60 19.65 10.23
CA PHE A 1480 -10.01 18.46 10.95
C PHE A 1480 -10.07 18.65 12.47
N MET A 1481 -10.07 19.89 12.94
CA MET A 1481 -10.04 20.19 14.37
C MET A 1481 -11.31 20.92 14.77
N THR A 1482 -11.91 20.47 15.87
CA THR A 1482 -13.06 21.17 16.43
C THR A 1482 -12.59 22.40 17.21
N GLU A 1483 -13.56 23.26 17.56
CA GLU A 1483 -13.23 24.45 18.33
C GLU A 1483 -12.69 24.09 19.71
N GLU A 1484 -13.09 22.94 20.25
CA GLU A 1484 -12.56 22.49 21.54
C GLU A 1484 -11.10 22.12 21.44
N GLN A 1485 -10.66 21.59 20.30
CA GLN A 1485 -9.26 21.21 20.13
C GLN A 1485 -8.38 22.37 19.71
N LYS A 1486 -8.96 23.45 19.19
CA LYS A 1486 -8.13 24.56 18.70
C LYS A 1486 -7.46 25.30 19.85
N LYS A 1487 -8.14 25.43 20.99
CA LYS A 1487 -7.51 26.08 22.15
C LYS A 1487 -6.31 25.27 22.63
N TYR A 1488 -6.45 23.94 22.70
CA TYR A 1488 -5.31 23.11 23.09
C TYR A 1488 -4.22 23.15 22.03
N TYR A 1489 -4.61 23.24 20.76
CA TYR A 1489 -3.64 23.44 19.69
C TYR A 1489 -2.80 24.68 19.94
N ASN A 1490 -3.44 25.81 20.21
CA ASN A 1490 -2.71 27.05 20.46
C ASN A 1490 -1.88 26.97 21.74
N ALA A 1491 -2.40 26.31 22.77
CA ALA A 1491 -1.64 26.15 24.01
C ALA A 1491 -0.36 25.34 23.78
N MET A 1492 -0.47 24.25 23.02
CA MET A 1492 0.73 23.47 22.70
C MET A 1492 1.66 24.23 21.78
N LYS A 1493 1.12 25.08 20.89
CA LYS A 1493 1.97 25.94 20.09
C LYS A 1493 2.78 26.89 20.96
N LYS A 1494 2.16 27.48 21.97
CA LYS A 1494 2.90 28.31 22.92
C LYS A 1494 3.91 27.48 23.71
N LEU A 1495 3.54 26.25 24.07
CA LEU A 1495 4.46 25.40 24.83
C LEU A 1495 5.70 25.05 24.02
N GLY A 1496 5.54 24.83 22.71
CA GLY A 1496 6.66 24.41 21.88
C GLY A 1496 7.76 25.45 21.80
N SER A 1497 7.38 26.73 21.81
CA SER A 1497 8.34 27.83 21.68
C SER A 1497 8.81 28.35 23.02
N LYS A 1498 8.44 27.70 24.13
CA LYS A 1498 8.83 28.18 25.45
C LYS A 1498 10.33 28.02 25.65
N LYS A 1499 10.94 29.06 26.24
CA LYS A 1499 12.37 29.04 26.53
C LYS A 1499 12.64 28.35 27.86
N PRO A 1500 13.82 27.77 28.04
CA PRO A 1500 14.16 27.11 29.30
C PRO A 1500 14.86 28.05 30.27
N GLN A 1501 14.71 27.72 31.56
CA GLN A 1501 15.38 28.43 32.65
C GLN A 1501 16.00 27.40 33.58
N LYS A 1502 17.16 27.74 34.15
CA LYS A 1502 17.92 26.82 34.99
C LYS A 1502 18.29 27.50 36.31
N PRO A 1503 17.30 27.72 37.19
CA PRO A 1503 17.63 28.19 38.54
C PRO A 1503 17.96 27.04 39.47
N ILE A 1504 19.20 26.96 39.94
CA ILE A 1504 19.65 25.87 40.79
C ILE A 1504 20.21 26.45 42.09
N PRO A 1505 19.66 26.11 43.25
CA PRO A 1505 20.25 26.56 44.52
C PRO A 1505 21.18 25.53 45.12
N ARG A 1506 21.92 25.93 46.16
CA ARG A 1506 22.75 24.99 46.89
C ARG A 1506 21.87 24.12 47.79
N PRO A 1507 22.30 22.87 48.06
CA PRO A 1507 21.49 22.00 48.93
C PRO A 1507 21.30 22.54 50.35
N LEU A 1508 22.28 23.28 50.87
CA LEU A 1508 22.24 23.79 52.26
C LEU A 1508 22.03 22.65 53.26
N ASN A 1509 22.86 21.62 53.14
CA ASN A 1509 22.77 20.46 54.03
C ASN A 1509 24.12 19.76 54.03
N LYS A 1510 24.15 18.55 54.59
CA LYS A 1510 25.36 17.73 54.61
C LYS A 1510 25.68 17.14 53.25
N ILE A 1511 24.85 17.40 52.23
CA ILE A 1511 25.14 16.98 50.87
C ILE A 1511 26.43 17.59 50.37
N GLN A 1512 26.79 18.77 50.86
CA GLN A 1512 28.01 19.53 50.56
C GLN A 1512 28.02 20.10 49.16
N GLY A 1513 27.00 19.86 48.34
CA GLY A 1513 26.94 20.39 47.01
C GLY A 1513 27.90 19.76 46.02
N ILE A 1514 28.79 18.88 46.47
CA ILE A 1514 29.73 18.22 45.55
C ILE A 1514 28.96 17.37 44.54
N VAL A 1515 28.00 16.59 45.02
CA VAL A 1515 27.17 15.81 44.10
C VAL A 1515 26.25 16.73 43.30
N PHE A 1516 25.88 17.89 43.87
CA PHE A 1516 25.07 18.85 43.13
C PHE A 1516 25.85 19.39 41.93
N ASP A 1517 27.13 19.68 42.11
CA ASP A 1517 27.96 20.09 40.98
C ASP A 1517 28.28 18.91 40.07
N PHE A 1518 28.31 17.70 40.63
CA PHE A 1518 28.61 16.51 39.84
C PHE A 1518 27.50 16.21 38.84
N VAL A 1519 26.25 16.27 39.30
CA VAL A 1519 25.13 15.97 38.40
C VAL A 1519 25.00 17.03 37.32
N THR A 1520 25.44 18.26 37.60
CA THR A 1520 25.40 19.34 36.62
C THR A 1520 26.65 19.40 35.76
N GLN A 1521 27.38 18.30 35.65
CA GLN A 1521 28.58 18.22 34.82
C GLN A 1521 28.24 17.55 33.49
N GLN A 1522 28.77 18.13 32.41
CA GLN A 1522 28.53 17.55 31.08
C GLN A 1522 29.20 16.19 30.94
N ALA A 1523 30.32 15.98 31.61
CA ALA A 1523 30.98 14.66 31.56
C ALA A 1523 30.10 13.59 32.17
N PHE A 1524 29.37 13.92 33.24
CA PHE A 1524 28.48 12.95 33.86
C PHE A 1524 27.37 12.54 32.90
N ASP A 1525 26.79 13.53 32.20
CA ASP A 1525 25.76 13.23 31.20
C ASP A 1525 26.32 12.39 30.06
N ILE A 1526 27.55 12.71 29.62
CA ILE A 1526 28.18 11.92 28.56
C ILE A 1526 28.38 10.48 29.02
N VAL A 1527 28.82 10.29 30.27
CA VAL A 1527 29.04 8.95 30.80
C VAL A 1527 27.72 8.18 30.85
N ILE A 1528 26.65 8.82 31.33
CA ILE A 1528 25.38 8.11 31.43
C ILE A 1528 24.83 7.80 30.04
N MET A 1529 25.02 8.70 29.07
CA MET A 1529 24.56 8.44 27.71
C MET A 1529 25.34 7.30 27.08
N MET A 1530 26.66 7.26 27.30
CA MET A 1530 27.46 6.17 26.77
C MET A 1530 27.08 4.84 27.41
N LEU A 1531 26.77 4.85 28.71
CA LEU A 1531 26.33 3.61 29.34
C LEU A 1531 24.98 3.15 28.80
N ILE A 1532 24.07 4.09 28.54
CA ILE A 1532 22.79 3.72 27.92
C ILE A 1532 23.02 3.15 26.53
N CYS A 1533 23.94 3.74 25.77
CA CYS A 1533 24.27 3.22 24.44
C CYS A 1533 24.87 1.83 24.52
N LEU A 1534 25.72 1.58 25.52
CA LEU A 1534 26.27 0.25 25.71
C LEU A 1534 25.17 -0.76 26.07
N ASN A 1535 24.20 -0.34 26.88
CA ASN A 1535 23.06 -1.21 27.18
C ASN A 1535 22.29 -1.52 25.91
N MET A 1536 22.07 -0.52 25.05
CA MET A 1536 21.41 -0.76 23.78
C MET A 1536 22.19 -1.75 22.93
N VAL A 1537 23.51 -1.59 22.87
CA VAL A 1537 24.35 -2.46 22.05
C VAL A 1537 24.29 -3.90 22.56
N THR A 1538 24.39 -4.08 23.88
CA THR A 1538 24.34 -5.42 24.44
C THR A 1538 22.93 -5.99 24.44
N MET A 1539 21.91 -5.18 24.14
CA MET A 1539 20.55 -5.70 23.99
C MET A 1539 20.28 -6.26 22.59
N MET A 1540 21.25 -6.19 21.68
CA MET A 1540 21.09 -6.74 20.34
C MET A 1540 21.83 -8.06 20.15
N VAL A 1541 22.58 -8.52 21.15
CA VAL A 1541 23.38 -9.73 21.00
C VAL A 1541 22.58 -11.00 21.29
N GLU A 1542 21.41 -10.88 21.91
CA GLU A 1542 20.59 -12.05 22.21
C GLU A 1542 20.20 -12.78 20.93
N THR A 1543 20.34 -14.10 20.94
CA THR A 1543 19.98 -14.94 19.81
C THR A 1543 19.18 -16.13 20.32
N ASP A 1544 18.23 -16.58 19.49
CA ASP A 1544 17.35 -17.68 19.90
C ASP A 1544 18.13 -18.96 20.14
N THR A 1545 19.11 -19.26 19.29
CA THR A 1545 19.90 -20.49 19.38
C THR A 1545 21.21 -20.28 20.12
N GLN A 1546 21.25 -19.36 21.07
CA GLN A 1546 22.46 -19.11 21.82
C GLN A 1546 22.64 -20.13 22.93
N SER A 1547 23.89 -20.34 23.33
CA SER A 1547 24.21 -21.28 24.37
C SER A 1547 23.89 -20.70 25.75
N LYS A 1548 23.86 -21.59 26.75
CA LYS A 1548 23.51 -21.15 28.11
C LYS A 1548 24.59 -20.26 28.70
N GLN A 1549 25.85 -20.46 28.32
CA GLN A 1549 26.93 -19.60 28.82
C GLN A 1549 26.74 -18.17 28.36
N MET A 1550 26.35 -17.99 27.09
CA MET A 1550 26.08 -16.64 26.60
C MET A 1550 24.90 -16.01 27.34
N GLU A 1551 23.87 -16.81 27.64
CA GLU A 1551 22.75 -16.29 28.42
C GLU A 1551 23.21 -15.85 29.80
N ASN A 1552 24.06 -16.63 30.45
CA ASN A 1552 24.55 -16.25 31.77
C ASN A 1552 25.39 -14.97 31.71
N ILE A 1553 26.25 -14.85 30.69
CA ILE A 1553 27.06 -13.65 30.56
C ILE A 1553 26.19 -12.42 30.32
N LEU A 1554 25.19 -12.56 29.45
CA LEU A 1554 24.29 -11.44 29.18
C LEU A 1554 23.47 -11.08 30.42
N TYR A 1555 23.05 -12.08 31.19
CA TYR A 1555 22.34 -11.81 32.44
C TYR A 1555 23.22 -11.06 33.42
N TRP A 1556 24.49 -11.45 33.54
CA TRP A 1556 25.41 -10.75 34.43
C TRP A 1556 25.62 -9.32 33.98
N ILE A 1557 25.79 -9.10 32.68
CA ILE A 1557 26.00 -7.75 32.16
C ILE A 1557 24.77 -6.88 32.40
N ASN A 1558 23.58 -7.44 32.15
CA ASN A 1558 22.35 -6.68 32.38
C ASN A 1558 22.16 -6.38 33.86
N LEU A 1559 22.52 -7.32 34.74
CA LEU A 1559 22.44 -7.06 36.17
C LEU A 1559 23.40 -5.96 36.59
N VAL A 1560 24.60 -5.96 36.03
CA VAL A 1560 25.55 -4.89 36.33
C VAL A 1560 25.02 -3.54 35.88
N PHE A 1561 24.44 -3.49 34.68
CA PHE A 1561 23.88 -2.23 34.20
C PHE A 1561 22.69 -1.78 35.06
N VAL A 1562 21.86 -2.74 35.48
CA VAL A 1562 20.71 -2.41 36.32
C VAL A 1562 21.16 -1.88 37.67
N ILE A 1563 22.17 -2.51 38.29
CA ILE A 1563 22.62 -2.04 39.59
C ILE A 1563 23.30 -0.67 39.46
N PHE A 1564 24.01 -0.44 38.33
CA PHE A 1564 24.56 0.89 38.10
C PHE A 1564 23.46 1.94 37.96
N PHE A 1565 22.38 1.59 37.27
CA PHE A 1565 21.28 2.54 37.12
C PHE A 1565 20.57 2.79 38.44
N THR A 1566 20.45 1.76 39.28
CA THR A 1566 19.88 1.97 40.62
C THR A 1566 20.77 2.86 41.46
N CYS A 1567 22.09 2.69 41.34
CA CYS A 1567 23.02 3.57 42.04
C CYS A 1567 22.88 5.01 41.54
N GLU A 1568 22.69 5.17 40.23
CA GLU A 1568 22.44 6.50 39.67
C GLU A 1568 21.16 7.10 40.25
N CYS A 1569 20.10 6.30 40.35
CA CYS A 1569 18.85 6.78 40.93
C CYS A 1569 19.04 7.18 42.39
N VAL A 1570 19.81 6.38 43.14
CA VAL A 1570 20.10 6.73 44.52
C VAL A 1570 20.86 8.05 44.60
N LEU A 1571 21.83 8.24 43.69
CA LEU A 1571 22.61 9.48 43.69
C LEU A 1571 21.71 10.67 43.41
N LYS A 1572 20.80 10.55 42.43
CA LYS A 1572 19.89 11.65 42.17
C LYS A 1572 18.83 11.76 43.27
N MET A 1573 18.55 10.65 43.96
CA MET A 1573 17.72 10.70 45.15
C MET A 1573 18.45 11.45 46.28
N PHE A 1574 17.66 12.00 47.20
CA PHE A 1574 18.14 12.57 48.46
C PHE A 1574 19.17 13.69 48.25
N ALA A 1575 19.43 14.04 47.00
CA ALA A 1575 20.30 15.16 46.67
C ALA A 1575 19.61 16.23 45.84
N LEU A 1576 18.42 15.95 45.32
CA LEU A 1576 17.66 16.93 44.54
C LEU A 1576 16.20 16.48 44.54
N ARG A 1577 15.31 17.30 45.11
CA ARG A 1577 13.90 16.86 45.22
C ARG A 1577 12.93 17.96 44.75
N HIS A 1578 13.27 19.24 44.97
CA HIS A 1578 12.33 20.30 44.64
C HIS A 1578 12.11 20.47 43.15
N TYR A 1579 12.87 19.77 42.31
CA TYR A 1579 12.70 19.80 40.86
C TYR A 1579 12.23 18.46 40.32
N TYR A 1580 11.39 17.74 41.07
CA TYR A 1580 10.88 16.45 40.64
C TYR A 1580 9.39 16.49 40.31
N PHE A 1581 8.86 17.67 39.98
CA PHE A 1581 7.51 17.79 39.48
C PHE A 1581 7.40 18.79 38.34
N THR A 1582 8.51 19.31 37.84
CA THR A 1582 8.52 20.35 36.81
C THR A 1582 9.11 19.87 35.48
N ILE A 1583 10.34 19.35 35.50
CA ILE A 1583 10.99 18.99 34.23
C ILE A 1583 10.33 17.78 33.61
N GLY A 1584 10.02 16.75 34.41
CA GLY A 1584 9.33 15.57 33.94
C GLY A 1584 10.22 14.47 33.41
N TRP A 1585 11.48 14.77 33.09
CA TRP A 1585 12.39 13.71 32.68
C TRP A 1585 12.80 12.83 33.86
N ASN A 1586 13.00 13.46 35.03
CA ASN A 1586 13.42 12.71 36.21
C ASN A 1586 12.35 11.73 36.65
N ILE A 1587 11.07 12.14 36.59
CA ILE A 1587 10.01 11.21 36.95
C ILE A 1587 9.88 10.11 35.91
N PHE A 1588 10.19 10.39 34.64
CA PHE A 1588 10.23 9.34 33.64
C PHE A 1588 11.31 8.31 33.96
N ASP A 1589 12.51 8.78 34.36
CA ASP A 1589 13.55 7.86 34.78
C ASP A 1589 13.12 7.07 36.01
N PHE A 1590 12.46 7.73 36.96
CA PHE A 1590 12.02 7.07 38.18
C PHE A 1590 10.96 6.02 37.89
N VAL A 1591 10.11 6.24 36.88
CA VAL A 1591 9.07 5.28 36.56
C VAL A 1591 9.58 4.16 35.65
N VAL A 1592 10.66 4.39 34.91
CA VAL A 1592 11.22 3.28 34.13
C VAL A 1592 12.12 2.41 35.01
N VAL A 1593 12.81 3.00 35.99
CA VAL A 1593 13.73 2.21 36.80
C VAL A 1593 12.96 1.20 37.64
N ILE A 1594 11.86 1.62 38.29
CA ILE A 1594 11.10 0.70 39.14
C ILE A 1594 10.60 -0.48 38.31
N LEU A 1595 10.15 -0.20 37.09
CA LEU A 1595 9.77 -1.27 36.17
C LEU A 1595 10.97 -2.18 35.88
N SER A 1596 12.17 -1.60 35.81
CA SER A 1596 13.37 -2.42 35.62
C SER A 1596 13.58 -3.38 36.79
N ILE A 1597 13.54 -2.88 38.02
CA ILE A 1597 13.76 -3.81 39.16
C ILE A 1597 12.67 -4.86 39.21
N VAL A 1598 11.40 -4.48 39.02
CA VAL A 1598 10.35 -5.49 39.12
C VAL A 1598 10.53 -6.55 38.05
N GLY A 1599 10.69 -6.12 36.79
CA GLY A 1599 10.87 -7.07 35.70
C GLY A 1599 12.15 -7.87 35.78
N MET A 1600 13.13 -7.41 36.57
CA MET A 1600 14.38 -8.17 36.67
C MET A 1600 14.32 -9.21 37.77
N PHE A 1601 13.83 -8.83 38.97
CA PHE A 1601 13.85 -9.74 40.10
C PHE A 1601 12.50 -10.35 40.45
N LEU A 1602 11.40 -9.61 40.37
CA LEU A 1602 10.11 -10.26 40.58
C LEU A 1602 9.93 -11.38 39.57
N ALA A 1603 10.21 -11.12 38.29
CA ALA A 1603 10.11 -12.16 37.26
C ALA A 1603 10.94 -13.39 37.63
N ASP A 1604 12.09 -13.18 38.26
CA ASP A 1604 12.84 -14.31 38.82
C ASP A 1604 12.07 -15.00 39.94
N ILE A 1605 11.24 -14.26 40.68
CA ILE A 1605 10.50 -14.82 41.81
C ILE A 1605 9.21 -15.54 41.39
N ILE A 1606 8.55 -15.12 40.31
CA ILE A 1606 7.22 -15.61 39.96
C ILE A 1606 7.21 -17.11 39.68
N GLU A 1607 8.38 -17.73 39.50
CA GLU A 1607 8.41 -19.16 39.17
C GLU A 1607 7.77 -20.01 40.26
N LYS A 1608 7.63 -19.48 41.48
CA LYS A 1608 7.00 -20.19 42.58
C LYS A 1608 5.49 -19.92 42.54
N TYR A 1609 4.71 -20.98 42.37
CA TYR A 1609 3.25 -20.95 42.41
C TYR A 1609 2.64 -20.06 41.32
N PHE A 1610 3.33 -19.91 40.20
CA PHE A 1610 2.82 -19.16 39.06
C PHE A 1610 3.70 -19.45 37.86
N VAL A 1611 3.09 -19.50 36.68
CA VAL A 1611 3.82 -19.82 35.45
C VAL A 1611 3.84 -18.61 34.52
N SER A 1612 2.67 -18.20 34.01
CA SER A 1612 2.47 -17.07 33.11
C SER A 1612 3.62 -16.89 32.13
N PRO A 1613 3.81 -17.84 31.21
CA PRO A 1613 5.04 -17.83 30.39
C PRO A 1613 5.22 -16.57 29.56
N THR A 1614 4.14 -16.00 29.02
CA THR A 1614 4.26 -14.88 28.10
C THR A 1614 4.33 -13.52 28.78
N LEU A 1615 4.29 -13.48 30.11
CA LEU A 1615 4.15 -12.19 30.79
C LEU A 1615 5.51 -11.54 31.04
N PHE A 1616 6.54 -12.34 31.34
CA PHE A 1616 7.87 -11.77 31.57
C PHE A 1616 8.41 -11.04 30.35
N ARG A 1617 8.09 -11.50 29.13
CA ARG A 1617 8.55 -10.77 27.96
C ARG A 1617 7.93 -9.38 27.91
N VAL A 1618 6.63 -9.27 28.22
CA VAL A 1618 5.96 -7.98 28.24
C VAL A 1618 6.59 -7.09 29.30
N ILE A 1619 6.87 -7.63 30.48
CA ILE A 1619 7.49 -6.82 31.53
C ILE A 1619 8.89 -6.38 31.11
N ARG A 1620 9.67 -7.29 30.52
CA ARG A 1620 11.04 -6.98 30.13
C ARG A 1620 11.11 -6.03 28.95
N LEU A 1621 10.01 -5.84 28.23
CA LEU A 1621 9.97 -4.78 27.23
C LEU A 1621 10.25 -3.41 27.83
N ALA A 1622 10.05 -3.26 29.14
CA ALA A 1622 10.30 -1.98 29.81
C ALA A 1622 11.78 -1.63 29.84
N ARG A 1623 12.67 -2.60 29.65
CA ARG A 1623 14.10 -2.30 29.63
C ARG A 1623 14.48 -1.33 28.53
N ILE A 1624 13.70 -1.30 27.43
CA ILE A 1624 13.98 -0.39 26.33
C ILE A 1624 13.51 1.02 26.62
N GLY A 1625 12.97 1.27 27.82
CA GLY A 1625 12.60 2.64 28.17
C GLY A 1625 13.81 3.55 28.30
N ARG A 1626 14.92 3.03 28.83
CA ARG A 1626 16.13 3.82 28.93
C ARG A 1626 16.69 4.21 27.56
N ILE A 1627 16.33 3.47 26.51
CA ILE A 1627 16.75 3.84 25.17
C ILE A 1627 16.12 5.16 24.75
N LEU A 1628 14.92 5.46 25.24
CA LEU A 1628 14.25 6.72 24.93
C LEU A 1628 14.92 7.92 25.58
N ARG A 1629 15.88 7.70 26.48
CA ARG A 1629 16.61 8.81 27.09
C ARG A 1629 17.60 9.45 26.13
N LEU A 1630 17.89 8.83 24.99
CA LEU A 1630 18.69 9.50 23.96
C LEU A 1630 17.96 10.70 23.38
N ILE A 1631 16.65 10.78 23.56
CA ILE A 1631 15.89 11.93 23.11
C ILE A 1631 16.24 13.18 23.91
N LYS A 1632 16.89 13.01 25.07
CA LYS A 1632 17.23 14.16 25.92
C LYS A 1632 17.94 15.24 25.13
N GLY A 1633 19.13 14.95 24.62
CA GLY A 1633 19.70 15.80 23.60
C GLY A 1633 19.41 15.25 22.22
N ALA A 1634 18.30 15.69 21.62
CA ALA A 1634 17.90 15.25 20.29
C ALA A 1634 17.26 16.41 19.53
N LYS A 1635 17.88 17.59 19.61
CA LYS A 1635 17.26 18.79 19.07
C LYS A 1635 16.92 18.66 17.59
N GLY A 1636 17.65 17.81 16.87
CA GLY A 1636 17.29 17.55 15.48
C GLY A 1636 15.96 16.82 15.34
N ILE A 1637 15.72 15.83 16.19
CA ILE A 1637 14.52 15.00 16.09
C ILE A 1637 13.51 15.26 17.19
N ARG A 1638 13.89 16.02 18.22
CA ARG A 1638 12.91 16.39 19.25
C ARG A 1638 11.81 17.24 18.66
N THR A 1639 12.15 18.14 17.72
CA THR A 1639 11.12 18.90 17.03
C THR A 1639 10.22 18.01 16.19
N LEU A 1640 10.77 16.93 15.62
CA LEU A 1640 9.95 16.01 14.85
C LEU A 1640 8.96 15.27 15.75
N LEU A 1641 9.42 14.81 16.91
CA LEU A 1641 8.51 14.18 17.87
C LEU A 1641 7.45 15.18 18.35
N PHE A 1642 7.85 16.44 18.56
CA PHE A 1642 6.89 17.46 18.93
C PHE A 1642 5.86 17.69 17.82
N ALA A 1643 6.28 17.63 16.56
CA ALA A 1643 5.34 17.75 15.45
C ALA A 1643 4.35 16.59 15.45
N LEU A 1644 4.84 15.38 15.75
CA LEU A 1644 3.94 14.24 15.88
C LEU A 1644 2.92 14.48 16.99
N MET A 1645 3.37 14.98 18.14
CA MET A 1645 2.44 15.34 19.20
C MET A 1645 1.42 16.38 18.73
N MET A 1646 1.89 17.38 17.96
CA MET A 1646 1.01 18.45 17.52
C MET A 1646 -0.08 17.92 16.60
N SER A 1647 0.27 16.98 15.71
CA SER A 1647 -0.65 16.41 14.74
C SER A 1647 -1.44 15.23 15.28
N LEU A 1648 -1.16 14.78 16.51
CA LEU A 1648 -1.88 13.64 17.06
C LEU A 1648 -3.40 13.77 17.06
N PRO A 1649 -4.02 14.88 17.48
CA PRO A 1649 -5.49 14.88 17.56
C PRO A 1649 -6.19 14.91 16.20
N ALA A 1650 -5.63 15.63 15.23
CA ALA A 1650 -6.19 15.62 13.89
C ALA A 1650 -6.13 14.22 13.29
N LEU A 1651 -5.11 13.44 13.66
CA LEU A 1651 -5.07 12.04 13.27
C LEU A 1651 -6.05 11.20 14.07
N PHE A 1652 -6.30 11.59 15.33
CA PHE A 1652 -7.23 10.83 16.17
C PHE A 1652 -8.65 10.89 15.61
N ASN A 1653 -9.08 12.06 15.15
CA ASN A 1653 -10.42 12.17 14.59
C ASN A 1653 -10.58 11.26 13.36
N ILE A 1654 -9.60 11.31 12.46
CA ILE A 1654 -9.66 10.50 11.25
C ILE A 1654 -9.58 9.01 11.58
N GLY A 1655 -8.78 8.66 12.59
CA GLY A 1655 -8.71 7.27 13.01
C GLY A 1655 -10.01 6.78 13.61
N LEU A 1656 -10.69 7.64 14.37
CA LEU A 1656 -12.00 7.28 14.91
C LEU A 1656 -13.00 7.03 13.78
N LEU A 1657 -13.00 7.91 12.76
CA LEU A 1657 -13.87 7.68 11.61
C LEU A 1657 -13.52 6.38 10.89
N LEU A 1658 -12.22 6.12 10.72
CA LEU A 1658 -11.79 4.89 10.06
C LEU A 1658 -12.21 3.67 10.85
N PHE A 1659 -12.14 3.73 12.18
CA PHE A 1659 -12.58 2.62 13.01
C PHE A 1659 -14.08 2.39 12.88
N LEU A 1660 -14.87 3.47 12.80
CA LEU A 1660 -16.30 3.31 12.58
C LEU A 1660 -16.58 2.62 11.25
N VAL A 1661 -15.89 3.05 10.19
CA VAL A 1661 -16.07 2.43 8.88
C VAL A 1661 -15.67 0.96 8.94
N MET A 1662 -14.56 0.67 9.62
CA MET A 1662 -14.11 -0.71 9.77
C MET A 1662 -15.14 -1.55 10.51
N PHE A 1663 -15.74 -0.99 11.56
CA PHE A 1663 -16.77 -1.73 12.31
C PHE A 1663 -17.96 -2.05 11.41
N ILE A 1664 -18.43 -1.07 10.64
CA ILE A 1664 -19.59 -1.31 9.78
C ILE A 1664 -19.28 -2.38 8.75
N PHE A 1665 -18.13 -2.26 8.08
CA PHE A 1665 -17.78 -3.24 7.06
C PHE A 1665 -17.52 -4.61 7.68
N SER A 1666 -17.05 -4.66 8.93
CA SER A 1666 -16.83 -5.95 9.59
C SER A 1666 -18.16 -6.62 9.91
N ILE A 1667 -19.15 -5.85 10.35
CA ILE A 1667 -20.48 -6.42 10.58
C ILE A 1667 -21.05 -6.96 9.27
N PHE A 1668 -20.88 -6.19 8.18
CA PHE A 1668 -21.34 -6.67 6.88
C PHE A 1668 -20.64 -7.96 6.47
N GLY A 1669 -19.32 -8.02 6.67
CA GLY A 1669 -18.58 -9.21 6.31
C GLY A 1669 -18.98 -10.44 7.11
N MET A 1670 -19.22 -10.25 8.41
CA MET A 1670 -19.76 -11.35 9.22
C MET A 1670 -21.12 -11.78 8.70
N SER A 1671 -21.97 -10.82 8.32
CA SER A 1671 -23.30 -11.17 7.85
C SER A 1671 -23.29 -11.85 6.49
N ASN A 1672 -22.25 -11.67 5.68
CA ASN A 1672 -22.25 -12.18 4.32
C ASN A 1672 -21.26 -13.33 4.10
N PHE A 1673 -19.98 -13.12 4.40
CA PHE A 1673 -18.94 -14.07 4.00
C PHE A 1673 -18.44 -14.92 5.16
N ALA A 1674 -19.34 -15.36 6.05
CA ALA A 1674 -18.95 -16.15 7.20
C ALA A 1674 -18.87 -17.64 6.91
N TYR A 1675 -19.24 -18.07 5.70
CA TYR A 1675 -19.29 -19.50 5.38
C TYR A 1675 -18.63 -19.85 4.05
N VAL A 1676 -17.89 -18.93 3.44
CA VAL A 1676 -17.24 -19.24 2.17
C VAL A 1676 -16.12 -20.26 2.39
N LYS A 1677 -15.69 -20.87 1.29
CA LYS A 1677 -14.66 -21.91 1.36
C LYS A 1677 -13.33 -21.32 1.78
N HIS A 1678 -12.56 -22.12 2.51
CA HIS A 1678 -11.24 -21.72 3.01
C HIS A 1678 -10.22 -21.92 1.90
N GLU A 1679 -9.98 -20.86 1.13
CA GLU A 1679 -9.06 -20.92 0.00
C GLU A 1679 -8.28 -19.60 -0.05
N ALA A 1680 -7.03 -19.69 -0.47
CA ALA A 1680 -6.16 -18.51 -0.68
C ALA A 1680 -6.07 -17.75 0.64
N GLY A 1681 -6.40 -16.46 0.67
CA GLY A 1681 -6.26 -15.68 1.89
C GLY A 1681 -7.23 -16.06 2.99
N ILE A 1682 -8.36 -16.68 2.64
CA ILE A 1682 -9.32 -17.13 3.64
C ILE A 1682 -8.86 -18.48 4.17
N ASP A 1683 -8.65 -18.55 5.49
CA ASP A 1683 -8.20 -19.78 6.12
C ASP A 1683 -8.91 -19.91 7.47
N ASP A 1684 -8.43 -20.83 8.29
CA ASP A 1684 -9.04 -21.08 9.60
C ASP A 1684 -8.74 -19.97 10.61
N MET A 1685 -7.86 -19.02 10.28
CA MET A 1685 -7.43 -18.01 11.22
C MET A 1685 -7.68 -16.58 10.76
N PHE A 1686 -7.83 -16.35 9.46
CA PHE A 1686 -8.06 -15.02 8.90
C PHE A 1686 -9.27 -15.11 7.97
N ASN A 1687 -10.44 -14.86 8.52
CA ASN A 1687 -11.71 -15.05 7.82
C ASN A 1687 -12.77 -14.20 8.51
N PHE A 1688 -14.05 -14.47 8.24
CA PHE A 1688 -15.11 -13.53 8.55
C PHE A 1688 -16.17 -14.05 9.51
N GLU A 1689 -16.00 -15.21 10.13
CA GLU A 1689 -17.05 -15.71 11.00
C GLU A 1689 -17.13 -14.87 12.28
N THR A 1690 -15.99 -14.65 12.93
CA THR A 1690 -15.95 -13.98 14.23
C THR A 1690 -15.61 -12.51 14.05
N PHE A 1691 -15.94 -11.72 15.08
CA PHE A 1691 -15.65 -10.29 15.04
C PHE A 1691 -14.16 -10.02 15.01
N GLY A 1692 -13.38 -10.78 15.79
CA GLY A 1692 -11.94 -10.55 15.82
C GLY A 1692 -11.28 -10.86 14.49
N ASN A 1693 -11.66 -11.98 13.87
CA ASN A 1693 -11.07 -12.35 12.59
C ASN A 1693 -11.44 -11.33 11.50
N SER A 1694 -12.70 -10.91 11.46
CA SER A 1694 -13.12 -9.90 10.49
C SER A 1694 -12.39 -8.58 10.73
N MET A 1695 -12.23 -8.19 11.99
CA MET A 1695 -11.51 -6.97 12.32
C MET A 1695 -10.08 -7.04 11.84
N ILE A 1696 -9.43 -8.19 12.05
CA ILE A 1696 -8.04 -8.36 11.62
C ILE A 1696 -7.94 -8.28 10.09
N CYS A 1697 -8.84 -8.97 9.41
CA CYS A 1697 -8.82 -8.95 7.95
C CYS A 1697 -9.04 -7.54 7.41
N LEU A 1698 -9.99 -6.80 7.99
CA LEU A 1698 -10.25 -5.44 7.51
C LEU A 1698 -9.10 -4.50 7.83
N PHE A 1699 -8.43 -4.69 8.98
CA PHE A 1699 -7.26 -3.85 9.26
C PHE A 1699 -6.15 -4.15 8.26
N GLN A 1700 -5.99 -5.41 7.88
CA GLN A 1700 -5.03 -5.75 6.83
C GLN A 1700 -5.40 -5.09 5.52
N ILE A 1701 -6.69 -5.10 5.16
CA ILE A 1701 -7.13 -4.49 3.91
C ILE A 1701 -7.07 -2.97 3.96
N THR A 1702 -7.02 -2.38 5.15
CA THR A 1702 -7.00 -0.93 5.26
C THR A 1702 -5.78 -0.34 4.56
N THR A 1703 -4.62 -0.97 4.74
CA THR A 1703 -3.42 -0.60 4.00
C THR A 1703 -3.41 -1.14 2.58
N SER A 1704 -4.52 -1.73 2.13
CA SER A 1704 -4.64 -2.31 0.80
C SER A 1704 -3.56 -3.36 0.55
N ALA A 1705 -3.43 -4.29 1.49
CA ALA A 1705 -2.44 -5.35 1.44
C ALA A 1705 -3.13 -6.68 1.21
N GLY A 1706 -2.97 -7.23 0.01
CA GLY A 1706 -3.51 -8.54 -0.30
C GLY A 1706 -5.02 -8.64 -0.23
N TRP A 1707 -5.72 -7.63 -0.72
CA TRP A 1707 -7.18 -7.71 -0.79
C TRP A 1707 -7.65 -8.63 -1.90
N ASP A 1708 -6.77 -8.96 -2.86
CA ASP A 1708 -7.11 -9.93 -3.89
C ASP A 1708 -7.28 -11.32 -3.28
N GLY A 1709 -6.42 -11.70 -2.34
CA GLY A 1709 -6.53 -13.01 -1.72
C GLY A 1709 -7.82 -13.22 -0.96
N LEU A 1710 -8.35 -12.15 -0.37
CA LEU A 1710 -9.62 -12.21 0.34
C LEU A 1710 -10.82 -12.03 -0.58
N LEU A 1711 -10.60 -11.82 -1.87
CA LEU A 1711 -11.69 -11.68 -2.84
C LEU A 1711 -11.90 -12.91 -3.70
N LEU A 1712 -10.84 -13.69 -3.93
CA LEU A 1712 -10.97 -14.91 -4.74
C LEU A 1712 -11.96 -15.91 -4.18
N PRO A 1713 -11.96 -16.24 -2.88
CA PRO A 1713 -12.92 -17.25 -2.39
C PRO A 1713 -14.37 -16.87 -2.62
N ILE A 1714 -14.71 -15.58 -2.52
CA ILE A 1714 -16.06 -15.15 -2.82
C ILE A 1714 -16.43 -15.41 -4.27
N LEU A 1715 -15.48 -15.25 -5.19
CA LEU A 1715 -15.73 -15.42 -6.62
C LEU A 1715 -15.87 -16.89 -7.03
N ASN A 1716 -15.97 -17.80 -6.08
CA ASN A 1716 -16.12 -19.21 -6.41
C ASN A 1716 -17.49 -19.48 -7.02
N ARG A 1717 -17.60 -20.63 -7.68
CA ARG A 1717 -18.77 -21.00 -8.45
C ARG A 1717 -19.26 -22.38 -8.03
N PRO A 1718 -20.51 -22.71 -8.33
CA PRO A 1718 -21.07 -24.03 -7.93
C PRO A 1718 -20.23 -25.20 -8.44
N PRO A 1719 -19.59 -25.10 -9.62
CA PRO A 1719 -18.63 -26.15 -9.98
C PRO A 1719 -17.52 -26.35 -8.97
N ASP A 1720 -17.07 -25.28 -8.29
CA ASP A 1720 -16.04 -25.41 -7.28
C ASP A 1720 -16.63 -25.60 -5.88
N CYS A 1721 -17.43 -24.64 -5.43
CA CYS A 1721 -18.06 -24.71 -4.12
C CYS A 1721 -19.40 -25.42 -4.20
N SER A 1722 -19.67 -26.27 -3.21
CA SER A 1722 -20.91 -27.03 -3.18
C SER A 1722 -22.07 -26.11 -2.80
N LEU A 1723 -23.13 -26.12 -3.62
CA LEU A 1723 -24.29 -25.29 -3.33
C LEU A 1723 -24.96 -25.71 -2.02
N ASP A 1724 -25.03 -27.01 -1.77
CA ASP A 1724 -25.52 -27.55 -0.51
C ASP A 1724 -24.38 -28.28 0.20
N LYS A 1725 -24.14 -27.91 1.45
CA LYS A 1725 -23.05 -28.49 2.23
C LYS A 1725 -23.44 -28.48 3.69
N GLU A 1726 -23.26 -29.61 4.36
CA GLU A 1726 -23.63 -29.71 5.77
C GLU A 1726 -22.66 -28.91 6.62
N HIS A 1727 -23.22 -28.08 7.50
CA HIS A 1727 -22.42 -27.31 8.46
C HIS A 1727 -22.77 -27.78 9.86
N PRO A 1728 -21.96 -28.65 10.47
CA PRO A 1728 -22.31 -29.18 11.80
C PRO A 1728 -22.35 -28.08 12.84
N GLY A 1729 -23.52 -27.92 13.47
CA GLY A 1729 -23.73 -26.94 14.51
C GLY A 1729 -24.56 -25.75 14.10
N SER A 1730 -24.79 -25.55 12.80
CA SER A 1730 -25.57 -24.43 12.32
C SER A 1730 -26.52 -24.89 11.23
N GLY A 1731 -27.60 -24.14 11.05
CA GLY A 1731 -28.59 -24.47 10.04
C GLY A 1731 -28.27 -24.00 8.64
N PHE A 1732 -27.21 -23.21 8.46
CA PHE A 1732 -26.84 -22.75 7.13
C PHE A 1732 -26.27 -23.90 6.31
N LYS A 1733 -26.59 -23.89 5.01
CA LYS A 1733 -26.15 -24.92 4.09
C LYS A 1733 -25.39 -24.28 2.93
N GLY A 1734 -24.33 -24.94 2.50
CA GLY A 1734 -23.56 -24.46 1.36
C GLY A 1734 -22.41 -23.57 1.79
N ASP A 1735 -21.40 -23.50 0.93
CA ASP A 1735 -20.21 -22.70 1.18
C ASP A 1735 -19.86 -21.82 -0.01
N CYS A 1736 -20.88 -21.32 -0.70
CA CYS A 1736 -20.69 -20.42 -1.84
C CYS A 1736 -20.99 -18.98 -1.45
N GLY A 1737 -20.41 -18.05 -2.20
CA GLY A 1737 -20.59 -16.64 -1.94
C GLY A 1737 -21.09 -15.91 -3.16
N ASN A 1738 -21.64 -14.73 -2.92
CA ASN A 1738 -22.17 -13.89 -3.99
C ASN A 1738 -21.05 -13.07 -4.58
N PRO A 1739 -20.65 -13.29 -5.85
CA PRO A 1739 -19.57 -12.47 -6.42
C PRO A 1739 -19.89 -10.99 -6.46
N SER A 1740 -21.15 -10.63 -6.73
CA SER A 1740 -21.53 -9.23 -6.80
C SER A 1740 -21.35 -8.54 -5.45
N VAL A 1741 -21.85 -9.17 -4.38
CA VAL A 1741 -21.76 -8.59 -3.06
C VAL A 1741 -20.31 -8.43 -2.63
N GLY A 1742 -19.50 -9.47 -2.87
CA GLY A 1742 -18.09 -9.39 -2.50
C GLY A 1742 -17.34 -8.32 -3.27
N ILE A 1743 -17.58 -8.23 -4.58
CA ILE A 1743 -16.89 -7.23 -5.40
C ILE A 1743 -17.27 -5.83 -4.94
N PHE A 1744 -18.57 -5.58 -4.74
CA PHE A 1744 -19.01 -4.26 -4.32
C PHE A 1744 -18.46 -3.93 -2.93
N PHE A 1745 -18.50 -4.89 -2.01
CA PHE A 1745 -17.96 -4.70 -0.66
C PHE A 1745 -16.49 -4.29 -0.70
N PHE A 1746 -15.67 -5.06 -1.41
CA PHE A 1746 -14.23 -4.80 -1.42
C PHE A 1746 -13.90 -3.51 -2.14
N VAL A 1747 -14.60 -3.21 -3.25
CA VAL A 1747 -14.33 -1.97 -3.96
C VAL A 1747 -14.70 -0.76 -3.11
N SER A 1748 -15.87 -0.80 -2.46
CA SER A 1748 -16.28 0.33 -1.62
C SER A 1748 -15.31 0.51 -0.45
N TYR A 1749 -14.89 -0.59 0.18
CA TYR A 1749 -13.92 -0.47 1.27
C TYR A 1749 -12.61 0.11 0.78
N ILE A 1750 -12.15 -0.33 -0.39
CA ILE A 1750 -10.89 0.19 -0.93
C ILE A 1750 -11.00 1.69 -1.16
N ILE A 1751 -12.10 2.14 -1.76
CA ILE A 1751 -12.26 3.57 -2.05
C ILE A 1751 -12.28 4.38 -0.75
N ILE A 1752 -13.08 3.92 0.23
CA ILE A 1752 -13.21 4.68 1.46
C ILE A 1752 -11.88 4.73 2.22
N SER A 1753 -11.18 3.58 2.31
CA SER A 1753 -9.90 3.56 2.99
C SER A 1753 -8.88 4.43 2.28
N PHE A 1754 -8.88 4.44 0.95
CA PHE A 1754 -7.96 5.30 0.22
C PHE A 1754 -8.22 6.77 0.53
N LEU A 1755 -9.49 7.17 0.54
CA LEU A 1755 -9.82 8.56 0.85
C LEU A 1755 -9.39 8.92 2.27
N ILE A 1756 -9.67 8.04 3.23
CA ILE A 1756 -9.33 8.34 4.63
C ILE A 1756 -7.81 8.43 4.81
N VAL A 1757 -7.06 7.51 4.20
CA VAL A 1757 -5.60 7.52 4.33
C VAL A 1757 -5.03 8.76 3.65
N VAL A 1758 -5.60 9.17 2.51
CA VAL A 1758 -5.14 10.37 1.85
C VAL A 1758 -5.35 11.59 2.74
N ASN A 1759 -6.52 11.66 3.39
CA ASN A 1759 -6.77 12.77 4.30
C ASN A 1759 -5.79 12.76 5.47
N MET A 1760 -5.49 11.57 6.00
CA MET A 1760 -4.51 11.47 7.09
C MET A 1760 -3.15 11.97 6.65
N TYR A 1761 -2.71 11.57 5.45
CA TYR A 1761 -1.44 12.02 4.92
C TYR A 1761 -1.41 13.54 4.76
N ILE A 1762 -2.49 14.10 4.22
CA ILE A 1762 -2.54 15.55 4.02
C ILE A 1762 -2.46 16.28 5.36
N ALA A 1763 -3.20 15.81 6.35
CA ALA A 1763 -3.19 16.46 7.66
C ALA A 1763 -1.81 16.42 8.29
N ILE A 1764 -1.17 15.24 8.29
CA ILE A 1764 0.12 15.13 8.96
C ILE A 1764 1.19 15.93 8.21
N ILE A 1765 1.10 15.96 6.87
CA ILE A 1765 2.09 16.72 6.10
C ILE A 1765 1.92 18.21 6.31
N LEU A 1766 0.67 18.69 6.38
CA LEU A 1766 0.43 20.10 6.67
C LEU A 1766 0.97 20.47 8.06
N GLU A 1767 0.74 19.60 9.04
CA GLU A 1767 1.25 19.89 10.39
C GLU A 1767 2.77 19.88 10.40
N ASN A 1768 3.39 18.97 9.66
CA ASN A 1768 4.84 18.94 9.57
C ASN A 1768 5.38 20.23 8.95
N PHE A 1769 4.74 20.70 7.88
CA PHE A 1769 5.17 21.96 7.26
C PHE A 1769 5.02 23.13 8.23
N SER A 1770 3.90 23.17 8.95
CA SER A 1770 3.68 24.25 9.91
C SER A 1770 4.73 24.23 11.00
N VAL A 1771 5.07 23.05 11.51
CA VAL A 1771 6.10 22.95 12.54
C VAL A 1771 7.46 23.38 11.99
N ALA A 1772 7.81 22.91 10.79
CA ALA A 1772 9.12 23.19 10.21
C ALA A 1772 9.26 24.62 9.68
N THR A 1773 8.16 25.36 9.59
CA THR A 1773 8.18 26.74 9.09
C THR A 1773 8.09 27.75 10.22
N GLU A 1774 8.72 27.45 11.35
CA GLU A 1774 8.71 28.33 12.52
C GLU A 1774 10.14 28.58 12.98
N GLU A 1775 10.42 29.84 13.34
CA GLU A 1775 11.73 30.22 13.84
C GLU A 1775 11.59 31.52 14.62
N SER A 1776 12.18 31.57 15.81
CA SER A 1776 12.11 32.74 16.66
C SER A 1776 13.36 32.83 17.51
N ALA A 1777 13.62 34.03 18.03
CA ALA A 1777 14.79 34.28 18.86
C ALA A 1777 14.65 33.58 20.21
N GLY B 20 -15.35 -24.85 9.75
CA GLY B 20 -16.76 -24.90 9.36
C GLY B 20 -17.60 -25.80 10.24
N CYS B 21 -17.38 -25.71 11.55
CA CYS B 21 -18.12 -26.51 12.51
C CYS B 21 -18.17 -25.78 13.83
N VAL B 22 -19.31 -25.92 14.53
CA VAL B 22 -19.51 -25.35 15.86
C VAL B 22 -20.01 -26.47 16.76
N GLU B 23 -19.23 -26.79 17.79
CA GLU B 23 -19.59 -27.86 18.72
C GLU B 23 -20.70 -27.37 19.64
N VAL B 24 -21.91 -27.84 19.40
CA VAL B 24 -23.06 -27.43 20.18
C VAL B 24 -23.47 -28.56 21.12
N ASP B 25 -24.37 -28.27 22.04
CA ASP B 25 -24.83 -29.23 23.03
C ASP B 25 -26.33 -29.43 22.89
N SER B 26 -26.76 -30.69 23.02
CA SER B 26 -28.17 -31.01 22.87
C SER B 26 -28.97 -30.51 24.07
N GLU B 27 -30.27 -30.32 23.85
CA GLU B 27 -31.17 -29.88 24.90
C GLU B 27 -31.48 -31.03 25.85
N THR B 28 -31.46 -30.74 27.14
CA THR B 28 -31.69 -31.79 28.15
C THR B 28 -33.15 -32.22 28.18
N GLU B 29 -34.07 -31.26 28.16
CA GLU B 29 -35.48 -31.56 28.31
C GLU B 29 -36.08 -32.08 27.02
N ALA B 30 -36.77 -33.22 27.11
CA ALA B 30 -37.45 -33.82 25.98
C ALA B 30 -38.93 -34.00 26.31
N VAL B 31 -39.79 -33.50 25.44
CA VAL B 31 -41.23 -33.58 25.66
C VAL B 31 -41.72 -34.99 25.35
N TYR B 32 -42.71 -35.44 26.11
CA TYR B 32 -43.25 -36.78 25.95
C TYR B 32 -44.27 -36.82 24.83
N GLY B 33 -44.17 -37.84 23.97
CA GLY B 33 -45.11 -38.05 22.90
C GLY B 33 -44.73 -37.43 21.58
N MET B 34 -43.72 -36.59 21.53
CA MET B 34 -43.26 -35.95 20.30
C MET B 34 -41.80 -36.28 20.05
N THR B 35 -41.32 -35.89 18.87
CA THR B 35 -39.98 -36.26 18.43
C THR B 35 -38.93 -35.46 19.20
N PHE B 36 -37.67 -35.80 18.96
CA PHE B 36 -36.55 -35.13 19.61
C PHE B 36 -35.34 -35.20 18.69
N LYS B 37 -34.19 -34.74 19.19
CA LYS B 37 -32.95 -34.76 18.42
C LYS B 37 -31.80 -34.71 19.40
N ILE B 38 -31.03 -35.79 19.46
CA ILE B 38 -29.90 -35.92 20.38
C ILE B 38 -28.64 -35.56 19.60
N LEU B 39 -27.96 -34.49 20.02
CA LEU B 39 -26.84 -33.94 19.27
C LEU B 39 -25.51 -34.50 19.80
N CYS B 40 -24.68 -34.98 18.88
CA CYS B 40 -23.31 -35.41 19.21
C CYS B 40 -22.43 -34.92 18.07
N ILE B 41 -21.85 -33.73 18.24
CA ILE B 41 -21.02 -33.09 17.22
C ILE B 41 -19.58 -33.07 17.72
N SER B 42 -18.67 -33.68 16.96
CA SER B 42 -17.25 -33.73 17.30
C SER B 42 -16.46 -33.59 15.99
N CYS B 43 -16.07 -32.37 15.67
CA CYS B 43 -15.30 -32.08 14.47
C CYS B 43 -13.82 -31.97 14.79
N LYS B 44 -13.00 -32.27 13.78
CA LYS B 44 -11.56 -32.30 13.96
C LYS B 44 -10.99 -30.90 14.17
N ARG B 45 -9.74 -30.86 14.60
CA ARG B 45 -9.09 -29.58 14.89
C ARG B 45 -8.77 -28.80 13.61
N ARG B 46 -8.52 -29.49 12.51
CA ARG B 46 -8.26 -28.86 11.23
C ARG B 46 -9.21 -29.43 10.19
N SER B 47 -9.92 -28.54 9.48
CA SER B 47 -10.99 -28.98 8.59
C SER B 47 -10.44 -29.67 7.34
N GLU B 48 -9.30 -29.20 6.83
CA GLU B 48 -8.79 -29.70 5.56
C GLU B 48 -8.41 -31.18 5.60
N THR B 49 -8.21 -31.73 6.79
CA THR B 49 -7.80 -33.12 6.90
C THR B 49 -8.94 -34.07 6.53
N ASN B 50 -8.58 -35.29 6.16
CA ASN B 50 -9.53 -36.33 5.82
C ASN B 50 -9.41 -37.47 6.82
N ALA B 51 -10.52 -38.18 7.05
CA ALA B 51 -10.53 -39.24 8.03
C ALA B 51 -11.70 -40.19 7.75
N GLU B 52 -11.63 -41.37 8.35
CA GLU B 52 -12.69 -42.36 8.30
C GLU B 52 -13.25 -42.50 9.72
N THR B 53 -14.54 -42.25 9.89
CA THR B 53 -15.13 -42.14 11.21
C THR B 53 -16.37 -43.02 11.32
N PHE B 54 -16.56 -43.61 12.51
CA PHE B 54 -17.76 -44.37 12.79
C PHE B 54 -18.11 -44.22 14.27
N THR B 55 -19.39 -44.41 14.59
CA THR B 55 -19.88 -44.07 15.91
C THR B 55 -20.68 -45.21 16.51
N GLU B 56 -20.73 -45.22 17.84
CA GLU B 56 -21.57 -46.13 18.61
C GLU B 56 -22.26 -45.33 19.69
N TRP B 57 -23.42 -45.81 20.13
CA TRP B 57 -24.18 -45.13 21.18
C TRP B 57 -24.50 -46.12 22.29
N THR B 58 -24.32 -45.69 23.53
CA THR B 58 -24.66 -46.48 24.71
C THR B 58 -25.65 -45.69 25.56
N PHE B 59 -26.68 -46.38 26.05
CA PHE B 59 -27.75 -45.73 26.79
C PHE B 59 -27.92 -46.44 28.13
N ARG B 60 -27.95 -45.65 29.21
CA ARG B 60 -28.17 -46.17 30.56
C ARG B 60 -29.39 -45.46 31.14
N GLN B 61 -30.49 -46.19 31.30
CA GLN B 61 -31.70 -45.61 31.88
C GLN B 61 -31.48 -45.30 33.35
N LYS B 62 -32.20 -44.31 33.84
CA LYS B 62 -32.09 -43.95 35.26
C LYS B 62 -32.53 -45.11 36.13
N GLY B 63 -31.86 -45.27 37.26
CA GLY B 63 -32.02 -46.44 38.12
C GLY B 63 -31.03 -47.53 37.77
N THR B 64 -30.93 -47.88 36.48
CA THR B 64 -29.93 -48.83 36.03
C THR B 64 -28.54 -48.19 36.05
N GLU B 65 -27.53 -49.02 36.24
CA GLU B 65 -26.15 -48.54 36.36
C GLU B 65 -25.23 -49.11 35.29
N GLU B 66 -25.76 -49.69 34.22
CA GLU B 66 -24.96 -50.28 33.17
C GLU B 66 -25.33 -49.69 31.82
N PHE B 67 -24.33 -49.26 31.05
CA PHE B 67 -24.57 -48.75 29.72
C PHE B 67 -24.70 -49.90 28.73
N VAL B 68 -25.68 -49.79 27.83
CA VAL B 68 -25.98 -50.82 26.85
C VAL B 68 -25.93 -50.19 25.47
N LYS B 69 -25.20 -50.82 24.54
CA LYS B 69 -25.12 -50.33 23.17
C LYS B 69 -26.50 -50.39 22.52
N ILE B 70 -26.88 -49.32 21.84
CA ILE B 70 -28.18 -49.24 21.20
C ILE B 70 -28.05 -49.21 19.69
N LEU B 71 -27.07 -48.46 19.17
CA LEU B 71 -26.91 -48.33 17.73
C LEU B 71 -25.44 -48.12 17.39
N ARG B 72 -25.12 -48.42 16.14
CA ARG B 72 -23.75 -48.32 15.64
C ARG B 72 -23.80 -47.92 14.18
N TYR B 73 -23.22 -46.78 13.83
CA TYR B 73 -23.22 -46.27 12.47
C TYR B 73 -21.81 -46.39 11.89
N GLU B 74 -21.71 -47.00 10.71
CA GLU B 74 -20.44 -47.25 10.06
C GLU B 74 -20.70 -47.60 8.59
N ASN B 75 -19.77 -47.16 7.73
CA ASN B 75 -19.87 -47.42 6.28
C ASN B 75 -21.21 -46.97 5.73
N GLU B 76 -21.70 -45.83 6.20
CA GLU B 76 -22.96 -45.25 5.78
C GLU B 76 -24.15 -46.17 6.02
N VAL B 77 -24.03 -47.10 6.97
CA VAL B 77 -25.14 -47.96 7.35
C VAL B 77 -25.31 -47.88 8.86
N LEU B 78 -26.53 -48.20 9.31
CA LEU B 78 -26.91 -48.12 10.71
C LEU B 78 -27.33 -49.49 11.21
N GLN B 79 -26.75 -49.93 12.31
CA GLN B 79 -27.09 -51.19 12.95
C GLN B 79 -27.77 -50.87 14.27
N LEU B 80 -28.99 -51.40 14.45
CA LEU B 80 -29.76 -51.20 15.66
C LEU B 80 -29.85 -52.53 16.41
N GLU B 81 -29.36 -52.53 17.64
CA GLU B 81 -29.41 -53.74 18.45
C GLU B 81 -30.83 -54.01 18.93
N GLU B 82 -31.08 -55.24 19.36
CA GLU B 82 -32.39 -55.62 19.83
C GLU B 82 -32.69 -54.94 21.17
N ASP B 83 -33.71 -54.08 21.17
CA ASP B 83 -34.10 -53.36 22.37
C ASP B 83 -35.56 -52.96 22.22
N GLU B 84 -36.43 -53.52 23.06
CA GLU B 84 -37.86 -53.28 22.91
C GLU B 84 -38.23 -51.81 23.06
N ARG B 85 -37.36 -51.01 23.66
CA ARG B 85 -37.62 -49.59 23.87
C ARG B 85 -37.11 -48.71 22.73
N PHE B 86 -36.49 -49.28 21.69
CA PHE B 86 -35.90 -48.44 20.67
C PHE B 86 -36.18 -48.86 19.22
N GLU B 87 -36.61 -50.08 18.95
CA GLU B 87 -36.93 -50.45 17.57
C GLU B 87 -38.10 -49.64 17.05
N GLY B 88 -37.95 -49.09 15.85
CA GLY B 88 -38.99 -48.34 15.19
C GLY B 88 -39.12 -46.89 15.62
N ARG B 89 -38.27 -46.41 16.53
CA ARG B 89 -38.40 -45.05 17.04
C ARG B 89 -37.04 -44.38 17.16
N VAL B 90 -36.15 -44.66 16.22
CA VAL B 90 -34.86 -43.96 16.15
C VAL B 90 -34.31 -44.06 14.73
N VAL B 91 -33.89 -42.92 14.17
CA VAL B 91 -33.31 -42.87 12.84
C VAL B 91 -32.04 -42.02 12.89
N TRP B 92 -31.15 -42.28 11.94
CA TRP B 92 -29.91 -41.52 11.86
C TRP B 92 -30.18 -40.10 11.38
N ASN B 93 -29.58 -39.13 12.06
CA ASN B 93 -29.73 -37.73 11.71
C ASN B 93 -28.41 -37.00 11.80
N GLY B 94 -27.34 -37.63 11.30
CA GLY B 94 -26.02 -37.04 11.28
C GLY B 94 -25.60 -36.64 9.88
N SER B 95 -24.28 -36.52 9.70
CA SER B 95 -23.74 -36.19 8.39
C SER B 95 -24.00 -37.33 7.41
N ARG B 96 -24.28 -36.96 6.16
CA ARG B 96 -24.64 -37.91 5.13
C ARG B 96 -23.80 -37.69 3.88
N GLY B 97 -23.64 -38.74 3.09
CA GLY B 97 -22.95 -38.65 1.82
C GLY B 97 -21.44 -38.78 1.89
N THR B 98 -20.88 -39.12 3.05
CA THR B 98 -19.43 -39.25 3.17
C THR B 98 -19.09 -40.16 4.33
N LYS B 99 -17.87 -40.69 4.30
CA LYS B 99 -17.34 -41.48 5.42
C LYS B 99 -16.75 -40.60 6.52
N ASP B 100 -16.47 -39.33 6.23
CA ASP B 100 -15.90 -38.41 7.20
C ASP B 100 -17.05 -37.80 7.98
N LEU B 101 -17.30 -38.32 9.17
CA LEU B 101 -18.44 -37.93 9.98
C LEU B 101 -18.01 -36.97 11.07
N GLN B 102 -18.62 -35.78 11.11
CA GLN B 102 -18.46 -34.86 12.21
C GLN B 102 -19.74 -34.62 12.99
N ASP B 103 -20.90 -34.92 12.40
CA ASP B 103 -22.19 -34.84 13.09
C ASP B 103 -22.68 -36.27 13.30
N LEU B 104 -22.82 -36.66 14.57
CA LEU B 104 -23.22 -38.02 14.92
C LEU B 104 -24.58 -38.04 15.61
N SER B 105 -25.42 -37.05 15.32
CA SER B 105 -26.72 -36.95 15.97
C SER B 105 -27.65 -38.05 15.49
N ILE B 106 -28.60 -38.42 16.36
CA ILE B 106 -29.63 -39.38 16.02
C ILE B 106 -30.99 -38.77 16.34
N PHE B 107 -32.00 -39.16 15.56
CA PHE B 107 -33.34 -38.62 15.65
C PHE B 107 -34.28 -39.71 16.13
N ILE B 108 -35.00 -39.45 17.21
CA ILE B 108 -36.01 -40.37 17.75
C ILE B 108 -37.39 -39.82 17.43
N THR B 109 -38.22 -40.65 16.83
CA THR B 109 -39.52 -40.21 16.33
C THR B 109 -40.63 -40.32 17.36
N ASN B 110 -40.37 -40.91 18.52
CA ASN B 110 -41.39 -41.03 19.56
C ASN B 110 -40.68 -41.11 20.91
N VAL B 111 -40.79 -40.05 21.69
CA VAL B 111 -40.17 -39.99 23.01
C VAL B 111 -41.14 -40.58 24.03
N THR B 112 -40.70 -41.63 24.71
CA THR B 112 -41.44 -42.22 25.82
C THR B 112 -40.68 -41.94 27.12
N TYR B 113 -41.18 -42.50 28.21
CA TYR B 113 -40.50 -42.34 29.49
C TYR B 113 -39.31 -43.28 29.64
N ASN B 114 -39.12 -44.22 28.70
CA ASN B 114 -37.95 -45.07 28.73
C ASN B 114 -36.70 -44.29 28.31
N HIS B 115 -36.85 -43.35 27.38
CA HIS B 115 -35.71 -42.59 26.88
C HIS B 115 -35.37 -41.44 27.82
N SER B 116 -35.18 -41.74 29.09
CA SER B 116 -34.82 -40.75 30.11
C SER B 116 -33.63 -41.30 30.89
N GLY B 117 -32.43 -41.04 30.39
CA GLY B 117 -31.24 -41.55 31.01
C GLY B 117 -30.01 -40.82 30.52
N ASP B 118 -28.88 -41.54 30.56
CA ASP B 118 -27.59 -41.01 30.16
C ASP B 118 -27.15 -41.66 28.86
N TYR B 119 -26.79 -40.84 27.88
CA TYR B 119 -26.33 -41.30 26.58
C TYR B 119 -24.84 -41.01 26.44
N GLU B 120 -24.09 -41.99 25.97
CA GLU B 120 -22.68 -41.84 25.67
C GLU B 120 -22.48 -42.09 24.18
N CYS B 121 -21.95 -41.08 23.50
CA CYS B 121 -21.69 -41.12 22.06
C CYS B 121 -20.20 -41.38 21.88
N HIS B 122 -19.84 -42.60 21.50
CA HIS B 122 -18.45 -42.95 21.26
C HIS B 122 -18.15 -42.79 19.78
N VAL B 123 -17.32 -41.82 19.43
CA VAL B 123 -16.95 -41.56 18.05
C VAL B 123 -15.49 -41.97 17.86
N TYR B 124 -15.25 -42.88 16.93
CA TYR B 124 -13.91 -43.39 16.62
C TYR B 124 -13.53 -42.90 15.24
N ARG B 125 -12.39 -42.21 15.16
CA ARG B 125 -11.92 -41.56 13.94
C ARG B 125 -10.52 -42.04 13.62
N LEU B 126 -10.26 -42.30 12.34
CA LEU B 126 -8.95 -42.71 11.86
C LEU B 126 -8.50 -41.66 10.85
N LEU B 127 -7.48 -40.90 11.21
CA LEU B 127 -6.98 -39.81 10.38
C LEU B 127 -5.83 -40.31 9.53
N PHE B 128 -5.91 -40.05 8.22
CA PHE B 128 -4.94 -40.52 7.24
C PHE B 128 -4.08 -39.34 6.79
N PHE B 129 -2.84 -39.29 7.26
CA PHE B 129 -1.86 -38.33 6.77
C PHE B 129 -0.91 -39.06 5.82
N GLU B 130 0.11 -38.34 5.35
CA GLU B 130 1.11 -38.96 4.49
C GLU B 130 2.07 -39.77 5.36
N ASN B 131 2.06 -41.09 5.16
CA ASN B 131 2.86 -42.03 5.95
C ASN B 131 2.53 -41.84 7.44
N TYR B 132 1.23 -41.85 7.76
CA TYR B 132 0.78 -41.67 9.12
C TYR B 132 -0.70 -42.02 9.21
N GLU B 133 -1.07 -42.77 10.25
CA GLU B 133 -2.46 -43.07 10.53
C GLU B 133 -2.69 -42.95 12.02
N HIS B 134 -3.60 -42.08 12.42
CA HIS B 134 -3.84 -41.79 13.84
C HIS B 134 -5.22 -42.25 14.26
N ASN B 135 -5.29 -42.91 15.41
CA ASN B 135 -6.53 -43.43 15.98
C ASN B 135 -6.97 -42.50 17.09
N THR B 136 -8.22 -42.03 17.01
CA THR B 136 -8.76 -41.11 18.00
C THR B 136 -10.13 -41.60 18.46
N SER B 137 -10.36 -41.57 19.77
CA SER B 137 -11.65 -41.95 20.33
C SER B 137 -12.13 -40.82 21.22
N VAL B 138 -13.37 -40.38 21.01
CA VAL B 138 -13.97 -39.30 21.81
C VAL B 138 -15.29 -39.80 22.36
N VAL B 139 -15.55 -39.49 23.63
CA VAL B 139 -16.78 -39.89 24.30
C VAL B 139 -17.55 -38.64 24.68
N LYS B 140 -18.78 -38.52 24.18
CA LYS B 140 -19.64 -37.39 24.49
C LYS B 140 -20.74 -37.83 25.45
N LYS B 141 -21.01 -37.00 26.45
CA LYS B 141 -21.98 -37.30 27.50
C LYS B 141 -23.20 -36.42 27.32
N ILE B 142 -24.38 -37.03 27.27
CA ILE B 142 -25.63 -36.31 27.10
C ILE B 142 -26.62 -36.79 28.17
N HIS B 143 -27.28 -35.84 28.83
CA HIS B 143 -28.33 -36.15 29.79
C HIS B 143 -29.66 -35.74 29.20
N ILE B 144 -30.62 -36.67 29.21
CA ILE B 144 -31.94 -36.43 28.61
C ILE B 144 -32.99 -36.65 29.69
N GLU B 145 -33.84 -35.65 29.89
CA GLU B 145 -34.94 -35.72 30.85
C GLU B 145 -36.25 -35.65 30.09
N VAL B 146 -37.16 -36.57 30.40
CA VAL B 146 -38.45 -36.67 29.73
C VAL B 146 -39.50 -36.02 30.63
N VAL B 147 -40.21 -35.03 30.08
CA VAL B 147 -41.25 -34.33 30.80
C VAL B 147 -42.52 -34.33 29.95
N ASP B 148 -43.68 -34.26 30.62
CA ASP B 148 -44.94 -34.30 29.91
C ASP B 148 -45.17 -33.04 29.09
N LYS B 149 -44.73 -31.89 29.60
CA LYS B 149 -44.91 -30.61 28.93
C LYS B 149 -43.59 -29.85 28.93
N ALA B 150 -43.37 -29.09 27.85
CA ALA B 150 -42.12 -28.36 27.69
C ALA B 150 -42.19 -27.05 28.46
N ASN B 151 -41.21 -26.83 29.35
CA ASN B 151 -41.15 -25.64 30.17
C ASN B 151 -40.22 -24.62 29.52
N ARG B 152 -40.69 -23.39 29.37
CA ARG B 152 -39.87 -22.33 28.80
C ARG B 152 -38.70 -22.03 29.71
N ASP B 153 -37.55 -21.76 29.10
CA ASP B 153 -36.33 -21.50 29.87
C ASP B 153 -36.46 -20.20 30.64
N MET B 154 -35.79 -20.15 31.81
CA MET B 154 -35.88 -18.98 32.67
C MET B 154 -35.28 -17.75 32.01
N ALA B 155 -34.36 -17.94 31.07
CA ALA B 155 -33.74 -16.79 30.41
C ALA B 155 -34.76 -15.97 29.65
N SER B 156 -35.67 -16.62 28.94
CA SER B 156 -36.70 -15.91 28.19
C SER B 156 -37.61 -15.13 29.12
N ILE B 157 -38.03 -15.74 30.24
CA ILE B 157 -38.92 -15.07 31.18
C ILE B 157 -38.24 -13.85 31.78
N VAL B 158 -36.98 -14.02 32.20
CA VAL B 158 -36.23 -12.91 32.79
C VAL B 158 -36.06 -11.79 31.78
N SER B 159 -35.71 -12.13 30.54
CA SER B 159 -35.55 -11.10 29.52
C SER B 159 -36.84 -10.36 29.24
N GLU B 160 -37.97 -11.08 29.17
CA GLU B 160 -39.26 -10.44 28.96
C GLU B 160 -39.57 -9.47 30.08
N ILE B 161 -39.48 -9.94 31.33
CA ILE B 161 -39.81 -9.09 32.46
C ILE B 161 -38.90 -7.86 32.50
N MET B 162 -37.60 -8.07 32.26
CA MET B 162 -36.67 -6.96 32.29
C MET B 162 -36.97 -5.95 31.19
N MET B 163 -37.27 -6.42 29.97
CA MET B 163 -37.53 -5.48 28.89
C MET B 163 -38.77 -4.67 29.16
N TYR B 164 -39.84 -5.32 29.67
CA TYR B 164 -41.02 -4.56 30.06
C TYR B 164 -40.69 -3.54 31.15
N VAL B 165 -39.88 -3.93 32.13
CA VAL B 165 -39.59 -3.05 33.26
C VAL B 165 -38.83 -1.82 32.78
N LEU B 166 -37.77 -2.02 31.98
CA LEU B 166 -37.03 -0.87 31.46
C LEU B 166 -37.90 0.00 30.55
N ILE B 167 -38.74 -0.61 29.71
CA ILE B 167 -39.60 0.19 28.85
C ILE B 167 -40.50 1.10 29.68
N VAL B 168 -41.16 0.53 30.69
CA VAL B 168 -42.11 1.33 31.45
C VAL B 168 -41.39 2.38 32.29
N VAL B 169 -40.25 2.03 32.90
CA VAL B 169 -39.57 3.00 33.74
C VAL B 169 -39.01 4.14 32.90
N LEU B 170 -38.52 3.83 31.70
CA LEU B 170 -38.07 4.90 30.80
C LEU B 170 -39.21 5.79 30.38
N THR B 171 -40.38 5.20 30.11
CA THR B 171 -41.54 6.00 29.74
C THR B 171 -41.94 6.96 30.86
N ILE B 172 -42.00 6.45 32.09
CA ILE B 172 -42.40 7.30 33.21
C ILE B 172 -41.34 8.36 33.49
N TRP B 173 -40.06 8.02 33.35
CA TRP B 173 -39.00 9.01 33.55
C TRP B 173 -39.11 10.13 32.51
N LEU B 174 -39.31 9.76 31.24
CA LEU B 174 -39.43 10.76 30.19
C LEU B 174 -40.64 11.66 30.40
N VAL B 175 -41.79 11.08 30.73
CA VAL B 175 -42.97 11.91 30.93
C VAL B 175 -42.84 12.78 32.17
N ALA B 176 -42.19 12.28 33.24
CA ALA B 176 -41.99 13.09 34.42
C ALA B 176 -41.08 14.28 34.14
N GLU B 177 -39.98 14.05 33.42
CA GLU B 177 -39.10 15.16 33.06
C GLU B 177 -39.81 16.16 32.15
N MET B 178 -40.62 15.66 31.22
CA MET B 178 -41.38 16.57 30.36
C MET B 178 -42.36 17.41 31.18
N ILE B 179 -43.03 16.80 32.15
CA ILE B 179 -43.98 17.55 32.98
C ILE B 179 -43.24 18.60 33.81
N TYR B 180 -42.10 18.23 34.39
CA TYR B 180 -41.31 19.18 35.17
C TYR B 180 -40.91 20.38 34.32
N CYS B 181 -40.32 20.12 33.16
CA CYS B 181 -39.90 21.22 32.28
C CYS B 181 -41.09 22.03 31.78
N TYR B 182 -42.22 21.36 31.52
CA TYR B 182 -43.43 22.06 31.09
C TYR B 182 -43.87 23.06 32.15
N LYS B 183 -43.98 22.60 33.39
CA LYS B 183 -44.41 23.51 34.46
C LYS B 183 -43.42 24.64 34.64
N LYS B 184 -42.13 24.34 34.62
CA LYS B 184 -41.12 25.39 34.83
C LYS B 184 -41.18 26.44 33.73
N ILE B 185 -41.21 26.01 32.47
CA ILE B 185 -41.19 26.95 31.35
C ILE B 185 -42.49 27.73 31.28
N ALA B 186 -43.62 27.07 31.58
CA ALA B 186 -44.89 27.79 31.58
C ALA B 186 -44.93 28.85 32.67
N ALA B 187 -44.42 28.52 33.86
CA ALA B 187 -44.36 29.52 34.93
C ALA B 187 -43.45 30.68 34.54
N ALA B 188 -42.30 30.38 33.94
CA ALA B 188 -41.39 31.44 33.52
C ALA B 188 -42.04 32.34 32.47
N THR B 189 -42.75 31.73 31.50
CA THR B 189 -43.41 32.52 30.46
C THR B 189 -44.51 33.39 31.04
N GLU B 190 -45.33 32.84 31.95
CA GLU B 190 -46.40 33.63 32.55
C GLU B 190 -45.84 34.75 33.42
N THR B 191 -44.72 34.51 34.10
CA THR B 191 -44.11 35.55 34.92
C THR B 191 -43.63 36.72 34.07
N ALA B 192 -43.02 36.43 32.92
CA ALA B 192 -42.53 37.48 32.04
C ALA B 192 -42.81 37.13 30.57
C1 NAG C . 4.16 -26.35 23.36
C2 NAG C . 5.63 -26.50 22.94
C3 NAG C . 6.11 -27.95 22.91
C4 NAG C . 5.57 -28.80 24.06
C5 NAG C . 4.06 -28.63 24.12
C6 NAG C . 3.42 -29.43 25.22
C7 NAG C . 6.06 -24.61 21.44
C8 NAG C . 7.47 -24.21 21.12
N2 NAG C . 5.86 -25.91 21.64
O3 NAG C . 7.53 -27.92 22.91
O4 NAG C . 5.88 -30.17 23.80
O5 NAG C . 3.78 -27.25 24.40
O6 NAG C . 3.95 -30.76 25.28
O7 NAG C . 5.15 -23.79 21.52
C1 NAG C . 7.12 -30.56 24.42
C2 NAG C . 7.23 -32.09 24.45
C3 NAG C . 8.51 -32.46 25.20
C4 NAG C . 9.73 -31.82 24.54
C5 NAG C . 9.49 -30.31 24.38
C6 NAG C . 10.58 -29.64 23.58
C7 NAG C . 5.90 -32.89 26.34
C8 NAG C . 5.73 -34.30 26.79
N2 NAG C . 6.07 -32.72 25.03
O3 NAG C . 8.66 -33.87 25.23
O4 NAG C . 10.88 -32.03 25.34
O5 NAG C . 8.25 -30.09 23.69
O6 NAG C . 10.03 -28.67 22.67
O7 NAG C . 5.89 -31.95 27.13
C1 BMA C . 11.74 -32.91 24.58
C2 BMA C . 13.13 -32.90 25.18
C3 BMA C . 14.02 -33.91 24.54
C4 BMA C . 13.35 -35.26 24.54
C5 BMA C . 12.04 -35.16 23.81
C6 BMA C . 11.30 -36.47 23.79
O2 BMA C . 13.04 -33.20 26.57
O3 BMA C . 15.21 -33.98 25.30
O4 BMA C . 14.17 -36.22 23.88
O5 BMA C . 11.21 -34.23 24.52
O6 BMA C . 12.05 -37.45 24.50
C1 MAN C . 11.20 -38.54 24.88
C2 MAN C . 10.88 -38.36 26.33
C3 MAN C . 12.14 -38.37 27.15
C4 MAN C . 12.95 -39.61 26.84
C5 MAN C . 13.19 -39.71 25.36
C6 MAN C . 13.90 -40.97 24.98
O2 MAN C . 10.04 -39.43 26.76
O3 MAN C . 11.81 -38.37 28.52
O4 MAN C . 14.20 -39.54 27.50
O5 MAN C . 11.92 -39.75 24.72
O6 MAN C . 13.10 -42.07 25.32
C1 MAN C . 13.93 -43.14 25.78
C2 MAN C . 13.14 -44.39 25.66
C3 MAN C . 11.85 -44.21 26.38
C4 MAN C . 12.12 -43.92 27.85
C5 MAN C . 13.15 -42.80 28.02
C6 MAN C . 13.71 -42.74 29.42
O2 MAN C . 13.85 -45.46 26.28
O3 MAN C . 11.08 -45.40 26.25
O4 MAN C . 10.91 -43.53 28.49
O5 MAN C . 14.29 -42.98 27.15
O6 MAN C . 15.05 -43.24 29.46
C1 MAN C . 14.77 -46.10 25.38
C2 MAN C . 16.02 -45.32 25.05
C3 MAN C . 16.00 -44.74 23.65
C4 MAN C . 15.54 -45.79 22.68
C5 MAN C . 14.14 -46.20 23.05
C6 MAN C . 13.52 -47.16 22.08
O2 MAN C . 17.17 -46.14 25.24
O3 MAN C . 17.31 -44.27 23.30
O4 MAN C . 15.54 -45.28 21.35
O5 MAN C . 14.21 -46.88 24.31
O6 MAN C . 12.63 -48.04 22.74
C1 MAN C . 12.57 -37.31 29.11
C2 MAN C . 12.78 -37.67 30.55
C3 MAN C . 12.12 -36.67 31.46
C4 MAN C . 10.65 -36.51 31.10
C5 MAN C . 10.51 -36.24 29.60
C6 MAN C . 9.78 -34.96 29.28
O2 MAN C . 14.18 -37.76 30.81
O3 MAN C . 12.80 -35.42 31.33
O4 MAN C . 9.94 -37.69 31.42
O5 MAN C . 11.82 -36.10 29.05
O6 MAN C . 9.44 -34.92 27.90
C1 MAN C . 16.46 -34.09 24.59
C2 MAN C . 17.34 -34.65 25.74
C3 MAN C . 18.13 -33.58 26.56
C4 MAN C . 18.28 -32.23 25.85
C5 MAN C . 17.01 -31.85 25.14
C6 MAN C . 17.13 -30.48 24.50
O2 MAN C . 18.10 -35.80 25.33
O3 MAN C . 19.41 -34.09 26.92
O4 MAN C . 18.58 -31.23 26.82
O5 MAN C . 16.84 -32.80 24.10
O6 MAN C . 16.13 -30.22 23.51
C1 MAN C . 18.66 -35.87 23.98
C2 MAN C . 19.52 -37.10 23.82
C3 MAN C . 20.91 -36.90 24.40
C4 MAN C . 21.53 -35.61 23.86
C5 MAN C . 20.59 -34.44 24.12
C6 MAN C . 21.11 -33.14 23.55
O2 MAN C . 19.60 -37.45 22.43
O3 MAN C . 21.73 -38.02 24.07
O4 MAN C . 22.78 -35.37 24.49
O5 MAN C . 19.32 -34.70 23.50
O6 MAN C . 20.03 -32.24 23.26
C1 NAG D . -8.17 -48.19 16.44
C2 NAG D . -9.61 -47.98 16.93
C3 NAG D . -10.56 -48.85 16.13
C4 NAG D . -9.97 -50.26 16.03
C5 NAG D . -8.69 -50.18 15.21
C6 NAG D . -8.91 -50.70 13.80
C7 NAG D . -10.69 -47.99 19.14
C8 NAG D . -10.31 -47.75 20.57
N2 NAG D . -9.68 -48.33 18.33
O3 NAG D . -10.73 -48.31 14.82
O4 NAG D . -9.63 -50.71 17.36
O5 NAG D . -8.21 -48.82 15.14
O6 NAG D . -7.66 -50.67 13.09
O7 NAG D . -11.85 -47.88 18.75
C1 NAG D . -10.41 -51.81 17.90
C2 NAG D . -11.81 -51.92 17.27
C3 NAG D . -12.28 -53.37 17.24
C4 NAG D . -11.79 -54.15 18.45
C5 NAG D . -10.27 -54.08 18.55
C6 NAG D . -9.65 -55.43 18.16
C7 NAG D . -14.05 -51.32 18.07
C8 NAG D . -14.83 -50.86 16.87
N2 NAG D . -12.74 -51.09 18.03
O3 NAG D . -11.80 -54.00 16.05
O4 NAG D . -12.38 -53.62 19.65
O5 NAG D . -9.75 -53.05 17.71
O6 NAG D . -10.27 -56.47 18.93
O7 NAG D . -14.59 -51.85 19.02
C1 NAG E . -8.18 -27.26 -32.03
C2 NAG E . -8.58 -26.65 -33.38
C3 NAG E . -8.48 -27.67 -34.50
C4 NAG E . -7.11 -28.31 -34.51
C5 NAG E . -6.83 -28.92 -33.14
C6 NAG E . -5.44 -29.54 -33.10
C7 NAG E . -10.18 -24.88 -32.96
C8 NAG E . -9.94 -23.84 -34.02
N2 NAG E . -9.93 -26.13 -33.31
O3 NAG E . -8.70 -27.01 -35.76
O4 NAG E . -7.07 -29.34 -35.50
O5 NAG E . -6.91 -27.91 -32.13
O6 NAG E . -5.31 -30.48 -34.18
O7 NAG E . -10.57 -24.58 -31.85
C1 NAG F . 26.24 -45.94 13.41
C2 NAG F . 26.77 -46.57 14.70
C3 NAG F . 28.22 -46.99 14.53
C4 NAG F . 28.33 -47.93 13.34
C5 NAG F . 27.70 -47.30 12.11
C6 NAG F . 27.72 -48.26 10.92
C7 NAG F . 25.68 -45.82 16.73
C8 NAG F . 24.99 -44.57 17.19
N2 NAG F . 26.63 -45.65 15.82
O3 NAG F . 28.67 -47.66 15.72
O4 NAG F . 29.71 -48.21 13.07
O5 NAG F . 26.34 -46.93 12.39
O6 NAG F . 26.78 -49.31 11.15
O7 NAG F . 25.38 -46.92 17.16
C1 NAG G . -5.02 -36.35 -14.70
C2 NAG G . -4.96 -37.49 -15.73
C3 NAG G . -5.20 -38.86 -15.12
C4 NAG G . -4.24 -39.04 -13.97
C5 NAG G . -4.55 -37.95 -12.98
C6 NAG G . -3.69 -38.17 -11.76
C7 NAG G . -5.56 -37.20 -17.98
C8 NAG G . -4.18 -36.66 -18.21
N2 NAG G . -5.96 -37.22 -16.73
O3 NAG G . -4.92 -39.87 -16.09
O4 NAG G . -4.45 -40.32 -13.37
O5 NAG G . -4.23 -36.70 -13.56
O6 NAG G . -2.34 -38.17 -12.24
O7 NAG G . -6.26 -37.61 -18.89
C1 NAG H . 13.42 -39.03 8.11
C2 NAG H . 14.78 -39.50 7.58
C3 NAG H . 14.64 -40.65 6.59
C4 NAG H . 13.77 -41.74 7.17
C5 NAG H . 12.43 -41.16 7.60
C6 NAG H . 11.52 -42.23 8.19
C7 NAG H . 16.75 -38.16 7.15
C8 NAG H . 17.42 -37.26 6.16
N2 NAG H . 15.47 -38.40 6.94
O3 NAG H . 15.93 -41.18 6.27
O4 NAG H . 13.54 -42.75 6.18
O5 NAG H . 12.65 -40.14 8.58
O6 NAG H . 12.06 -42.69 9.43
O7 NAG H . 17.36 -38.65 8.09
CAA Y01 I . -36.98 6.27 -0.53
CBA Y01 I . -35.81 6.94 0.19
CAB Y01 I . -34.50 6.26 -0.19
CAN Y01 I . -35.77 8.44 -0.10
CAJ Y01 I . -34.68 9.21 0.62
CAO Y01 I . -33.64 9.80 -0.31
CBB Y01 I . -32.60 10.70 0.37
CAC Y01 I . -31.20 10.20 0.09
CBE Y01 I . -32.81 12.17 -0.06
CAP Y01 I . -34.29 12.49 -0.39
CAQ Y01 I . -34.57 13.92 0.14
CBG Y01 I . -33.16 14.50 0.30
CBI Y01 I . -32.37 13.32 0.91
CAE Y01 I . -32.82 12.99 2.34
CAU Y01 I . -30.89 13.73 0.87
CAS Y01 I . -30.67 15.03 1.66
CBF Y01 I . -31.53 16.19 1.15
CBD Y01 I . -33.01 15.81 1.05
CAK Y01 I . -33.79 16.92 0.35
CAI Y01 I . -33.39 18.29 0.82
CAZ Y01 I . -32.34 18.54 1.59
CAV Y01 I . -32.10 19.94 2.10
CBH Y01 I . -31.31 17.49 1.99
CAD Y01 I . -31.45 17.24 3.49
CAT Y01 I . -29.91 18.06 1.69
CAR Y01 I . -29.68 19.47 2.24
CBC Y01 I . -30.71 20.43 1.71
OAW Y01 I . -30.51 21.75 2.30
CAY Y01 I . -31.17 22.78 1.78
OAG Y01 I . -31.83 22.72 0.78
CAM Y01 I . -31.01 24.03 2.61
CAL Y01 I . -32.30 24.65 3.11
CAX Y01 I . -32.11 25.93 3.91
OAH Y01 I . -32.65 26.97 3.48
OAF Y01 I . -31.45 25.87 4.96
C1 CLR J . -17.86 14.40 -21.76
C2 CLR J . -18.24 12.95 -21.94
C3 CLR J . -17.95 12.15 -20.68
C4 CLR J . -18.69 12.78 -19.49
C5 CLR J . -18.38 14.24 -19.34
C6 CLR J . -18.05 14.72 -18.14
C7 CLR J . -17.75 16.16 -17.86
C8 CLR J . -18.20 17.10 -18.98
C9 CLR J . -17.88 16.49 -20.36
C10 CLR J . -18.55 15.11 -20.56
C11 CLR J . -18.20 17.50 -21.47
C12 CLR J . -17.55 18.88 -21.26
C13 CLR J . -17.88 19.49 -19.90
C14 CLR J . -17.48 18.44 -18.86
C15 CLR J . -17.55 19.17 -17.53
C16 CLR J . -16.93 20.53 -17.90
C17 CLR J . -17.01 20.69 -19.43
C18 CLR J . -19.38 19.83 -19.80
C19 CLR J . -20.06 15.24 -20.86
C20 CLR J . -17.39 22.14 -19.81
C21 CLR J . -17.44 22.44 -21.30
C22 CLR J . -16.38 23.08 -19.13
C23 CLR J . -16.87 24.51 -18.89
C24 CLR J . -17.88 24.58 -17.76
C25 CLR J . -17.33 24.33 -16.35
C26 CLR J . -18.39 24.60 -15.30
C27 CLR J . -16.08 25.16 -16.07
O1 CLR J . -18.34 10.81 -20.89
CAA Y01 K . 5.84 1.40 -26.39
CBA Y01 K . 6.76 0.49 -27.19
CAB Y01 K . 6.86 0.98 -28.62
CAN Y01 K . 8.14 0.37 -26.53
CAJ Y01 K . 9.12 -0.53 -27.24
CAO Y01 K . 8.64 -1.96 -27.36
CBB Y01 K . 9.53 -2.89 -28.19
CAC Y01 K . 10.89 -3.04 -27.52
CBE Y01 K . 8.81 -4.22 -28.44
CAP Y01 K . 7.30 -4.03 -28.76
CAQ Y01 K . 6.90 -5.17 -29.71
CBG Y01 K . 8.09 -6.12 -29.65
CBI Y01 K . 9.30 -5.17 -29.58
CAE Y01 K . 9.50 -4.38 -30.88
CAU Y01 K . 10.52 -6.04 -29.27
CAS Y01 K . 10.72 -7.13 -30.33
CBF Y01 K . 9.49 -8.04 -30.49
CBD Y01 K . 8.20 -7.22 -30.70
CAK Y01 K . 6.98 -8.14 -30.65
CAI Y01 K . 7.19 -9.44 -31.37
CAZ Y01 K . 8.36 -9.85 -31.84
CAV Y01 K . 8.45 -11.12 -32.66
CBH Y01 K . 9.67 -9.13 -31.57
CAD Y01 K . 10.17 -8.53 -32.90
CAT Y01 K . 10.70 -10.17 -31.06
CAR Y01 K . 10.79 -11.44 -31.93
CBC Y01 K . 9.44 -12.10 -32.07
OAW Y01 K . 9.56 -13.24 -32.96
CAY Y01 K . 8.55 -14.12 -33.01
OAG Y01 K . 7.57 -14.05 -32.32
CAM Y01 K . 8.80 -15.20 -34.02
CAL Y01 K . 7.82 -15.35 -35.18
CAX Y01 K . 6.44 -15.82 -34.79
OAH Y01 K . 5.74 -15.08 -34.08
OAF Y01 K . 6.06 -16.94 -35.22
C1 LPE L . -27.50 -6.52 -25.13
O1 LPE L . -26.86 -5.38 -24.59
C2 LPE L . -26.49 -7.63 -25.32
O2H LPE L . -26.13 -8.16 -24.04
C3 LPE L . -26.98 -8.75 -26.20
C11 LPE L . -27.74 -4.25 -24.54
C12 LPE L . -26.97 -3.02 -24.12
O3 LPE L . -25.88 -9.67 -26.48
P LPE L . -26.05 -10.81 -27.60
O31 LPE L . -26.77 -10.20 -28.77
O32 LPE L . -24.69 -11.43 -27.81
O33 LPE L . -26.99 -11.93 -26.93
C31 LPE L . -28.44 -11.79 -26.97
C32 LPE L . -29.07 -13.04 -26.41
N LPE L . -30.58 -13.10 -26.44
C1N LPE L . -31.16 -11.98 -25.66
C2N LPE L . -31.04 -12.99 -27.86
C3N LPE L . -31.06 -14.39 -25.89
C13 LPE L . -27.81 -1.77 -24.15
C14 LPE L . -27.08 -0.52 -23.75
C15 LPE L . -26.56 -0.52 -22.33
C16 LPE L . -26.07 0.82 -21.84
C17 LPE L . -24.98 1.43 -22.69
C18 LPE L . -24.57 2.82 -22.25
C19 LPE L . -24.09 2.90 -20.82
C1 PCW M . -21.00 -12.10 -11.89
C2 PCW M . -20.64 -10.65 -11.68
C3 PCW M . -19.28 -10.31 -12.25
C4 PCW M . -25.90 -12.77 -10.25
C5 PCW M . -27.08 -13.33 -10.99
C6 PCW M . -28.16 -14.30 -9.00
C7 PCW M . -28.82 -12.10 -9.77
C8 PCW M . -29.43 -14.06 -11.05
C11 PCW M . -18.01 -8.42 -12.86
C12 PCW M . -18.06 -6.93 -13.06
C13 PCW M . -17.12 -6.17 -12.18
C14 PCW M . -17.32 -4.68 -12.28
C15 PCW M . -16.41 -3.85 -11.41
C16 PCW M . -16.67 -2.37 -11.49
C17 PCW M . -15.70 -1.50 -10.70
C18 PCW M . -14.27 -1.69 -11.09
C19 PCW M . -13.38 -0.63 -10.53
C20 PCW M . -13.75 0.39 -9.81
C21 PCW M . -12.85 1.48 -9.33
C22 PCW M . -12.24 2.27 -10.43
C23 PCW M . -11.18 3.24 -9.97
C24 PCW M . -11.65 4.25 -8.96
C25 PCW M . -10.54 4.93 -8.20
C26 PCW M . -9.67 3.98 -7.42
C27 PCW M . -8.63 4.62 -6.54
C28 PCW M . -7.81 3.63 -5.77
C31 PCW M . -21.98 -8.63 -11.66
C32 PCW M . -21.35 -8.39 -10.32
C33 PCW M . -21.56 -7.00 -9.78
C34 PCW M . -20.79 -5.94 -10.54
C35 PCW M . -20.80 -4.57 -9.90
C36 PCW M . -20.20 -4.54 -8.51
C37 PCW M . -20.01 -3.14 -7.94
C38 PCW M . -19.11 -2.27 -8.76
C39 PCW M . -18.75 -0.98 -8.09
C40 PCW M . -19.07 -0.57 -6.90
C41 PCW M . -18.65 0.73 -6.28
C42 PCW M . -19.81 1.60 -5.91
C43 PCW M . -19.42 2.97 -5.38
C44 PCW M . -18.59 2.97 -4.12
C45 PCW M . -18.28 4.34 -3.58
C46 PCW M . -17.48 4.34 -2.31
C47 PCW M . -17.21 5.72 -1.76
N PCW M . -28.38 -13.44 -10.20
O2 PCW M . -21.67 -9.80 -12.26
O3 PCW M . -19.15 -8.88 -12.38
O11 PCW M . -17.07 -9.12 -13.11
O31 PCW M . -22.73 -7.85 -12.19
O1P PCW M . -23.43 -10.85 -10.14
O2P PCW M . -22.81 -13.33 -9.67
O3P PCW M . -22.44 -12.33 -11.95
O4P PCW M . -24.76 -12.74 -11.15
P PCW M . -23.32 -12.27 -10.61
C1 LPE N . -20.49 3.61 4.56
O1 LPE N . -19.78 3.96 5.74
C2 LPE N . -20.30 2.13 4.32
O2H LPE N . -20.64 1.43 5.51
C3 LPE N . -21.11 1.59 3.17
C11 LPE N . -19.96 5.31 6.17
C12 LPE N . -19.32 6.25 5.19
O3 LPE N . -20.90 0.15 3.09
P LPE N . -21.75 -0.72 2.06
O31 LPE N . -21.46 -0.20 0.68
O32 LPE N . -23.16 -0.76 2.57
O33 LPE N . -21.08 -2.18 2.21
C31 LPE N . -21.58 -3.29 1.39
C32 LPE N . -22.92 -3.77 1.91
N LPE N . -23.51 -4.97 1.20
C1N LPE N . -23.78 -4.65 -0.22
C2N LPE N . -22.55 -6.11 1.27
C3N LPE N . -24.78 -5.38 1.86
C13 LPE N . -19.46 7.70 5.58
C14 LPE N . -18.75 8.64 4.66
C15 LPE N . -17.25 8.44 4.61
C16 LPE N . -16.52 9.41 3.69
C1 LPE O . -23.31 12.51 3.84
O1 LPE O . -23.67 11.15 4.09
C2 LPE O . -23.99 13.44 4.83
O2H LPE O . -23.59 13.11 6.17
C3 LPE O . -23.70 14.90 4.59
C11 LPE O . -22.81 10.45 4.97
C12 LPE O . -23.33 9.06 5.17
O3 LPE O . -24.41 15.69 5.58
P LPE O . -24.13 17.27 5.66
O31 LPE O . -24.49 17.88 4.34
O32 LPE O . -22.74 17.46 6.21
O33 LPE O . -25.22 17.75 6.74
C31 LPE O . -25.23 19.13 7.20
C32 LPE O . -24.12 19.36 8.20
N LPE O . -24.04 20.75 8.80
C1N LPE O . -22.95 20.80 9.80
C2N LPE O . -23.79 21.76 7.75
C3N LPE O . -25.33 21.07 9.48
C13 LPE O . -23.52 8.29 3.89
C14 LPE O . -24.01 6.88 4.09
C15 LPE O . -24.28 6.13 2.82
C16 LPE O . -24.68 4.69 3.01
C17 LPE O . -24.98 3.95 1.72
C18 LPE O . -25.23 2.48 1.90
C19 LPE O . -25.52 1.74 0.61
C20 LPE O . -25.65 0.25 0.75
C21 LPE O . -26.76 -0.20 1.65
C22 LPE O . -28.14 0.22 1.20
C1 PCW P . 23.96 -14.11 8.88
C2 PCW P . 24.32 -12.81 8.18
C3 PCW P . 25.31 -12.96 7.06
C4 PCW P . 20.82 -17.99 7.59
C5 PCW P . 20.00 -18.29 6.37
C6 PCW P . 19.68 -19.44 4.22
C7 PCW P . 21.90 -18.72 4.86
C8 PCW P . 20.84 -20.57 6.01
C11 PCW P . 26.24 -11.61 5.35
C12 PCW P . 26.27 -10.23 4.77
C13 PCW P . 26.68 -9.19 5.77
C14 PCW P . 26.75 -7.79 5.19
C15 PCW P . 25.43 -7.20 4.77
C16 PCW P . 25.49 -5.73 4.46
C17 PCW P . 24.16 -5.07 4.14
C18 PCW P . 24.20 -3.58 4.12
C19 PCW P . 22.89 -2.93 3.78
C20 PCW P . 22.72 -2.02 2.86
C21 PCW P . 23.81 -1.40 2.03
C22 PCW P . 23.31 -0.38 1.05
C23 PCW P . 22.60 0.80 1.68
C24 PCW P . 22.12 1.84 0.69
C25 PCW P . 23.21 2.45 -0.15
C26 PCW P . 22.74 3.48 -1.13
C31 PCW P . 22.28 -11.53 8.44
C32 PCW P . 21.40 -10.59 7.67
C33 PCW P . 21.62 -9.16 8.03
C34 PCW P . 20.82 -8.19 7.17
C35 PCW P . 20.98 -6.74 7.58
C36 PCW P . 20.28 -5.75 6.70
C37 PCW P . 18.80 -6.05 6.46
C38 PCW P . 18.05 -4.92 5.84
C39 PCW P . 17.94 -3.72 6.74
C40 PCW P . 18.42 -2.54 6.51
C41 PCW P . 19.17 -2.10 5.30
C42 PCW P . 19.63 -0.68 5.37
C43 PCW P . 18.52 0.33 5.57
N PCW P . 20.60 -19.25 5.37
O2 PCW P . 23.14 -12.16 7.61
O3 PCW P . 25.44 -11.67 6.42
O11 PCW P . 26.84 -12.57 4.92
O31 PCW P . 22.26 -11.68 9.62
O1P PCW P . 21.87 -16.13 9.72
O2P PCW P . 23.89 -17.35 8.60
O3P PCW P . 23.25 -14.98 7.97
O4P PCW P . 21.75 -16.90 7.34
P PCW P . 22.72 -16.40 8.51
N P5S Q . 10.01 23.38 20.47
C1 P5S Q . 10.98 18.37 27.56
C2 P5S Q . 10.50 18.47 26.13
C3 P5S Q . 10.20 19.90 25.71
CA P5S Q . 11.32 23.02 21.06
CB P5S Q . 11.35 21.52 21.34
OG P5S Q . 10.61 21.27 22.55
P12 P5S Q . 10.47 19.76 23.07
O13 P5S Q . 9.69 18.97 22.05
O15 P5S Q . 11.84 19.32 23.47
O16 P5S Q . 9.57 19.91 24.40
C17 P5S Q . 9.69 16.79 28.72
O18 P5S Q . 8.73 17.52 28.69
O19 P5S Q . 10.82 17.03 28.06
C20 P5S Q . 9.76 15.52 29.53
C21 P5S Q . 9.97 14.29 28.70
C22 P5S Q . 8.79 14.00 27.77
C23 P5S Q . 9.01 12.83 26.85
C24 P5S Q . 9.16 11.51 27.56
C25 P5S Q . 9.55 10.36 26.64
C26 P5S Q . 8.65 10.20 25.45
C27 P5S Q . 9.06 9.10 24.50
C28 P5S Q . 8.22 9.00 23.26
C29 P5S Q . 8.59 7.88 22.33
C30 P5S Q . 7.73 7.79 21.10
C31 P5S Q . 6.26 7.71 21.38
C32 P5S Q . 5.38 7.65 20.16
C33 P5S Q . 3.90 7.72 20.44
C34 P5S Q . 3.41 6.64 21.38
C35 P5S Q . 3.61 5.22 20.88
O37 P5S Q . 9.30 17.69 25.87
C38 P5S Q . 9.46 16.45 25.39
C39 P5S Q . 8.19 15.90 24.79
C40 P5S Q . 8.24 15.73 23.31
C41 P5S Q . 9.15 14.59 22.88
C42 P5S Q . 8.68 13.20 23.29
C43 P5S Q . 7.70 12.53 22.35
C44 P5S Q . 6.32 13.14 22.31
C45 P5S Q . 5.35 12.45 21.39
C46 P5S Q . 5.02 11.03 21.79
O47 P5S Q . 10.52 15.89 25.39
C1 PCW R . 6.51 20.11 28.31
C2 PCW R . 5.79 19.05 29.11
C3 PCW R . 5.19 19.55 30.40
C4 PCW R . 10.50 22.17 29.41
C5 PCW R . 9.92 22.53 28.06
C6 PCW R . 11.90 23.73 27.21
C7 PCW R . 9.75 24.07 26.15
C8 PCW R . 10.16 24.95 28.37
C11 PCW R . 5.74 18.08 32.17
C12 PCW R . 5.81 16.59 32.37
C13 PCW R . 4.91 15.82 31.46
C14 PCW R . 5.39 14.40 31.22
C15 PCW R . 5.56 13.58 32.47
C16 PCW R . 6.22 12.24 32.24
C17 PCW R . 5.51 11.37 31.22
C18 PCW R . 6.17 10.05 30.97
C19 PCW R . 6.33 9.23 32.21
C20 PCW R . 5.77 8.08 32.45
C21 PCW R . 4.92 7.29 31.48
C22 PCW R . 5.26 5.84 31.46
C23 PCW R . 6.68 5.52 31.01
C24 PCW R . 7.05 4.06 31.12
C25 PCW R . 8.43 3.70 30.63
C26 PCW R . 8.52 3.31 29.16
C27 PCW R . 8.21 4.39 28.15
C31 PCW R . 5.00 17.62 27.35
C32 PCW R . 5.91 16.51 27.81
C33 PCW R . 5.28 15.14 27.72
C34 PCW R . 5.04 14.69 26.28
C35 PCW R . 4.30 13.39 26.14
C36 PCW R . 5.04 12.18 26.66
C37 PCW R . 4.31 10.86 26.40
C38 PCW R . 5.05 9.65 26.87
C39 PCW R . 4.32 8.37 26.57
N PCW R . 10.43 23.82 27.45
O2 PCW R . 4.71 18.52 28.29
O3 PCW R . 4.86 18.40 31.22
O11 PCW R . 6.37 18.89 32.78
O31 PCW R . 4.56 17.72 26.23
O1P PCW R . 8.33 19.38 30.92
O2P PCW R . 7.81 21.89 30.47
O3P PCW R . 7.93 20.22 28.58
O4P PCW R . 10.03 20.86 29.84
P PCW R . 8.46 20.60 30.05
C1 LPE S . -9.42 -7.42 18.30
O1 LPE S . -9.55 -6.71 17.07
C2 LPE S . -8.14 -8.23 18.22
O2H LPE S . -7.03 -7.35 18.22
C3 LPE S . -7.99 -9.23 19.35
C11 LPE S . -9.90 -5.34 17.18
C12 LPE S . -8.80 -4.61 17.91
O3 LPE S . -8.87 -10.37 19.14
P LPE S . -8.67 -11.67 20.05
O31 LPE S . -8.97 -11.31 21.48
O32 LPE S . -7.33 -12.27 19.70
O33 LPE S . -9.79 -12.69 19.52
C31 LPE S . -9.80 -14.06 20.01
C32 LPE S . -10.95 -14.82 19.41
N LPE S . -11.01 -16.30 19.74
C1N LPE S . -9.82 -17.00 19.16
C2N LPE S . -11.01 -16.49 21.21
C3N LPE S . -12.24 -16.90 19.16
C13 LPE S . -8.77 -3.13 17.63
C14 LPE S . -8.47 -2.80 16.19
C15 LPE S . -8.23 -1.34 15.90
C16 LPE S . -7.86 -1.05 14.46
C17 LPE S . -7.47 0.38 14.20
C18 LPE S . -8.56 1.40 14.50
C19 LPE S . -8.18 2.82 14.21
C1 LPE T . -17.65 -5.42 21.62
O1 LPE T . -17.25 -4.64 20.51
C2 LPE T . -17.39 -6.87 21.32
O2H LPE T . -16.05 -6.99 20.86
C3 LPE T . -17.59 -7.77 22.53
C11 LPE T . -17.47 -3.23 20.67
C12 LPE T . -16.96 -2.52 19.44
O3 LPE T . -17.65 -9.18 22.20
P LPE T . -16.42 -9.88 21.43
O31 LPE T . -15.14 -9.30 21.97
O32 LPE T . -16.69 -9.86 19.95
O33 LPE T . -16.48 -11.40 21.93
C31 LPE T . -17.66 -12.20 21.69
C32 LPE T . -17.46 -13.62 22.15
N LPE T . -17.63 -13.89 23.63
C1N LPE T . -17.41 -15.34 23.91
C2N LPE T . -16.66 -13.10 24.44
C3N LPE T . -19.02 -13.53 24.05
C13 LPE T . -17.26 -1.04 19.43
C14 LPE T . -18.73 -0.73 19.56
C15 LPE T . -19.11 0.68 19.16
C16 LPE T . -18.91 0.99 17.70
C17 LPE T . -19.35 2.37 17.29
C18 LPE T . -18.56 3.49 17.93
C19 LPE T . -17.09 3.49 17.60
CAA Y01 U . -20.06 6.12 -17.54
CBA Y01 U . -18.84 5.24 -17.32
CAB Y01 U . -17.69 5.70 -18.20
CAN Y01 U . -19.16 3.76 -17.56
CAJ Y01 U . -19.66 3.42 -18.94
CAO Y01 U . -19.73 1.93 -19.17
CBB Y01 U . -20.09 1.50 -20.61
CAC Y01 U . -19.41 2.41 -21.62
CBE Y01 U . -19.72 0.02 -20.81
CAP Y01 U . -18.63 -0.47 -19.81
CAQ Y01 U . -19.03 -1.88 -19.38
CBG Y01 U . -19.91 -2.34 -20.53
CBI Y01 U . -20.81 -1.10 -20.78
CAE Y01 U . -21.79 -0.87 -19.62
CAU Y01 U . -21.56 -1.37 -22.09
CAS Y01 U . -22.34 -2.68 -22.04
CBF Y01 U . -21.46 -3.90 -21.69
CBD Y01 U . -20.64 -3.66 -20.41
CAK Y01 U . -19.65 -4.79 -20.21
CAI Y01 U . -20.26 -6.14 -20.45
CAZ Y01 U . -21.44 -6.35 -21.03
CAV Y01 U . -22.00 -7.74 -21.14
CBH Y01 U . -22.27 -5.24 -21.65
CAD Y01 U . -23.56 -5.09 -20.83
CAT Y01 U . -22.62 -5.67 -23.09
CAR Y01 U . -23.21 -7.08 -23.19
CBC Y01 U . -22.27 -8.10 -22.58
OAW Y01 U . -22.90 -9.41 -22.64
CAY Y01 U . -22.16 -10.50 -22.39
OAG Y01 U . -21.02 -10.46 -22.03
CAM Y01 U . -22.92 -11.77 -22.67
CAL Y01 U . -22.20 -13.07 -22.41
CAX Y01 U . -21.92 -13.38 -20.95
OAH Y01 U . -20.73 -13.49 -20.58
OAF Y01 U . -22.89 -13.51 -20.18
CAA Y01 V . -16.81 2.31 -9.43
CBA Y01 V . -16.89 3.65 -10.15
CAB Y01 V . -16.86 4.78 -9.14
CAN Y01 V . -18.12 3.75 -11.07
CAJ Y01 V . -18.09 2.94 -12.34
CAO Y01 V . -18.63 1.54 -12.19
CBB Y01 V . -18.81 0.75 -13.51
CAC Y01 V . -17.46 0.57 -14.20
CBE Y01 V . -19.53 -0.57 -13.22
CAP Y01 V . -20.71 -0.39 -12.22
CAQ Y01 V . -21.77 -1.45 -12.59
CBG Y01 V . -21.04 -2.37 -13.56
CBI Y01 V . -20.16 -1.39 -14.38
CAE Y01 V . -21.02 -0.48 -15.27
CAU Y01 V . -19.22 -2.25 -15.23
CAS Y01 V . -20.00 -3.25 -16.10
CBF Y01 V . -20.91 -4.18 -15.29
CBD Y01 V . -21.84 -3.38 -14.36
CAK Y01 V . -22.60 -4.31 -13.43
CAI Y01 V . -23.08 -5.55 -14.12
CAZ Y01 V . -22.73 -5.93 -15.34
CAV Y01 V . -23.35 -7.15 -15.97
CBH Y01 V . -21.67 -5.20 -16.17
CAD Y01 V . -22.40 -4.51 -17.34
CAT Y01 V . -20.68 -6.24 -16.72
CAR Y01 V . -21.35 -7.46 -17.38
CBC Y01 V . -22.29 -8.14 -16.42
OAW Y01 V . -22.99 -9.22 -17.10
CAY Y01 V . -22.66 -10.50 -16.86
OAG Y01 V . -23.34 -11.42 -17.18
CAM Y01 V . -21.33 -10.64 -16.17
CAL Y01 V . -20.36 -11.59 -16.86
CAX Y01 V . -19.01 -11.76 -16.19
OAH Y01 V . -17.99 -11.49 -16.84
OAF Y01 V . -18.99 -12.15 -15.01
C P5S W . -36.79 29.01 22.90
N P5S W . -34.81 30.36 22.30
O P5S W . -37.51 29.09 23.92
C1 P5S W . -39.42 26.43 18.69
C2 P5S W . -38.69 27.38 17.76
C3 P5S W . -38.20 28.64 18.43
CA P5S W . -36.29 30.34 22.31
CB P5S W . -36.82 30.54 20.90
OG P5S W . -38.27 30.59 20.96
P12 P5S W . -39.10 30.85 19.60
O13 P5S W . -40.45 31.40 19.98
O15 P5S W . -38.21 31.61 18.65
O16 P5S W . -39.33 29.39 18.97
O19 P5S W . -40.67 27.03 19.09
O37 P5S W . -39.55 27.74 16.64
C38 P5S W . -39.81 26.82 15.70
C39 P5S W . -40.77 27.32 14.66
C40 P5S W . -41.12 26.29 13.63
C41 P5S W . -42.08 26.82 12.58
C42 P5S W . -42.52 25.80 11.56
C43 P5S W . -43.28 24.64 12.13
C44 P5S W . -43.64 23.58 11.12
C45 P5S W . -44.40 22.40 11.69
C46 P5S W . -43.72 21.76 12.88
O47 P5S W . -39.32 25.72 15.70
C48 P5S W . -44.29 20.42 13.27
C49 P5S W . -45.77 20.44 13.60
C50 P5S W . -46.33 19.08 13.95
C51 P5S W . -47.81 19.07 14.22
C52 P5S W . -48.36 17.71 14.57
C53 P5S W . -49.84 17.67 14.84
C54 P5S W . -50.38 16.31 15.19
C55 P5S W . -51.86 16.28 15.48
C56 P5S W . -52.37 14.90 15.84
OXT P5S W . -36.44 27.96 22.34
C01 9Z9 X . 1.94 13.81 -3.01
C02 9Z9 X . 2.28 13.52 -1.53
C03 9Z9 X . 2.85 12.08 -1.35
C04 9Z9 X . 4.32 12.23 -1.80
C05 9Z9 X . 4.65 13.72 -1.86
C06 9Z9 X . 3.50 14.33 -1.06
C07 9Z9 X . 3.31 15.85 -1.06
C08 9Z9 X . 2.04 16.21 -0.26
C09 9Z9 X . 0.82 15.38 -0.68
C10 9Z9 X . 1.10 13.87 -0.64
C11 9Z9 X . 1.75 17.75 -0.28
C12 9Z9 X . 1.27 18.22 -1.67
C13 9Z9 X . 3.03 18.50 0.05
C14 9Z9 X . 4.23 17.95 0.01
C15 9Z9 X . 4.52 16.54 -0.43
C16 9Z9 X . 2.87 19.97 0.42
C17 9Z9 X . 1.85 20.14 1.53
C18 9Z9 X . 0.54 19.56 1.08
C19 9Z9 X . 0.68 18.06 0.79
O20 9Z9 X . 1.72 21.53 1.83
C21 9Z9 X . 1.40 22.34 0.71
C22 9Z9 X . 1.21 23.77 1.15
C23 9Z9 X . 2.40 24.30 1.95
C24 9Z9 X . 2.62 25.78 1.66
O25 9Z9 X . 3.74 26.24 2.40
C26 9Z9 X . 4.00 27.61 2.19
C48 9Z9 X . 2.17 24.12 3.45
O49 9Z9 X . 1.08 24.91 3.86
C50 9Z9 X . 0.84 24.81 5.25
O72 9Z9 X . 4.36 11.57 -3.08
C73 9Z9 X . 3.57 10.41 -2.91
C74 9Z9 X . 2.32 10.92 -2.20
C75 9Z9 X . 1.49 9.88 -1.45
C76 9Z9 X . 3.35 9.77 -4.26
C77 9Z9 X . 3.50 8.26 -4.19
C78 9Z9 X . 4.90 7.88 -3.75
C79 9Z9 X . 5.33 8.81 -2.62
O80 9Z9 X . 4.22 9.49 -2.03
C81 9Z9 X . 5.91 7.93 -4.89
C1 P3X Y . -13.26 8.55 -5.75
C10 P3X Y . -5.41 5.41 -8.02
C11 P3X Y . -3.97 4.90 -8.03
C12 P3X Y . -3.50 4.49 -6.63
C13 P3X Y . -2.55 3.29 -6.67
C14 P3X Y . -1.46 3.39 -5.60
C15 P3X Y . 0.61 4.46 -5.48
C16 P3X Y . 2.06 4.32 -5.95
C17 P3X Y . 2.99 4.69 -4.79
C18 P3X Y . 6.02 2.85 -4.37
C19 P3X Y . 6.95 4.01 -4.72
C2 P3X Y . -11.86 8.15 -5.26
C20 P3X Y . 3.55 5.10 -7.60
C21 P3X Y . 3.90 3.97 -8.56
C22 P3X Y . 5.35 4.06 -9.02
C23 P3X Y . 5.55 3.60 -10.46
C24 P3X Y . 6.45 4.54 -11.24
C25 P3X Y . 7.46 3.81 -12.11
C26 P3X Y . 8.09 4.68 -13.19
C27 P3X Y . 7.84 6.17 -12.98
C28 P3X Y . 7.22 6.84 -14.21
C29 P3X Y . 8.12 7.92 -14.80
C3 P3X Y . -10.85 8.08 -6.41
C30 P3X Y . 7.98 8.03 -16.31
C31 P3X Y . 7.14 9.24 -16.73
C32 P3X Y . 7.50 9.75 -18.12
C33 P3X Y . 6.77 8.99 -19.22
C34 P3X Y . 5.90 9.92 -20.07
C35 P3X Y . 5.95 9.56 -21.56
C4 P3X Y . -10.80 9.37 -7.21
C5 P3X Y . -9.46 9.57 -7.95
C6 P3X Y . -8.42 8.51 -7.61
C7 P3X Y . -7.57 8.12 -8.82
C8 P3X Y . -6.13 7.79 -8.44
C9 P3X Y . -5.65 6.50 -9.06
N1 P3X Y . 7.81 4.33 -3.61
O1 P3X Y . -1.76 3.48 -4.46
O2 P3X Y . -0.12 3.36 -5.97
O3 P3X Y . 2.64 3.90 -3.69
O4 P3X Y . 3.35 2.31 -1.79
O5 P3X Y . 3.51 1.50 -4.12
O6 P3X Y . 5.23 3.24 -3.27
O7 P3X Y . 2.27 5.18 -7.03
O8 P3X Y . 4.37 5.92 -7.33
P1 P3X Y . 3.68 2.71 -3.21
C1 NAG Z . -33.79 -35.52 10.79
C2 NAG Z . -33.33 -35.32 9.34
C3 NAG Z . -34.41 -34.75 8.44
C4 NAG Z . -35.69 -35.56 8.59
C5 NAG Z . -36.10 -35.54 10.04
C6 NAG Z . -37.40 -36.31 10.24
C7 NAG Z . -31.19 -34.59 8.42
C8 NAG Z . -30.32 -33.39 8.21
N2 NAG Z . -32.18 -34.44 9.30
O3 NAG Z . -33.98 -34.79 7.07
O4 NAG Z . -36.73 -34.99 7.78
O5 NAG Z . -35.08 -36.14 10.85
O6 NAG Z . -38.37 -35.85 9.30
O7 NAG Z . -31.02 -35.64 7.82
C1 NAG AA . -46.01 -42.58 18.96
C2 NAG AA . -46.61 -42.76 17.57
C3 NAG AA . -48.08 -42.36 17.58
C4 NAG AA . -48.82 -43.15 18.65
C5 NAG AA . -48.12 -42.99 20.00
C6 NAG AA . -48.80 -43.86 21.05
C7 NAG AA . -44.83 -42.48 15.94
C8 NAG AA . -45.10 -43.69 15.11
N2 NAG AA . -45.88 -41.98 16.60
O3 NAG AA . -48.66 -42.63 16.30
O4 NAG AA . -50.16 -42.67 18.75
O5 NAG AA . -46.74 -43.36 19.91
O6 NAG AA . -48.64 -45.24 20.73
O7 NAG AA . -43.72 -41.99 16.03
C1 NAG BA . -40.65 -49.13 27.84
C2 NAG BA . -40.02 -50.38 28.49
C3 NAG BA . -40.06 -50.32 30.02
C4 NAG BA . -41.44 -49.96 30.58
C5 NAG BA . -42.40 -49.47 29.50
C6 NAG BA . -43.58 -48.75 30.12
C7 NAG BA . -40.53 -51.93 26.71
C8 NAG BA . -41.78 -52.44 26.05
N2 NAG BA . -40.65 -51.58 27.99
O3 NAG BA . -39.10 -49.37 30.49
O4 NAG BA . -42.00 -51.12 31.20
O5 NAG BA . -41.72 -48.56 28.62
O6 NAG BA . -44.15 -49.58 31.15
O7 NAG BA . -39.47 -51.84 26.10
#